data_9ERE
#
_entry.id   9ERE
#
_cell.length_a   1.00
_cell.length_b   1.00
_cell.length_c   1.00
_cell.angle_alpha   90.00
_cell.angle_beta   90.00
_cell.angle_gamma   90.00
#
_symmetry.space_group_name_H-M   'P 1'
#
loop_
_entity.id
_entity.type
_entity.pdbx_description
1 polymer "RNA (5'-R(P*CP*CP*UP*GP*GP*UP*AP*CP*CP*A)-3')"
2 polymer 'Schlafen family member 11'
3 polymer 'RNA (76-MER)'
4 non-polymer 'ZINC ION'
5 non-polymer 'MANGANESE (II) ION'
6 non-polymer 'MAGNESIUM ION'
#
loop_
_entity_poly.entity_id
_entity_poly.type
_entity_poly.pdbx_seq_one_letter_code
_entity_poly.pdbx_strand_id
1 'polyribonucleotide' CCUGGUACCA U
2 'polypeptide(L)'
;MADYKDDDDKGTDYKDDDDKLEVLFQGPMEANQCPLVVEPSYPDLVINVGEVTLGEENRKKLQKIQRDQEKERVMRAACA
LLNSGGGVIRMAKKVEHPVEMGLDLEQSLRELIQSSDLQAFFETKQQGRCFYIFVKSWSSGPFPEDRSVKPRLCSLSSSL
YRRSETSVRSMDSREAFCFLKTKRKPKILEEGPFHKIHKGVYQELPNSDPADPNSDPADLIFQKDYLEYGEILPFPESQL
VEFKQFSTKHFQEYVKRTIPEYVPAFANTGGGYLFIGVDDKSREVLGCAKENVDPDSLRRKIEQAIYKLPCVHFCQPQRP
ITFTLKIVNVLKRGELYGYACMIRVNPFCCAVFSEAPNSWIVEDKYVCSLTTEKWVGMMTDTDPDLLQLSEDFECQLSLS
SGPPLSRPVYSKKGLEHKKELQQLLFSVPPGYLRYTPESLWRDLISEHRGLEELINKQMQPFFRGILIFSRSWAVDLNLQ
EKPGVICDALLIAQNSTPILYTILREQDAEGQDYCTRTAFTLKQKLVNMGGYTGKVCVRAKVLCLSPESSAEALEAAVSP
MDYPASYSLAGTQHMEALLQSLVIVLLGFRSLLSDQLGCEVLNLLTAQQYEIFSRSLRKNRELFVHGLPGSGKTIMAMKI
MEKIRNVFHCEAHRILYVCENQPLRNFISDRNICRAETRKTFLRENFEHIQHIVIDEAQNFRTEDGDWYGKAKSITRRAK
GGPGILWIFLDYFQTSHLDCSGLPPLSDQYPREELTRIVRNADPIAKYLQKEMQVIRSNPSFNIPTGCLEVFPEAEWSQG
VQGTLRIKKYLTVEQIMTCVADTCRRFFDRGYSPKDVAVLVSTAKEVEHYKYELLKAMRKKRVVQLSDACDMLGDHIVLD
SVRRFSGLERSIVFGIHPRTADPAILPNVLICLASRAKQHLYIFPWGGH
;
A,B
3 'polyribonucleotide' ACCAGGAUGGCCGAGUGGUUAAGGCGUUGGACUUAAGAUCCAAUGGACAUAUGUCCGCGUGGGUUCGAACCCCACU T
#
loop_
_chem_comp.id
_chem_comp.type
_chem_comp.name
_chem_comp.formula
A RNA linking ADENOSINE-5'-MONOPHOSPHATE 'C10 H14 N5 O7 P'
C RNA linking CYTIDINE-5'-MONOPHOSPHATE 'C9 H14 N3 O8 P'
G RNA linking GUANOSINE-5'-MONOPHOSPHATE 'C10 H14 N5 O8 P'
MG non-polymer 'MAGNESIUM ION' 'Mg 2'
MN non-polymer 'MANGANESE (II) ION' 'Mn 2'
U RNA linking URIDINE-5'-MONOPHOSPHATE 'C9 H13 N2 O9 P'
ZN non-polymer 'ZINC ION' 'Zn 2'
#
# COMPACT_ATOMS: atom_id res chain seq x y z
N PRO B 35 -0.91 -39.79 18.80
CA PRO B 35 -0.88 -38.48 18.15
C PRO B 35 0.53 -38.03 17.79
N LEU B 36 0.65 -36.80 17.29
CA LEU B 36 1.95 -36.18 17.05
C LEU B 36 2.26 -35.24 18.20
N VAL B 37 3.47 -35.35 18.75
CA VAL B 37 3.89 -34.58 19.91
C VAL B 37 5.20 -33.90 19.60
N VAL B 38 5.33 -32.64 20.06
CA VAL B 38 6.56 -31.89 19.88
C VAL B 38 7.60 -32.40 20.86
N GLU B 39 8.79 -32.72 20.35
CA GLU B 39 9.87 -33.14 21.23
C GLU B 39 10.39 -31.95 22.02
N PRO B 40 10.64 -32.12 23.33
CA PRO B 40 10.88 -30.97 24.19
C PRO B 40 12.32 -30.48 24.26
N SER B 41 13.28 -31.33 23.91
CA SER B 41 14.69 -31.09 24.21
C SER B 41 15.43 -30.38 23.07
N TYR B 42 14.74 -29.57 22.28
CA TYR B 42 15.37 -28.86 21.18
C TYR B 42 15.03 -27.38 21.24
N PRO B 43 15.87 -26.51 20.68
CA PRO B 43 15.51 -25.09 20.59
C PRO B 43 14.66 -24.81 19.36
N ASP B 44 13.67 -25.66 19.13
CA ASP B 44 12.86 -25.59 17.91
C ASP B 44 11.67 -26.52 18.08
N LEU B 45 10.71 -26.37 17.17
CA LEU B 45 9.57 -27.28 17.11
C LEU B 45 9.98 -28.50 16.31
N VAL B 46 10.42 -29.55 17.00
CA VAL B 46 10.79 -30.82 16.37
C VAL B 46 9.66 -31.80 16.60
N ILE B 47 9.04 -32.25 15.52
CA ILE B 47 7.94 -33.20 15.56
C ILE B 47 8.45 -34.53 15.06
N ASN B 48 8.25 -35.58 15.85
CA ASN B 48 8.71 -36.92 15.51
C ASN B 48 7.52 -37.71 14.98
N VAL B 49 7.45 -37.87 13.66
CA VAL B 49 6.33 -38.57 13.04
C VAL B 49 6.61 -40.07 13.00
N GLY B 50 7.73 -40.49 13.58
CA GLY B 50 8.01 -41.90 13.72
C GLY B 50 8.53 -42.52 12.44
N GLU B 51 8.20 -43.80 12.26
CA GLU B 51 8.66 -44.55 11.10
C GLU B 51 7.87 -44.15 9.87
N VAL B 52 8.58 -43.86 8.78
CA VAL B 52 7.99 -43.52 7.50
C VAL B 52 8.78 -44.21 6.40
N THR B 53 8.08 -44.77 5.43
CA THR B 53 8.72 -45.38 4.27
C THR B 53 9.06 -44.30 3.26
N LEU B 54 10.34 -44.14 2.97
CA LEU B 54 10.82 -43.10 2.08
C LEU B 54 11.46 -43.73 0.86
N GLY B 55 11.46 -42.99 -0.23
CA GLY B 55 11.89 -43.54 -1.49
C GLY B 55 10.71 -43.94 -2.35
N GLU B 56 10.78 -43.61 -3.64
CA GLU B 56 9.63 -43.85 -4.51
C GLU B 56 9.35 -45.33 -4.68
N GLU B 57 10.38 -46.15 -4.91
CA GLU B 57 10.16 -47.58 -5.04
C GLU B 57 9.62 -48.18 -3.76
N ASN B 58 10.20 -47.81 -2.62
CA ASN B 58 9.75 -48.35 -1.34
C ASN B 58 8.29 -47.99 -1.07
N ARG B 59 7.91 -46.76 -1.38
CA ARG B 59 6.52 -46.35 -1.15
C ARG B 59 5.58 -46.96 -2.18
N LYS B 60 6.08 -47.30 -3.36
CA LYS B 60 5.25 -48.01 -4.34
C LYS B 60 5.00 -49.44 -3.91
N LYS B 61 5.97 -50.08 -3.24
CA LYS B 61 5.76 -51.44 -2.78
C LYS B 61 4.79 -51.51 -1.61
N LEU B 62 4.38 -50.38 -1.04
CA LEU B 62 3.48 -50.41 0.10
C LEU B 62 2.05 -50.65 -0.33
N GLN B 63 1.19 -50.91 0.65
CA GLN B 63 -0.25 -50.86 0.44
C GLN B 63 -0.72 -49.41 0.51
N LYS B 64 -1.82 -49.12 -0.19
CA LYS B 64 -2.25 -47.74 -0.29
C LYS B 64 -2.66 -47.18 1.07
N ILE B 65 -3.26 -47.99 1.92
CA ILE B 65 -3.69 -47.49 3.22
C ILE B 65 -2.48 -47.06 4.05
N GLN B 66 -1.42 -47.87 4.07
CA GLN B 66 -0.24 -47.52 4.84
C GLN B 66 0.47 -46.33 4.22
N ARG B 67 0.55 -46.30 2.89
CA ARG B 67 1.16 -45.17 2.20
C ARG B 67 0.44 -43.88 2.55
N ASP B 68 -0.89 -43.90 2.50
CA ASP B 68 -1.67 -42.70 2.78
C ASP B 68 -1.60 -42.31 4.25
N GLN B 69 -1.51 -43.28 5.16
CA GLN B 69 -1.38 -42.93 6.57
C GLN B 69 -0.05 -42.27 6.85
N GLU B 70 1.04 -42.79 6.29
CA GLU B 70 2.34 -42.15 6.47
C GLU B 70 2.33 -40.75 5.86
N LYS B 71 1.74 -40.61 4.68
CA LYS B 71 1.63 -39.30 4.05
C LYS B 71 0.84 -38.35 4.93
N GLU B 72 -0.26 -38.82 5.52
CA GLU B 72 -1.07 -37.98 6.38
C GLU B 72 -0.30 -37.54 7.61
N ARG B 73 0.47 -38.44 8.23
CA ARG B 73 1.27 -38.05 9.37
C ARG B 73 2.27 -36.96 8.99
N VAL B 74 3.00 -37.17 7.89
CA VAL B 74 4.03 -36.20 7.51
C VAL B 74 3.39 -34.86 7.16
N MET B 75 2.23 -34.87 6.50
CA MET B 75 1.59 -33.62 6.14
C MET B 75 0.99 -32.93 7.35
N ARG B 76 0.49 -33.68 8.33
CA ARG B 76 0.04 -33.05 9.57
C ARG B 76 1.20 -32.34 10.26
N ALA B 77 2.35 -33.00 10.34
CA ALA B 77 3.51 -32.38 10.96
C ALA B 77 3.96 -31.15 10.17
N ALA B 78 4.00 -31.25 8.85
CA ALA B 78 4.44 -30.11 8.03
C ALA B 78 3.48 -28.95 8.14
N CYS B 79 2.17 -29.22 8.13
CA CYS B 79 1.18 -28.16 8.28
C CYS B 79 1.29 -27.50 9.66
N ALA B 80 1.46 -28.30 10.70
CA ALA B 80 1.62 -27.76 12.04
C ALA B 80 2.85 -26.86 12.11
N LEU B 81 3.95 -27.27 11.47
CA LEU B 81 5.18 -26.49 11.54
C LEU B 81 5.08 -25.23 10.68
N LEU B 82 4.39 -25.32 9.54
CA LEU B 82 4.17 -24.13 8.73
C LEU B 82 3.34 -23.11 9.47
N ASN B 83 2.30 -23.56 10.18
CA ASN B 83 1.41 -22.65 10.90
C ASN B 83 1.95 -22.23 12.25
N SER B 84 2.95 -22.91 12.79
CA SER B 84 3.43 -22.66 14.13
C SER B 84 4.78 -21.97 14.18
N GLY B 85 5.29 -21.51 13.05
CA GLY B 85 6.56 -20.83 13.00
C GLY B 85 7.71 -21.65 12.48
N GLY B 86 7.46 -22.79 11.88
CA GLY B 86 8.51 -23.63 11.34
C GLY B 86 9.11 -24.53 12.41
N GLY B 87 9.94 -25.45 11.95
CA GLY B 87 10.53 -26.42 12.86
C GLY B 87 11.28 -27.50 12.10
N VAL B 88 11.21 -28.71 12.64
CA VAL B 88 11.81 -29.88 12.00
C VAL B 88 10.85 -31.05 12.15
N ILE B 89 10.74 -31.85 11.10
CA ILE B 89 10.02 -33.11 11.15
C ILE B 89 11.05 -34.23 11.18
N ARG B 90 11.00 -35.04 12.23
CA ARG B 90 11.89 -36.18 12.37
C ARG B 90 11.12 -37.44 12.05
N MET B 91 11.63 -38.22 11.10
CA MET B 91 11.02 -39.49 10.75
C MET B 91 12.11 -40.53 10.57
N ALA B 92 12.00 -41.62 11.32
CA ALA B 92 12.94 -42.72 11.18
C ALA B 92 12.67 -43.46 9.88
N LYS B 93 13.72 -43.68 9.10
CA LYS B 93 13.62 -44.39 7.83
C LYS B 93 14.20 -45.79 8.00
N LYS B 94 13.60 -46.74 7.29
CA LYS B 94 13.86 -48.16 7.50
C LYS B 94 15.12 -48.63 6.79
N VAL B 95 15.87 -47.73 6.16
CA VAL B 95 17.04 -48.09 5.37
C VAL B 95 18.20 -47.20 5.79
N GLU B 96 19.41 -47.65 5.46
CA GLU B 96 20.61 -46.91 5.85
C GLU B 96 21.03 -45.89 4.79
N HIS B 97 20.90 -46.22 3.52
CA HIS B 97 21.42 -45.39 2.46
C HIS B 97 20.53 -44.18 2.20
N PRO B 98 21.07 -43.11 1.60
CA PRO B 98 20.25 -41.94 1.32
C PRO B 98 19.10 -42.27 0.38
N VAL B 99 17.95 -41.66 0.63
CA VAL B 99 16.74 -41.91 -0.15
C VAL B 99 16.12 -40.59 -0.54
N GLU B 100 15.45 -40.60 -1.69
CA GLU B 100 14.58 -39.50 -2.05
C GLU B 100 13.31 -39.56 -1.19
N MET B 101 12.67 -38.40 -1.03
CA MET B 101 11.49 -38.33 -0.17
C MET B 101 10.35 -39.19 -0.71
N GLY B 102 10.11 -39.14 -2.01
CA GLY B 102 8.97 -39.82 -2.61
C GLY B 102 8.06 -38.84 -3.31
N LEU B 103 7.58 -39.21 -4.49
CA LEU B 103 6.80 -38.29 -5.31
C LEU B 103 5.48 -37.91 -4.67
N ASP B 104 4.79 -38.85 -4.04
CA ASP B 104 3.52 -38.51 -3.40
C ASP B 104 3.71 -37.53 -2.25
N LEU B 105 4.75 -37.75 -1.44
CA LEU B 105 5.06 -36.82 -0.36
C LEU B 105 5.43 -35.45 -0.91
N GLU B 106 6.23 -35.42 -1.98
CA GLU B 106 6.59 -34.16 -2.61
C GLU B 106 5.36 -33.41 -3.10
N GLN B 107 4.46 -34.12 -3.77
CA GLN B 107 3.27 -33.48 -4.31
C GLN B 107 2.34 -33.01 -3.19
N SER B 108 2.26 -33.76 -2.09
CA SER B 108 1.47 -33.29 -0.97
C SER B 108 2.05 -32.02 -0.37
N LEU B 109 3.38 -31.92 -0.28
CA LEU B 109 3.99 -30.66 0.17
C LEU B 109 3.71 -29.52 -0.82
N ARG B 110 3.77 -29.82 -2.12
CA ARG B 110 3.47 -28.81 -3.13
C ARG B 110 2.04 -28.31 -2.98
N GLU B 111 1.09 -29.21 -2.78
CA GLU B 111 -0.28 -28.80 -2.55
C GLU B 111 -0.43 -28.04 -1.25
N LEU B 112 0.37 -28.40 -0.24
CA LEU B 112 0.32 -27.74 1.05
C LEU B 112 0.71 -26.27 0.94
N ILE B 113 1.81 -25.99 0.22
CA ILE B 113 2.28 -24.62 0.07
C ILE B 113 1.77 -23.95 -1.19
N GLN B 114 0.95 -24.63 -1.98
CA GLN B 114 0.42 -24.10 -3.24
C GLN B 114 1.54 -23.57 -4.13
N SER B 115 2.62 -24.33 -4.26
CA SER B 115 3.74 -23.90 -5.08
C SER B 115 4.71 -25.05 -5.27
N SER B 116 5.34 -25.09 -6.43
CA SER B 116 6.39 -26.06 -6.69
C SER B 116 7.73 -25.64 -6.08
N ASP B 117 7.80 -24.45 -5.50
CA ASP B 117 9.01 -23.97 -4.83
C ASP B 117 9.13 -24.60 -3.44
N LEU B 118 9.41 -25.90 -3.44
CA LEU B 118 9.56 -26.63 -2.19
C LEU B 118 10.78 -26.13 -1.41
N GLN B 119 11.87 -25.83 -2.12
CA GLN B 119 13.10 -25.41 -1.47
C GLN B 119 12.88 -24.18 -0.60
N ALA B 120 11.88 -23.36 -0.93
CA ALA B 120 11.62 -22.16 -0.15
C ALA B 120 11.23 -22.50 1.29
N PHE B 121 10.46 -23.60 1.48
CA PHE B 121 9.93 -23.93 2.78
C PHE B 121 10.42 -25.25 3.34
N PHE B 122 10.88 -26.17 2.51
CA PHE B 122 11.28 -27.49 2.96
C PHE B 122 12.69 -27.76 2.47
N GLU B 123 13.56 -28.19 3.36
CA GLU B 123 14.87 -28.71 3.02
C GLU B 123 15.06 -29.96 3.84
N THR B 124 15.50 -31.03 3.19
CA THR B 124 15.58 -32.33 3.82
C THR B 124 17.04 -32.72 4.05
N LYS B 125 17.31 -33.26 5.23
CA LYS B 125 18.59 -33.86 5.55
C LYS B 125 18.35 -35.26 6.09
N GLN B 126 19.37 -36.11 5.99
CA GLN B 126 19.28 -37.44 6.52
C GLN B 126 20.67 -37.93 6.92
N GLN B 127 20.77 -38.44 8.14
CA GLN B 127 21.98 -39.09 8.62
C GLN B 127 21.57 -40.43 9.22
N GLY B 128 22.20 -41.50 8.76
CA GLY B 128 21.83 -42.81 9.27
C GLY B 128 20.38 -43.13 9.00
N ARG B 129 19.70 -43.66 10.00
CA ARG B 129 18.31 -44.10 9.85
C ARG B 129 17.34 -42.99 10.20
N CYS B 130 17.76 -41.73 10.10
CA CYS B 130 16.93 -40.59 10.44
C CYS B 130 16.85 -39.65 9.25
N PHE B 131 15.63 -39.20 8.97
CA PHE B 131 15.35 -38.30 7.85
C PHE B 131 14.65 -37.05 8.39
N TYR B 132 15.26 -35.90 8.16
CA TYR B 132 14.75 -34.63 8.67
C TYR B 132 14.18 -33.79 7.53
N ILE B 133 13.04 -33.17 7.79
CA ILE B 133 12.51 -32.11 6.94
C ILE B 133 12.50 -30.84 7.79
N PHE B 134 13.18 -29.81 7.31
CA PHE B 134 13.24 -28.54 8.00
C PHE B 134 12.21 -27.60 7.38
N VAL B 135 11.17 -27.29 8.16
CA VAL B 135 10.01 -26.55 7.68
C VAL B 135 10.17 -25.09 8.05
N LYS B 136 10.01 -24.21 7.08
CA LYS B 136 10.01 -22.78 7.33
C LYS B 136 8.58 -22.31 7.58
N SER B 137 8.45 -21.25 8.37
CA SER B 137 7.14 -20.70 8.67
C SER B 137 6.45 -20.23 7.39
N TRP B 138 5.18 -20.59 7.24
CA TRP B 138 4.40 -20.09 6.12
C TRP B 138 4.28 -18.57 6.20
N SER B 139 3.60 -18.08 7.24
CA SER B 139 3.44 -16.66 7.49
C SER B 139 4.00 -16.35 8.86
N SER B 140 4.72 -15.23 8.96
CA SER B 140 5.40 -14.88 10.18
C SER B 140 5.09 -13.42 10.53
N GLY B 141 4.95 -13.16 11.82
CA GLY B 141 4.75 -11.82 12.31
C GLY B 141 3.29 -11.48 12.46
N PRO B 142 2.95 -10.61 13.42
CA PRO B 142 1.54 -10.24 13.60
C PRO B 142 1.00 -9.40 12.45
N PHE B 143 1.87 -8.63 11.78
CA PHE B 143 1.48 -7.81 10.64
C PHE B 143 2.43 -8.11 9.49
N PRO B 144 2.26 -9.27 8.83
CA PRO B 144 3.14 -9.59 7.71
C PRO B 144 2.98 -8.61 6.57
N GLU B 145 4.06 -8.41 5.82
CA GLU B 145 3.98 -7.53 4.66
C GLU B 145 3.08 -8.11 3.57
N ASP B 146 2.92 -9.43 3.55
CA ASP B 146 2.01 -10.10 2.62
C ASP B 146 0.62 -10.27 3.21
N ARG B 147 0.31 -9.60 4.31
CA ARG B 147 -0.89 -9.90 5.07
C ARG B 147 -2.15 -9.86 4.22
N SER B 148 -2.22 -8.94 3.26
CA SER B 148 -3.41 -8.81 2.43
C SER B 148 -3.42 -9.75 1.23
N VAL B 149 -2.30 -10.42 0.95
CA VAL B 149 -2.15 -11.25 -0.23
C VAL B 149 -2.25 -12.73 0.11
N LYS B 150 -1.34 -13.23 0.94
CA LYS B 150 -1.32 -14.66 1.22
C LYS B 150 -2.09 -14.95 2.51
N PRO B 151 -2.75 -16.10 2.60
CA PRO B 151 -3.42 -16.47 3.85
C PRO B 151 -2.41 -16.73 4.96
N ARG B 152 -2.87 -16.55 6.20
CA ARG B 152 -2.01 -16.81 7.35
C ARG B 152 -1.75 -18.29 7.57
N LEU B 153 -2.66 -19.15 7.11
CA LEU B 153 -2.62 -20.56 7.43
C LEU B 153 -2.34 -21.40 6.18
N CYS B 154 -1.50 -22.41 6.35
CA CYS B 154 -1.47 -23.54 5.43
C CYS B 154 -2.43 -24.60 5.93
N SER B 155 -3.02 -25.35 5.00
CA SER B 155 -3.98 -26.37 5.37
C SER B 155 -3.84 -27.57 4.45
N LEU B 156 -4.07 -28.76 5.01
CA LEU B 156 -4.23 -29.94 4.18
C LEU B 156 -5.49 -29.84 3.34
N SER B 157 -6.57 -29.34 3.93
CA SER B 157 -7.82 -29.14 3.22
C SER B 157 -8.60 -28.05 3.95
N SER B 158 -9.18 -27.14 3.17
CA SER B 158 -10.01 -26.09 3.76
C SER B 158 -11.42 -26.56 4.06
N SER B 159 -11.83 -27.71 3.52
CA SER B 159 -13.19 -28.20 3.59
C SER B 159 -14.20 -27.24 2.99
N LEU B 160 -13.74 -26.26 2.22
CA LEU B 160 -14.60 -25.33 1.51
C LEU B 160 -14.69 -25.76 0.06
N TYR B 161 -15.91 -26.01 -0.40
CA TYR B 161 -16.16 -26.46 -1.76
C TYR B 161 -17.02 -25.45 -2.50
N ARG B 162 -16.78 -25.26 -3.79
CA ARG B 162 -17.62 -24.46 -4.62
C ARG B 162 -18.02 -25.17 -5.82
N ARG B 163 -19.14 -24.85 -6.42
CA ARG B 163 -19.63 -25.36 -7.69
C ARG B 163 -18.89 -24.63 -8.80
N SER B 164 -18.24 -25.37 -9.67
CA SER B 164 -17.54 -24.81 -10.84
C SER B 164 -18.20 -25.40 -12.08
N GLU B 165 -19.20 -24.71 -12.59
CA GLU B 165 -20.01 -25.24 -13.68
C GLU B 165 -20.62 -26.57 -13.23
N THR B 166 -20.20 -27.70 -13.80
CA THR B 166 -20.81 -28.98 -13.47
C THR B 166 -20.01 -29.79 -12.48
N SER B 167 -19.07 -29.18 -11.76
CA SER B 167 -18.18 -29.90 -10.87
C SER B 167 -18.06 -29.15 -9.55
N VAL B 168 -17.74 -29.90 -8.50
CA VAL B 168 -17.50 -29.35 -7.17
C VAL B 168 -16.01 -29.38 -6.92
N ARG B 169 -15.45 -28.21 -6.59
CA ARG B 169 -14.01 -28.07 -6.41
C ARG B 169 -13.72 -27.57 -5.01
N SER B 170 -12.68 -28.12 -4.39
CA SER B 170 -12.26 -27.67 -3.08
C SER B 170 -11.35 -26.46 -3.21
N MET B 171 -11.67 -25.40 -2.49
CA MET B 171 -10.83 -24.21 -2.51
C MET B 171 -9.53 -24.47 -1.75
N ASP B 172 -8.41 -24.17 -2.39
CA ASP B 172 -7.13 -24.22 -1.70
C ASP B 172 -7.07 -23.08 -0.70
N SER B 173 -5.92 -22.92 -0.05
CA SER B 173 -5.82 -21.89 0.98
C SER B 173 -6.02 -20.50 0.39
N ARG B 174 -5.43 -20.23 -0.77
CA ARG B 174 -5.56 -18.92 -1.40
C ARG B 174 -6.99 -18.66 -1.89
N GLU B 175 -7.59 -19.65 -2.54
CA GLU B 175 -8.98 -19.53 -2.97
C GLU B 175 -9.91 -19.30 -1.78
N ALA B 176 -9.72 -20.06 -0.70
CA ALA B 176 -10.56 -19.92 0.47
C ALA B 176 -10.34 -18.59 1.16
N PHE B 177 -9.10 -18.09 1.13
CA PHE B 177 -8.82 -16.77 1.66
C PHE B 177 -9.60 -15.71 0.90
N CYS B 178 -9.53 -15.74 -0.43
CA CYS B 178 -10.28 -14.77 -1.22
C CYS B 178 -11.78 -14.93 -1.02
N PHE B 179 -12.26 -16.18 -0.92
CA PHE B 179 -13.69 -16.42 -0.73
C PHE B 179 -14.19 -15.87 0.60
N LEU B 180 -13.45 -16.14 1.68
CA LEU B 180 -13.85 -15.62 2.99
C LEU B 180 -13.74 -14.11 3.03
N LYS B 181 -12.73 -13.54 2.35
CA LYS B 181 -12.62 -12.10 2.25
C LYS B 181 -13.84 -11.50 1.56
N THR B 182 -14.30 -12.13 0.48
CA THR B 182 -15.49 -11.67 -0.21
C THR B 182 -16.73 -11.81 0.67
N LYS B 183 -16.85 -12.92 1.39
CA LYS B 183 -18.02 -13.15 2.24
C LYS B 183 -18.03 -12.27 3.48
N ARG B 184 -16.86 -11.76 3.89
CA ARG B 184 -16.78 -10.94 5.10
C ARG B 184 -17.27 -9.51 4.87
N LYS B 185 -17.13 -9.00 3.65
CA LYS B 185 -17.45 -7.61 3.41
C LYS B 185 -18.96 -7.37 3.57
N PRO B 186 -19.36 -6.20 4.10
CA PRO B 186 -20.79 -5.90 4.29
C PRO B 186 -21.49 -5.49 3.00
N ASP B 216 -35.21 -20.67 -14.02
CA ASP B 216 -34.55 -21.85 -14.56
C ASP B 216 -35.57 -22.94 -14.88
N PRO B 217 -35.20 -23.87 -15.76
CA PRO B 217 -36.03 -25.08 -15.93
C PRO B 217 -35.90 -26.06 -14.79
N ALA B 218 -34.77 -26.04 -14.08
CA ALA B 218 -34.64 -26.85 -12.88
C ALA B 218 -35.76 -26.55 -11.91
N ASP B 219 -36.18 -25.29 -11.82
CA ASP B 219 -37.33 -24.97 -10.99
C ASP B 219 -38.62 -25.59 -11.53
N LEU B 220 -38.81 -25.57 -12.85
CA LEU B 220 -40.01 -26.18 -13.41
C LEU B 220 -40.06 -27.68 -13.16
N ILE B 221 -38.90 -28.34 -13.03
CA ILE B 221 -38.91 -29.74 -12.64
C ILE B 221 -39.10 -29.88 -11.13
N PHE B 222 -38.51 -28.98 -10.36
CA PHE B 222 -38.62 -29.02 -8.90
C PHE B 222 -40.06 -28.83 -8.44
N GLN B 223 -40.84 -28.06 -9.20
CA GLN B 223 -42.23 -27.81 -8.83
C GLN B 223 -43.13 -29.02 -9.06
N LYS B 224 -42.68 -30.00 -9.82
CA LYS B 224 -43.48 -31.21 -10.04
C LYS B 224 -43.59 -32.00 -8.75
N ASP B 225 -44.80 -32.42 -8.40
CA ASP B 225 -45.02 -33.26 -7.22
C ASP B 225 -44.79 -34.73 -7.53
N TYR B 226 -44.57 -35.09 -8.79
CA TYR B 226 -44.28 -36.47 -9.17
C TYR B 226 -43.52 -36.47 -10.48
N LEU B 227 -42.83 -37.58 -10.74
CA LEU B 227 -42.07 -37.75 -11.97
C LEU B 227 -42.34 -39.13 -12.54
N GLU B 228 -42.04 -39.28 -13.82
CA GLU B 228 -42.24 -40.54 -14.52
C GLU B 228 -40.90 -41.21 -14.79
N TYR B 229 -40.83 -42.51 -14.54
CA TYR B 229 -39.60 -43.25 -14.76
C TYR B 229 -39.15 -43.11 -16.21
N GLY B 230 -37.86 -42.84 -16.39
CA GLY B 230 -37.30 -42.64 -17.71
C GLY B 230 -37.55 -41.25 -18.29
N GLU B 231 -38.20 -40.36 -17.56
CA GLU B 231 -38.42 -39.01 -18.04
C GLU B 231 -37.10 -38.28 -18.21
N ILE B 232 -36.86 -37.77 -19.42
CA ILE B 232 -35.63 -37.04 -19.70
C ILE B 232 -35.80 -35.60 -19.25
N LEU B 233 -34.92 -35.14 -18.36
CA LEU B 233 -34.98 -33.76 -17.93
C LEU B 233 -34.46 -32.84 -19.04
N PRO B 234 -35.17 -31.76 -19.35
CA PRO B 234 -34.82 -30.97 -20.55
C PRO B 234 -33.57 -30.13 -20.41
N PHE B 235 -32.83 -30.24 -19.31
CA PHE B 235 -31.66 -29.40 -19.10
C PHE B 235 -30.47 -30.23 -18.67
N PRO B 236 -29.26 -29.75 -18.93
CA PRO B 236 -28.06 -30.48 -18.49
C PRO B 236 -27.63 -30.03 -17.09
N GLU B 237 -26.61 -30.72 -16.59
CA GLU B 237 -25.93 -30.23 -15.39
C GLU B 237 -25.27 -28.90 -15.67
N SER B 238 -25.19 -28.06 -14.65
CA SER B 238 -24.65 -26.73 -14.83
C SER B 238 -24.24 -26.19 -13.46
N GLN B 239 -23.96 -24.88 -13.42
CA GLN B 239 -23.57 -24.22 -12.18
C GLN B 239 -24.66 -24.34 -11.13
N LEU B 240 -25.90 -24.62 -11.52
CA LEU B 240 -27.03 -24.65 -10.61
C LEU B 240 -27.69 -26.01 -10.51
N VAL B 241 -27.30 -26.98 -11.33
CA VAL B 241 -27.98 -28.27 -11.39
C VAL B 241 -26.96 -29.38 -11.29
N GLU B 242 -27.27 -30.40 -10.49
CA GLU B 242 -26.49 -31.61 -10.40
C GLU B 242 -27.42 -32.81 -10.46
N PHE B 243 -27.05 -33.80 -11.26
CA PHE B 243 -27.78 -35.06 -11.34
C PHE B 243 -26.97 -36.15 -10.65
N LYS B 244 -27.58 -36.78 -9.65
CA LYS B 244 -26.99 -37.91 -8.94
C LYS B 244 -27.93 -39.10 -9.06
N GLN B 245 -27.37 -40.28 -9.27
CA GLN B 245 -28.14 -41.50 -9.14
C GLN B 245 -28.00 -42.05 -7.72
N PHE B 246 -29.00 -42.83 -7.31
CA PHE B 246 -28.93 -43.51 -6.03
C PHE B 246 -27.96 -44.68 -6.10
N SER B 247 -27.27 -44.91 -4.99
CA SER B 247 -26.47 -46.11 -4.85
C SER B 247 -27.39 -47.33 -4.88
N THR B 248 -26.88 -48.42 -5.46
CA THR B 248 -27.67 -49.64 -5.56
C THR B 248 -27.63 -50.49 -4.30
N LYS B 249 -26.78 -50.17 -3.33
CA LYS B 249 -26.58 -51.02 -2.17
C LYS B 249 -27.03 -50.38 -0.86
N HIS B 250 -26.51 -49.20 -0.52
CA HIS B 250 -26.77 -48.55 0.78
C HIS B 250 -27.28 -47.13 0.52
N PHE B 251 -28.61 -46.98 0.58
CA PHE B 251 -29.23 -45.77 0.04
C PHE B 251 -29.18 -44.62 1.05
N GLN B 252 -29.58 -44.87 2.29
CA GLN B 252 -29.52 -43.82 3.31
C GLN B 252 -28.07 -43.40 3.54
N GLU B 253 -27.16 -44.36 3.62
CA GLU B 253 -25.75 -44.03 3.76
C GLU B 253 -25.24 -43.25 2.55
N TYR B 254 -25.66 -43.64 1.35
CA TYR B 254 -25.24 -42.91 0.15
C TYR B 254 -25.72 -41.46 0.20
N VAL B 255 -26.96 -41.24 0.64
CA VAL B 255 -27.47 -39.87 0.73
C VAL B 255 -26.71 -39.07 1.77
N LYS B 256 -26.46 -39.69 2.94
CA LYS B 256 -25.65 -39.02 3.95
C LYS B 256 -24.28 -38.65 3.41
N ARG B 257 -23.69 -39.51 2.58
CA ARG B 257 -22.39 -39.24 1.99
C ARG B 257 -22.45 -38.13 0.95
N THR B 258 -23.50 -38.12 0.13
CA THR B 258 -23.55 -37.20 -0.99
C THR B 258 -23.90 -35.79 -0.54
N ILE B 259 -24.75 -35.65 0.48
CA ILE B 259 -25.21 -34.31 0.88
C ILE B 259 -24.04 -33.37 1.18
N PRO B 260 -23.06 -33.74 1.99
CA PRO B 260 -21.95 -32.80 2.26
C PRO B 260 -21.14 -32.44 1.04
N GLU B 261 -21.19 -33.25 -0.03
CA GLU B 261 -20.40 -32.95 -1.21
C GLU B 261 -20.99 -31.80 -2.00
N TYR B 262 -22.32 -31.76 -2.13
CA TYR B 262 -22.97 -30.84 -3.04
C TYR B 262 -23.67 -29.70 -2.33
N VAL B 263 -24.31 -29.95 -1.19
CA VAL B 263 -25.02 -28.87 -0.51
C VAL B 263 -24.09 -27.73 -0.14
N PRO B 264 -22.91 -27.96 0.45
CA PRO B 264 -22.00 -26.83 0.71
C PRO B 264 -21.60 -26.07 -0.54
N ALA B 265 -21.38 -26.75 -1.67
CA ALA B 265 -20.95 -26.05 -2.87
C ALA B 265 -22.04 -25.14 -3.41
N PHE B 266 -23.27 -25.65 -3.49
CA PHE B 266 -24.39 -24.82 -3.91
C PHE B 266 -24.60 -23.66 -2.95
N ALA B 267 -24.55 -23.93 -1.65
CA ALA B 267 -24.72 -22.88 -0.67
C ALA B 267 -23.64 -21.82 -0.79
N ASN B 268 -22.43 -22.23 -1.20
CA ASN B 268 -21.32 -21.29 -1.30
C ASN B 268 -21.34 -20.51 -2.61
N THR B 269 -21.99 -21.01 -3.66
CA THR B 269 -22.06 -20.28 -4.93
C THR B 269 -23.49 -20.29 -5.46
N GLY B 270 -24.27 -19.28 -5.08
CA GLY B 270 -25.53 -19.01 -5.74
C GLY B 270 -26.58 -20.08 -5.60
N GLY B 271 -26.36 -21.07 -4.75
CA GLY B 271 -27.36 -22.11 -4.60
C GLY B 271 -27.46 -22.97 -5.85
N GLY B 272 -28.47 -23.82 -5.84
CA GLY B 272 -28.71 -24.70 -6.96
C GLY B 272 -29.58 -25.86 -6.57
N TYR B 273 -29.79 -26.75 -7.53
CA TYR B 273 -30.65 -27.91 -7.38
C TYR B 273 -29.81 -29.18 -7.42
N LEU B 274 -30.06 -30.08 -6.49
CA LEU B 274 -29.43 -31.39 -6.47
C LEU B 274 -30.51 -32.44 -6.67
N PHE B 275 -30.51 -33.08 -7.83
CA PHE B 275 -31.45 -34.14 -8.14
C PHE B 275 -30.78 -35.48 -7.92
N ILE B 276 -31.25 -36.22 -6.90
CA ILE B 276 -30.77 -37.55 -6.61
C ILE B 276 -31.83 -38.52 -7.12
N GLY B 277 -31.41 -39.46 -7.95
CA GLY B 277 -32.33 -40.30 -8.67
C GLY B 277 -32.48 -39.97 -10.13
N VAL B 278 -31.58 -39.17 -10.69
CA VAL B 278 -31.59 -38.80 -12.09
C VAL B 278 -30.28 -39.28 -12.70
N ASP B 279 -30.38 -40.00 -13.81
CA ASP B 279 -29.19 -40.51 -14.48
C ASP B 279 -28.31 -39.33 -14.90
N ASP B 280 -27.03 -39.42 -14.56
CA ASP B 280 -26.10 -38.34 -14.89
C ASP B 280 -25.90 -38.20 -16.39
N LYS B 281 -25.88 -39.32 -17.11
CA LYS B 281 -25.53 -39.33 -18.52
C LYS B 281 -26.74 -39.08 -19.41
N SER B 282 -27.79 -39.88 -19.25
CA SER B 282 -28.97 -39.73 -20.09
C SER B 282 -29.98 -38.73 -19.52
N ARG B 283 -29.77 -38.27 -18.29
CA ARG B 283 -30.70 -37.36 -17.62
C ARG B 283 -32.06 -37.98 -17.37
N GLU B 284 -32.14 -39.31 -17.44
CA GLU B 284 -33.38 -40.01 -17.14
C GLU B 284 -33.70 -39.92 -15.66
N VAL B 285 -34.98 -39.78 -15.33
CA VAL B 285 -35.41 -39.84 -13.95
C VAL B 285 -35.59 -41.29 -13.54
N LEU B 286 -34.76 -41.77 -12.63
CA LEU B 286 -34.78 -43.16 -12.19
C LEU B 286 -35.24 -43.34 -10.76
N GLY B 287 -34.79 -42.50 -9.83
CA GLY B 287 -35.24 -42.60 -8.46
C GLY B 287 -34.69 -43.81 -7.73
N CYS B 288 -35.30 -44.07 -6.57
CA CYS B 288 -34.95 -45.20 -5.73
C CYS B 288 -36.18 -46.07 -5.55
N ALA B 289 -36.01 -47.38 -5.70
CA ALA B 289 -37.14 -48.30 -5.59
C ALA B 289 -37.84 -48.13 -4.25
N LYS B 290 -39.17 -48.13 -4.28
CA LYS B 290 -39.95 -47.91 -3.07
C LYS B 290 -39.61 -48.91 -1.97
N GLU B 291 -39.32 -50.16 -2.34
CA GLU B 291 -39.01 -51.17 -1.34
C GLU B 291 -37.67 -50.90 -0.65
N ASN B 292 -36.83 -50.07 -1.25
CA ASN B 292 -35.47 -49.88 -0.77
C ASN B 292 -35.30 -48.63 0.09
N VAL B 293 -36.21 -47.66 0.00
CA VAL B 293 -36.07 -46.40 0.70
C VAL B 293 -37.41 -45.99 1.28
N ASP B 294 -37.38 -45.47 2.51
CA ASP B 294 -38.57 -44.95 3.15
C ASP B 294 -38.56 -43.43 3.05
N PRO B 295 -39.48 -42.79 2.33
CA PRO B 295 -39.30 -41.36 2.04
C PRO B 295 -39.15 -40.50 3.28
N ASP B 296 -39.91 -40.75 4.34
CA ASP B 296 -39.78 -39.90 5.53
C ASP B 296 -38.44 -40.11 6.23
N SER B 297 -37.98 -41.36 6.30
CA SER B 297 -36.66 -41.61 6.89
C SER B 297 -35.57 -40.95 6.06
N LEU B 298 -35.67 -41.01 4.74
CA LEU B 298 -34.71 -40.35 3.87
C LEU B 298 -34.73 -38.85 4.08
N ARG B 299 -35.92 -38.26 4.21
CA ARG B 299 -36.03 -36.84 4.49
C ARG B 299 -35.35 -36.49 5.81
N ARG B 300 -35.56 -37.32 6.82
CA ARG B 300 -34.92 -37.08 8.11
C ARG B 300 -33.40 -37.12 7.97
N LYS B 301 -32.87 -38.14 7.29
CA LYS B 301 -31.43 -38.24 7.10
C LYS B 301 -30.91 -37.02 6.36
N ILE B 302 -31.62 -36.59 5.31
CA ILE B 302 -31.14 -35.48 4.50
C ILE B 302 -31.11 -34.20 5.32
N GLU B 303 -32.19 -33.91 6.04
CA GLU B 303 -32.22 -32.69 6.83
C GLU B 303 -31.16 -32.71 7.92
N GLN B 304 -30.98 -33.86 8.59
CA GLN B 304 -29.96 -33.96 9.60
C GLN B 304 -28.58 -33.73 9.01
N ALA B 305 -28.31 -34.31 7.84
CA ALA B 305 -27.01 -34.12 7.20
C ALA B 305 -26.79 -32.68 6.79
N ILE B 306 -27.84 -32.00 6.33
CA ILE B 306 -27.69 -30.61 5.89
C ILE B 306 -27.44 -29.70 7.08
N TYR B 307 -28.15 -29.91 8.19
CA TYR B 307 -27.90 -29.10 9.38
C TYR B 307 -26.61 -29.50 10.09
N LYS B 308 -26.08 -30.69 9.80
CA LYS B 308 -24.82 -31.12 10.38
C LYS B 308 -23.62 -30.40 9.77
N LEU B 309 -23.82 -29.69 8.66
CA LEU B 309 -22.71 -29.05 7.96
C LEU B 309 -22.22 -27.85 8.77
N PRO B 310 -20.92 -27.75 9.08
CA PRO B 310 -20.43 -26.56 9.78
C PRO B 310 -20.62 -25.29 8.94
N CYS B 311 -21.18 -24.26 9.56
CA CYS B 311 -21.38 -22.97 8.94
C CYS B 311 -20.74 -21.90 9.80
N VAL B 312 -20.10 -20.93 9.15
CA VAL B 312 -19.47 -19.80 9.82
C VAL B 312 -20.08 -18.52 9.29
N HIS B 313 -20.50 -17.64 10.18
CA HIS B 313 -21.20 -16.41 9.82
C HIS B 313 -20.35 -15.19 10.09
N PHE B 314 -20.27 -14.29 9.11
CA PHE B 314 -19.67 -12.98 9.26
C PHE B 314 -20.72 -11.88 9.31
N CYS B 315 -21.91 -12.18 9.82
CA CYS B 315 -23.05 -11.29 9.69
C CYS B 315 -24.04 -11.54 10.81
N GLN B 316 -25.12 -10.76 10.78
CA GLN B 316 -26.33 -11.01 11.52
C GLN B 316 -27.53 -10.83 10.58
N PRO B 317 -28.57 -11.65 10.70
CA PRO B 317 -28.74 -12.76 11.63
C PRO B 317 -27.94 -13.97 11.21
N GLN B 318 -27.64 -14.88 12.14
CA GLN B 318 -26.88 -16.08 11.81
C GLN B 318 -27.85 -17.22 11.53
N ARG B 319 -28.50 -17.15 10.37
CA ARG B 319 -29.54 -18.12 10.03
C ARG B 319 -28.90 -19.43 9.56
N PRO B 320 -29.62 -20.54 9.69
CA PRO B 320 -29.11 -21.81 9.15
C PRO B 320 -29.11 -21.81 7.63
N ILE B 321 -28.72 -22.95 7.07
CA ILE B 321 -28.81 -23.13 5.63
C ILE B 321 -30.28 -23.21 5.24
N THR B 322 -30.67 -22.40 4.26
CA THR B 322 -32.03 -22.42 3.76
C THR B 322 -32.09 -23.31 2.53
N PHE B 323 -33.03 -24.25 2.52
CA PHE B 323 -33.17 -25.18 1.42
C PHE B 323 -34.60 -25.70 1.40
N THR B 324 -34.99 -26.28 0.27
CA THR B 324 -36.26 -26.96 0.13
C THR B 324 -36.01 -28.38 -0.33
N LEU B 325 -36.46 -29.34 0.46
CA LEU B 325 -36.24 -30.76 0.18
C LEU B 325 -37.58 -31.40 -0.16
N LYS B 326 -37.66 -31.99 -1.35
CA LYS B 326 -38.85 -32.68 -1.81
C LYS B 326 -38.49 -34.11 -2.17
N ILE B 327 -39.22 -35.07 -1.61
CA ILE B 327 -39.15 -36.46 -2.00
C ILE B 327 -40.41 -36.77 -2.79
N VAL B 328 -40.28 -36.91 -4.10
CA VAL B 328 -41.43 -37.01 -4.99
C VAL B 328 -41.54 -38.44 -5.49
N ASN B 329 -42.77 -38.84 -5.82
CA ASN B 329 -43.03 -40.18 -6.32
C ASN B 329 -42.55 -40.30 -7.76
N VAL B 330 -41.75 -41.33 -8.03
CA VAL B 330 -41.36 -41.67 -9.40
C VAL B 330 -42.26 -42.80 -9.86
N LEU B 331 -43.30 -42.46 -10.61
CA LEU B 331 -44.25 -43.46 -11.07
C LEU B 331 -43.70 -44.21 -12.28
N LYS B 332 -44.31 -45.36 -12.56
CA LYS B 332 -43.96 -46.16 -13.73
C LYS B 332 -45.27 -46.66 -14.33
N ARG B 333 -45.59 -46.18 -15.53
CA ARG B 333 -46.86 -46.50 -16.18
C ARG B 333 -48.03 -46.09 -15.29
N GLY B 334 -47.87 -44.95 -14.62
CA GLY B 334 -48.92 -44.41 -13.77
C GLY B 334 -49.00 -45.01 -12.38
N GLU B 335 -48.12 -45.95 -12.03
CA GLU B 335 -48.13 -46.59 -10.73
C GLU B 335 -46.80 -46.35 -10.03
N LEU B 336 -46.87 -46.20 -8.70
CA LEU B 336 -45.69 -45.84 -7.93
C LEU B 336 -44.60 -46.89 -8.10
N TYR B 337 -43.40 -46.43 -8.46
CA TYR B 337 -42.21 -47.28 -8.59
C TYR B 337 -41.14 -46.93 -7.58
N GLY B 338 -40.86 -45.65 -7.39
CA GLY B 338 -39.79 -45.25 -6.50
C GLY B 338 -39.90 -43.79 -6.13
N TYR B 339 -38.83 -43.28 -5.51
CA TYR B 339 -38.78 -41.91 -5.03
C TYR B 339 -37.56 -41.21 -5.61
N ALA B 340 -37.75 -39.95 -5.99
CA ALA B 340 -36.65 -39.10 -6.44
C ALA B 340 -36.50 -37.94 -5.47
N CYS B 341 -35.26 -37.71 -5.04
CA CYS B 341 -34.94 -36.67 -4.07
C CYS B 341 -34.38 -35.46 -4.80
N MET B 342 -34.99 -34.30 -4.57
CA MET B 342 -34.48 -33.04 -5.10
C MET B 342 -34.34 -32.05 -3.97
N ILE B 343 -33.15 -31.47 -3.83
CA ILE B 343 -32.87 -30.42 -2.86
C ILE B 343 -32.62 -29.14 -3.62
N ARG B 344 -33.31 -28.07 -3.25
CA ARG B 344 -33.02 -26.73 -3.75
C ARG B 344 -32.25 -25.99 -2.68
N VAL B 345 -30.95 -25.81 -2.91
CA VAL B 345 -30.06 -25.18 -1.94
C VAL B 345 -30.01 -23.70 -2.27
N ASN B 346 -30.54 -22.88 -1.37
CA ASN B 346 -30.52 -21.44 -1.60
C ASN B 346 -29.15 -20.86 -1.24
N PRO B 347 -28.74 -19.79 -1.89
CA PRO B 347 -27.41 -19.23 -1.61
C PRO B 347 -27.26 -18.84 -0.15
N PHE B 348 -26.23 -19.37 0.48
CA PHE B 348 -25.96 -19.09 1.89
C PHE B 348 -25.17 -17.80 2.01
N CYS B 349 -25.45 -17.05 3.07
CA CYS B 349 -24.86 -15.72 3.21
C CYS B 349 -23.36 -15.78 3.48
N CYS B 350 -22.87 -16.92 3.98
CA CYS B 350 -21.50 -17.03 4.43
C CYS B 350 -20.91 -18.38 4.04
N ALA B 351 -19.80 -18.77 4.67
CA ALA B 351 -19.08 -19.98 4.32
C ALA B 351 -19.75 -21.21 4.93
N VAL B 352 -19.90 -22.24 4.13
CA VAL B 352 -20.36 -23.55 4.58
C VAL B 352 -19.22 -24.54 4.37
N PHE B 353 -18.88 -25.29 5.40
CA PHE B 353 -17.87 -26.33 5.33
C PHE B 353 -18.54 -27.69 5.25
N SER B 354 -17.93 -28.60 4.50
CA SER B 354 -18.39 -29.98 4.50
C SER B 354 -17.99 -30.68 5.79
N GLU B 355 -16.90 -30.23 6.41
CA GLU B 355 -16.46 -30.73 7.70
C GLU B 355 -15.49 -29.70 8.26
N ALA B 356 -14.93 -30.01 9.43
CA ALA B 356 -13.96 -29.10 10.02
C ALA B 356 -12.74 -28.99 9.09
N PRO B 357 -12.18 -27.80 8.93
CA PRO B 357 -10.99 -27.67 8.07
C PRO B 357 -9.85 -28.53 8.57
N ASN B 358 -9.09 -29.09 7.63
CA ASN B 358 -7.97 -29.97 7.96
C ASN B 358 -6.69 -29.14 8.04
N SER B 359 -6.65 -28.26 9.06
CA SER B 359 -5.51 -27.41 9.32
C SER B 359 -5.01 -27.66 10.73
N TRP B 360 -3.70 -27.66 10.90
CA TRP B 360 -3.07 -28.06 12.15
C TRP B 360 -2.14 -26.96 12.64
N ILE B 361 -1.87 -26.99 13.95
CA ILE B 361 -0.98 -26.03 14.59
C ILE B 361 -0.43 -26.68 15.84
N VAL B 362 0.65 -26.11 16.36
CA VAL B 362 1.29 -26.60 17.57
C VAL B 362 0.80 -25.78 18.74
N GLU B 363 0.16 -26.44 19.71
CA GLU B 363 -0.31 -25.81 20.93
C GLU B 363 0.62 -26.24 22.06
N ASP B 364 1.54 -25.36 22.44
CA ASP B 364 2.53 -25.68 23.46
C ASP B 364 3.33 -26.91 23.05
N LYS B 365 2.93 -28.09 23.53
CA LYS B 365 3.66 -29.32 23.28
C LYS B 365 2.90 -30.33 22.44
N TYR B 366 1.74 -29.96 21.89
CA TYR B 366 0.92 -30.88 21.13
C TYR B 366 0.63 -30.30 19.75
N VAL B 367 0.45 -31.19 18.78
CA VAL B 367 0.02 -30.81 17.44
C VAL B 367 -1.49 -30.99 17.38
N CYS B 368 -2.21 -29.88 17.22
CA CYS B 368 -3.66 -29.88 17.32
C CYS B 368 -4.27 -29.34 16.04
N SER B 369 -5.47 -29.85 15.72
CA SER B 369 -6.22 -29.33 14.59
C SER B 369 -7.02 -28.10 14.99
N LEU B 370 -7.07 -27.13 14.09
CA LEU B 370 -7.86 -25.93 14.33
C LEU B 370 -9.33 -26.20 14.09
N THR B 371 -10.17 -25.68 14.97
CA THR B 371 -11.62 -25.80 14.78
C THR B 371 -12.05 -24.96 13.59
N THR B 372 -13.31 -25.11 13.20
CA THR B 372 -13.81 -24.38 12.04
C THR B 372 -13.78 -22.88 12.28
N GLU B 373 -14.33 -22.42 13.40
CA GLU B 373 -14.36 -20.98 13.66
C GLU B 373 -12.97 -20.43 13.93
N LYS B 374 -12.12 -21.19 14.63
CA LYS B 374 -10.74 -20.74 14.85
C LYS B 374 -10.00 -20.61 13.53
N TRP B 375 -10.19 -21.58 12.63
CA TRP B 375 -9.57 -21.53 11.31
C TRP B 375 -10.07 -20.33 10.52
N VAL B 376 -11.38 -20.08 10.56
CA VAL B 376 -11.93 -18.94 9.82
C VAL B 376 -11.39 -17.63 10.38
N GLY B 377 -11.25 -17.54 11.69
CA GLY B 377 -10.67 -16.36 12.30
C GLY B 377 -9.23 -16.15 11.86
N MET B 378 -8.43 -17.21 11.91
CA MET B 378 -7.03 -17.10 11.50
C MET B 378 -6.90 -16.79 10.02
N MET B 379 -7.88 -17.20 9.22
CA MET B 379 -7.84 -17.01 7.78
C MET B 379 -8.43 -15.67 7.33
N THR B 380 -9.24 -15.05 8.17
CA THR B 380 -9.76 -13.71 7.89
C THR B 380 -8.93 -12.60 8.50
N ASP B 381 -8.28 -12.85 9.64
CA ASP B 381 -7.40 -11.88 10.25
C ASP B 381 -6.11 -12.54 10.73
N VAL B 409 4.58 -7.87 23.48
CA VAL B 409 3.70 -6.81 23.01
C VAL B 409 4.12 -6.34 21.63
N TYR B 410 3.22 -6.45 20.66
CA TYR B 410 3.53 -6.10 19.29
C TYR B 410 3.74 -4.60 19.18
N SER B 411 4.88 -4.20 18.63
CA SER B 411 5.32 -2.81 18.61
C SER B 411 5.21 -2.26 17.19
N LYS B 412 4.26 -1.34 16.99
CA LYS B 412 4.03 -0.79 15.66
C LYS B 412 5.14 0.19 15.28
N LYS B 413 5.57 1.03 16.21
CA LYS B 413 6.70 1.92 15.94
C LYS B 413 7.98 1.13 15.75
N GLY B 414 8.17 0.07 16.53
CA GLY B 414 9.31 -0.80 16.31
C GLY B 414 9.28 -1.43 14.93
N LEU B 415 8.12 -1.91 14.49
CA LEU B 415 8.01 -2.46 13.15
C LEU B 415 8.31 -1.41 12.10
N GLU B 416 7.80 -0.20 12.30
CA GLU B 416 7.99 0.88 11.33
C GLU B 416 9.46 1.26 11.21
N HIS B 417 10.16 1.36 12.32
CA HIS B 417 11.53 1.87 12.33
C HIS B 417 12.59 0.78 12.40
N LYS B 418 12.19 -0.50 12.29
CA LYS B 418 13.14 -1.60 12.48
C LYS B 418 14.47 -1.35 11.79
N LYS B 419 14.46 -0.84 10.57
CA LYS B 419 15.73 -0.65 9.85
C LYS B 419 16.61 0.38 10.55
N GLU B 420 16.04 1.54 10.89
CA GLU B 420 16.81 2.59 11.55
C GLU B 420 17.27 2.15 12.93
N LEU B 421 16.38 1.49 13.68
CA LEU B 421 16.73 1.04 15.02
C LEU B 421 17.82 -0.01 14.98
N GLN B 422 17.78 -0.92 13.99
CA GLN B 422 18.83 -1.90 13.85
C GLN B 422 20.15 -1.24 13.48
N GLN B 423 20.12 -0.31 12.52
CA GLN B 423 21.36 0.37 12.17
C GLN B 423 21.90 1.21 13.32
N LEU B 424 21.04 1.60 14.25
CA LEU B 424 21.49 2.35 15.42
C LEU B 424 22.13 1.43 16.45
N LEU B 425 21.36 0.47 16.97
CA LEU B 425 21.82 -0.34 18.09
C LEU B 425 22.61 -1.55 17.63
N PHE B 426 22.10 -2.29 16.66
CA PHE B 426 22.67 -3.57 16.26
C PHE B 426 23.36 -3.45 14.91
N SER B 427 24.05 -2.33 14.68
CA SER B 427 24.81 -2.16 13.46
C SER B 427 25.78 -3.32 13.26
N VAL B 428 25.56 -4.12 12.23
CA VAL B 428 26.43 -5.25 11.93
C VAL B 428 27.74 -4.69 11.37
N PRO B 429 28.87 -4.94 12.02
CA PRO B 429 30.12 -4.31 11.59
C PRO B 429 30.73 -5.03 10.40
N PRO B 430 31.63 -4.35 9.67
CA PRO B 430 32.23 -5.15 8.63
C PRO B 430 33.55 -5.68 9.05
N GLY B 431 33.74 -6.98 9.09
CA GLY B 431 35.01 -7.63 9.31
C GLY B 431 35.49 -7.74 10.74
N TYR B 432 34.61 -7.68 11.72
CA TYR B 432 35.00 -8.01 13.09
C TYR B 432 33.74 -8.30 13.91
N LEU B 433 33.95 -8.86 15.09
CA LEU B 433 32.85 -9.28 15.96
C LEU B 433 32.65 -8.23 17.04
N ARG B 434 31.41 -7.76 17.17
CA ARG B 434 31.05 -6.67 18.07
C ARG B 434 30.26 -7.21 19.25
N TYR B 435 30.67 -6.85 20.46
CA TYR B 435 30.00 -7.27 21.68
C TYR B 435 29.15 -6.11 22.18
N THR B 436 27.86 -6.34 22.37
CA THR B 436 26.94 -5.31 22.84
C THR B 436 26.04 -5.89 23.90
N PRO B 437 25.57 -5.06 24.85
CA PRO B 437 25.99 -3.66 25.08
C PRO B 437 27.35 -3.61 25.76
N GLU B 438 28.20 -2.65 25.37
CA GLU B 438 29.58 -2.63 25.85
C GLU B 438 29.66 -2.39 27.35
N SER B 439 28.79 -1.55 27.90
CA SER B 439 28.80 -1.32 29.34
C SER B 439 28.54 -2.62 30.09
N LEU B 440 27.52 -3.37 29.67
CA LEU B 440 27.22 -4.64 30.32
C LEU B 440 28.35 -5.64 30.13
N TRP B 441 28.96 -5.67 28.94
CA TRP B 441 30.05 -6.60 28.70
C TRP B 441 31.24 -6.29 29.62
N ARG B 442 31.58 -5.01 29.77
CA ARG B 442 32.65 -4.63 30.68
C ARG B 442 32.29 -5.01 32.12
N ASP B 443 31.03 -4.77 32.51
CA ASP B 443 30.63 -5.13 33.86
C ASP B 443 30.79 -6.62 34.10
N LEU B 444 30.37 -7.43 33.12
CA LEU B 444 30.45 -8.88 33.27
C LEU B 444 31.89 -9.34 33.38
N ILE B 445 32.75 -8.88 32.46
CA ILE B 445 34.14 -9.33 32.49
C ILE B 445 34.85 -8.82 33.73
N SER B 446 34.44 -7.69 34.29
CA SER B 446 35.04 -7.24 35.54
C SER B 446 34.59 -8.08 36.71
N GLU B 447 33.29 -8.41 36.78
CA GLU B 447 32.78 -9.19 37.91
C GLU B 447 33.30 -10.61 37.89
N HIS B 448 33.41 -11.23 36.73
CA HIS B 448 33.66 -12.66 36.61
C HIS B 448 35.05 -12.89 36.03
N ARG B 449 35.86 -13.66 36.75
CA ARG B 449 37.24 -13.92 36.36
C ARG B 449 37.30 -14.95 35.24
N GLY B 450 37.94 -14.59 34.13
CA GLY B 450 38.10 -15.50 33.01
C GLY B 450 36.97 -15.51 32.01
N LEU B 451 35.90 -14.74 32.26
CA LEU B 451 34.79 -14.71 31.32
C LEU B 451 35.21 -14.13 29.99
N GLU B 452 36.05 -13.08 30.00
CA GLU B 452 36.53 -12.51 28.75
C GLU B 452 37.28 -13.56 27.93
N GLU B 453 38.20 -14.28 28.57
CA GLU B 453 38.94 -15.31 27.85
C GLU B 453 38.02 -16.40 27.33
N LEU B 454 37.05 -16.83 28.15
CA LEU B 454 36.11 -17.85 27.72
C LEU B 454 35.37 -17.42 26.46
N ILE B 455 34.77 -16.23 26.50
CA ILE B 455 33.97 -15.77 25.37
C ILE B 455 34.85 -15.54 24.15
N ASN B 456 36.03 -14.96 24.35
CA ASN B 456 36.92 -14.73 23.21
C ASN B 456 37.35 -16.05 22.59
N LYS B 457 37.65 -17.06 23.40
CA LYS B 457 38.00 -18.37 22.86
C LYS B 457 36.84 -18.94 22.06
N GLN B 458 35.63 -18.86 22.61
CA GLN B 458 34.46 -19.36 21.89
C GLN B 458 34.15 -18.56 20.63
N MET B 459 34.64 -17.33 20.53
CA MET B 459 34.31 -16.45 19.42
C MET B 459 35.35 -16.47 18.31
N GLN B 460 36.39 -17.27 18.44
CA GLN B 460 37.41 -17.32 17.40
C GLN B 460 36.86 -17.73 16.04
N PRO B 461 35.99 -18.72 15.91
CA PRO B 461 35.54 -19.13 14.58
C PRO B 461 34.87 -18.03 13.78
N PHE B 462 34.26 -17.04 14.45
CA PHE B 462 33.42 -16.05 13.80
C PHE B 462 34.26 -14.81 13.50
N PHE B 463 34.33 -14.45 12.22
CA PHE B 463 35.13 -13.31 11.80
C PHE B 463 34.31 -12.02 11.70
N ARG B 464 33.00 -12.09 11.88
CA ARG B 464 32.15 -10.92 11.73
C ARG B 464 30.79 -11.21 12.34
N GLY B 465 30.21 -10.20 12.97
CA GLY B 465 28.89 -10.34 13.55
C GLY B 465 28.76 -9.49 14.80
N ILE B 466 27.72 -9.78 15.57
CA ILE B 466 27.42 -9.07 16.80
C ILE B 466 27.03 -10.08 17.87
N LEU B 467 27.60 -9.93 19.05
CA LEU B 467 27.32 -10.79 20.19
C LEU B 467 26.58 -9.98 21.24
N ILE B 468 25.28 -10.22 21.37
CA ILE B 468 24.39 -9.38 22.15
C ILE B 468 24.28 -10.01 23.53
N PHE B 469 24.90 -9.37 24.52
CA PHE B 469 24.91 -9.92 25.87
C PHE B 469 23.67 -9.49 26.64
N SER B 470 23.43 -10.19 27.75
CA SER B 470 22.34 -9.87 28.66
C SER B 470 22.60 -10.58 29.98
N ARG B 471 22.05 -10.01 31.05
CA ARG B 471 22.12 -10.71 32.33
C ARG B 471 21.33 -12.01 32.27
N SER B 472 20.16 -11.98 31.65
CA SER B 472 19.37 -13.19 31.44
C SER B 472 18.45 -12.93 30.26
N TRP B 473 18.75 -13.55 29.12
CA TRP B 473 17.84 -13.49 27.99
C TRP B 473 16.50 -14.13 28.32
N ALA B 474 16.49 -15.09 29.26
CA ALA B 474 15.25 -15.69 29.70
C ALA B 474 14.34 -14.65 30.33
N VAL B 475 14.88 -13.81 31.22
CA VAL B 475 14.09 -12.74 31.82
C VAL B 475 13.75 -11.69 30.78
N ASP B 476 14.70 -11.40 29.88
CA ASP B 476 14.41 -10.47 28.80
C ASP B 476 13.22 -10.91 27.97
N LEU B 477 13.01 -12.23 27.84
CA LEU B 477 11.89 -12.78 27.09
C LEU B 477 10.76 -13.25 28.00
N ASN B 478 10.71 -12.75 29.24
CA ASN B 478 9.67 -13.04 30.23
C ASN B 478 9.74 -14.46 30.75
N LEU B 479 10.80 -15.21 30.47
CA LEU B 479 10.96 -16.51 31.07
C LEU B 479 11.56 -16.38 32.46
N GLN B 480 11.37 -17.42 33.27
CA GLN B 480 11.80 -17.37 34.66
C GLN B 480 13.32 -17.34 34.76
N GLU B 481 13.83 -16.52 35.65
CA GLU B 481 15.26 -16.43 35.88
C GLU B 481 15.79 -17.72 36.49
N LYS B 482 16.99 -18.10 36.08
CA LYS B 482 17.70 -19.25 36.66
C LYS B 482 18.91 -18.75 37.41
N PRO B 483 18.99 -18.94 38.74
CA PRO B 483 20.23 -18.61 39.44
C PRO B 483 21.39 -19.45 38.94
N GLY B 484 22.58 -18.84 38.93
CA GLY B 484 23.76 -19.50 38.42
C GLY B 484 24.12 -19.12 37.00
N VAL B 485 23.29 -18.34 36.32
CA VAL B 485 23.57 -17.92 34.95
C VAL B 485 24.37 -16.62 35.01
N ILE B 486 25.63 -16.68 34.59
CA ILE B 486 26.46 -15.48 34.58
C ILE B 486 25.92 -14.48 33.57
N CYS B 487 25.59 -14.96 32.38
CA CYS B 487 25.04 -14.10 31.34
C CYS B 487 24.56 -14.97 30.19
N ASP B 488 23.69 -14.40 29.36
CA ASP B 488 23.30 -14.96 28.09
C ASP B 488 23.76 -14.04 26.97
N ALA B 489 24.32 -14.63 25.93
CA ALA B 489 24.81 -13.89 24.78
C ALA B 489 24.21 -14.49 23.52
N LEU B 490 23.60 -13.65 22.69
CA LEU B 490 23.02 -14.09 21.43
C LEU B 490 23.99 -13.75 20.30
N LEU B 491 24.67 -14.75 19.77
CA LEU B 491 25.56 -14.53 18.64
C LEU B 491 24.75 -14.46 17.35
N ILE B 492 25.04 -13.45 16.55
CA ILE B 492 24.47 -13.30 15.21
C ILE B 492 25.64 -12.97 14.30
N ALA B 493 26.23 -13.99 13.70
CA ALA B 493 27.48 -13.85 12.96
C ALA B 493 27.34 -14.45 11.57
N GLN B 494 28.23 -14.02 10.68
CA GLN B 494 28.19 -14.49 9.31
C GLN B 494 28.61 -15.95 9.24
N ASN B 495 28.09 -16.66 8.23
CA ASN B 495 28.42 -18.06 7.99
C ASN B 495 28.14 -18.91 9.22
N SER B 496 27.10 -18.55 9.97
CA SER B 496 26.74 -19.27 11.18
C SER B 496 25.27 -19.00 11.48
N THR B 497 24.62 -19.99 12.10
CA THR B 497 23.28 -19.80 12.58
C THR B 497 23.31 -18.97 13.85
N PRO B 498 22.19 -18.34 14.21
CA PRO B 498 22.11 -17.70 15.53
C PRO B 498 22.40 -18.71 16.64
N ILE B 499 23.21 -18.31 17.60
CA ILE B 499 23.57 -19.15 18.73
C ILE B 499 23.29 -18.38 20.00
N LEU B 500 22.48 -18.96 20.88
CA LEU B 500 22.25 -18.39 22.20
C LEU B 500 23.19 -19.07 23.18
N TYR B 501 24.21 -18.35 23.60
CA TYR B 501 25.13 -18.85 24.61
C TYR B 501 24.59 -18.56 25.99
N THR B 502 24.67 -19.56 26.87
CA THR B 502 24.37 -19.41 28.28
C THR B 502 25.62 -19.74 29.08
N ILE B 503 26.10 -18.77 29.85
CA ILE B 503 27.32 -18.92 30.63
C ILE B 503 26.95 -19.17 32.06
N LEU B 504 27.40 -20.32 32.59
CA LEU B 504 27.10 -20.72 33.96
C LEU B 504 28.38 -20.66 34.79
N ARG B 505 28.25 -20.24 36.04
CA ARG B 505 29.42 -20.19 36.90
C ARG B 505 29.97 -21.58 37.20
N GLU B 506 29.11 -22.57 37.36
CA GLU B 506 29.53 -23.95 37.58
C GLU B 506 28.64 -24.88 36.76
N GLN B 507 29.17 -26.06 36.47
CA GLN B 507 28.42 -27.03 35.67
C GLN B 507 27.07 -27.30 36.31
N ASP B 508 26.04 -27.38 35.47
CA ASP B 508 24.68 -27.54 35.96
C ASP B 508 23.91 -28.44 35.01
N ALA B 509 23.13 -29.36 35.56
CA ALA B 509 22.32 -30.25 34.74
C ALA B 509 21.19 -29.50 34.05
N GLU B 510 20.55 -28.58 34.77
CA GLU B 510 19.46 -27.78 34.24
C GLU B 510 19.93 -26.77 33.20
N GLY B 511 21.22 -26.45 33.19
CA GLY B 511 21.68 -25.35 32.35
C GLY B 511 21.31 -25.52 30.89
N GLN B 512 21.50 -26.73 30.35
CA GLN B 512 21.11 -26.96 28.97
C GLN B 512 19.61 -26.83 28.76
N ASP B 513 18.81 -27.28 29.72
CA ASP B 513 17.37 -27.12 29.61
C ASP B 513 16.98 -25.65 29.57
N TYR B 514 17.58 -24.84 30.44
CA TYR B 514 17.29 -23.41 30.47
C TYR B 514 17.72 -22.74 29.17
N CYS B 515 18.93 -23.06 28.69
CA CYS B 515 19.41 -22.44 27.46
C CYS B 515 18.55 -22.85 26.27
N THR B 516 18.14 -24.11 26.21
CA THR B 516 17.31 -24.58 25.11
C THR B 516 15.94 -23.92 25.15
N ARG B 517 15.35 -23.80 26.33
CA ARG B 517 14.07 -23.11 26.44
C ARG B 517 14.19 -21.68 25.98
N THR B 518 15.26 -20.99 26.41
CA THR B 518 15.45 -19.60 26.00
C THR B 518 15.64 -19.49 24.50
N ALA B 519 16.43 -20.39 23.90
CA ALA B 519 16.68 -20.33 22.47
C ALA B 519 15.41 -20.63 21.68
N PHE B 520 14.62 -21.60 22.13
CA PHE B 520 13.35 -21.89 21.46
C PHE B 520 12.43 -20.68 21.55
N THR B 521 12.34 -20.06 22.72
CA THR B 521 11.49 -18.89 22.87
C THR B 521 11.98 -17.75 21.98
N LEU B 522 13.29 -17.58 21.89
CA LEU B 522 13.84 -16.50 21.07
C LEU B 522 13.54 -16.73 19.59
N LYS B 523 13.68 -17.97 19.12
CA LYS B 523 13.38 -18.26 17.72
C LYS B 523 11.90 -18.07 17.43
N GLN B 524 11.04 -18.54 18.33
CA GLN B 524 9.61 -18.39 18.13
C GLN B 524 9.20 -16.93 18.16
N LYS B 525 9.83 -16.13 19.02
CA LYS B 525 9.55 -14.70 19.03
C LYS B 525 10.06 -14.04 17.74
N LEU B 526 11.26 -14.40 17.30
CA LEU B 526 11.80 -13.83 16.07
C LEU B 526 10.86 -14.06 14.91
N VAL B 527 10.22 -15.22 14.87
CA VAL B 527 9.32 -15.52 13.76
C VAL B 527 7.94 -14.91 13.99
N ASN B 528 7.25 -15.32 15.05
CA ASN B 528 5.85 -15.00 15.25
C ASN B 528 5.62 -13.56 15.67
N MET B 529 6.62 -12.88 16.20
CA MET B 529 6.45 -11.55 16.77
C MET B 529 7.37 -10.57 16.07
N GLY B 530 8.60 -10.99 15.80
CA GLY B 530 9.51 -10.16 15.03
C GLY B 530 9.26 -10.23 13.54
N GLY B 531 8.49 -11.20 13.08
CA GLY B 531 8.15 -11.28 11.67
C GLY B 531 9.31 -11.59 10.76
N TYR B 532 10.19 -12.50 11.16
CA TYR B 532 11.29 -12.92 10.29
C TYR B 532 10.78 -13.96 9.31
N THR B 533 10.87 -13.64 8.02
CA THR B 533 10.34 -14.50 6.96
C THR B 533 11.40 -15.40 6.35
N GLY B 534 12.62 -15.37 6.85
CA GLY B 534 13.66 -16.27 6.39
C GLY B 534 13.70 -17.55 7.20
N LYS B 535 14.71 -18.35 6.93
CA LYS B 535 14.93 -19.59 7.67
C LYS B 535 15.79 -19.32 8.89
N VAL B 536 15.21 -19.48 10.07
CA VAL B 536 15.86 -19.12 11.32
C VAL B 536 15.93 -20.34 12.23
N CYS B 537 17.10 -20.54 12.83
CA CYS B 537 17.27 -21.47 13.93
C CYS B 537 18.21 -20.85 14.94
N VAL B 538 17.84 -20.89 16.21
CA VAL B 538 18.69 -20.41 17.28
C VAL B 538 19.27 -21.64 17.97
N ARG B 539 20.58 -21.82 17.85
CA ARG B 539 21.26 -22.95 18.49
C ARG B 539 21.57 -22.59 19.93
N ALA B 540 21.20 -23.47 20.85
CA ALA B 540 21.43 -23.27 22.26
C ALA B 540 22.72 -23.96 22.66
N LYS B 541 23.66 -23.20 23.22
CA LYS B 541 24.91 -23.76 23.72
C LYS B 541 25.16 -23.25 25.13
N VAL B 542 25.46 -24.16 26.06
CA VAL B 542 25.80 -23.76 27.41
C VAL B 542 27.30 -23.72 27.57
N LEU B 543 27.80 -22.66 28.19
CA LEU B 543 29.21 -22.51 28.52
C LEU B 543 29.37 -22.41 30.02
N CYS B 544 30.52 -22.84 30.51
CA CYS B 544 30.78 -22.90 31.94
C CYS B 544 32.11 -22.23 32.23
N LEU B 545 32.12 -21.33 33.23
CA LEU B 545 33.36 -20.65 33.59
C LEU B 545 34.34 -21.58 34.28
N SER B 546 33.84 -22.61 34.96
CA SER B 546 34.70 -23.51 35.71
C SER B 546 34.53 -24.94 35.20
N PRO B 547 35.58 -25.78 35.28
CA PRO B 547 35.48 -27.16 34.83
C PRO B 547 34.75 -28.05 35.85
N VAL B 558 21.79 -35.58 24.60
CA VAL B 558 21.20 -35.12 23.34
C VAL B 558 22.27 -34.44 22.49
N SER B 559 22.27 -34.77 21.20
CA SER B 559 23.21 -34.13 20.27
C SER B 559 22.48 -33.11 19.41
N PRO B 560 23.12 -31.98 19.12
CA PRO B 560 22.40 -30.90 18.41
C PRO B 560 22.06 -31.29 16.98
N MET B 561 20.98 -30.70 16.48
CA MET B 561 20.59 -30.86 15.09
C MET B 561 21.57 -30.13 14.18
N ASP B 562 21.84 -30.71 13.02
CA ASP B 562 22.59 -30.03 11.98
C ASP B 562 21.59 -29.46 11.00
N TYR B 563 21.58 -28.14 10.85
CA TYR B 563 20.62 -27.49 9.99
C TYR B 563 21.17 -27.35 8.57
N PRO B 564 20.30 -27.16 7.58
CA PRO B 564 20.79 -26.93 6.22
C PRO B 564 21.64 -25.66 6.14
N ALA B 565 22.46 -25.59 5.11
CA ALA B 565 23.32 -24.42 4.94
C ALA B 565 22.52 -23.16 4.68
N SER B 566 21.24 -23.27 4.34
CA SER B 566 20.40 -22.09 4.14
C SER B 566 20.00 -21.45 5.47
N TYR B 567 20.23 -22.12 6.59
CA TYR B 567 19.94 -21.54 7.89
C TYR B 567 21.10 -20.72 8.42
N SER B 568 22.27 -20.82 7.81
CA SER B 568 23.40 -19.99 8.20
C SER B 568 23.23 -18.60 7.62
N LEU B 569 23.64 -17.59 8.39
CA LEU B 569 23.51 -16.20 7.96
C LEU B 569 24.55 -15.92 6.89
N ALA B 570 24.09 -15.80 5.64
CA ALA B 570 25.02 -15.67 4.52
C ALA B 570 25.86 -14.41 4.61
N GLY B 571 25.26 -13.28 4.95
CA GLY B 571 26.00 -12.04 5.01
C GLY B 571 25.17 -10.91 5.54
N THR B 572 25.46 -9.71 5.01
CA THR B 572 24.90 -8.48 5.57
C THR B 572 23.38 -8.48 5.50
N GLN B 573 22.82 -8.88 4.37
CA GLN B 573 21.36 -8.80 4.22
C GLN B 573 20.65 -9.72 5.21
N HIS B 574 21.10 -10.97 5.30
CA HIS B 574 20.49 -11.90 6.24
C HIS B 574 20.64 -11.44 7.67
N MET B 575 21.84 -10.99 8.03
CA MET B 575 22.08 -10.57 9.41
C MET B 575 21.27 -9.34 9.75
N GLU B 576 21.15 -8.40 8.81
CA GLU B 576 20.35 -7.20 9.04
C GLU B 576 18.88 -7.53 9.19
N ALA B 577 18.36 -8.42 8.35
CA ALA B 577 16.95 -8.82 8.49
C ALA B 577 16.70 -9.50 9.83
N LEU B 578 17.60 -10.39 10.23
CA LEU B 578 17.45 -11.06 11.51
C LEU B 578 17.53 -10.07 12.67
N LEU B 579 18.45 -9.11 12.59
CA LEU B 579 18.61 -8.14 13.66
C LEU B 579 17.43 -7.17 13.71
N GLN B 580 16.78 -6.91 12.57
CA GLN B 580 15.60 -6.07 12.58
C GLN B 580 14.41 -6.78 13.18
N SER B 581 14.25 -8.08 12.89
CA SER B 581 13.27 -8.86 13.63
C SER B 581 13.59 -8.91 15.12
N LEU B 582 14.87 -8.99 15.47
CA LEU B 582 15.26 -8.95 16.88
C LEU B 582 14.92 -7.61 17.51
N VAL B 583 15.06 -6.51 16.77
CA VAL B 583 14.66 -5.21 17.27
C VAL B 583 13.17 -5.20 17.56
N ILE B 584 12.37 -5.70 16.63
CA ILE B 584 10.93 -5.74 16.84
C ILE B 584 10.59 -6.60 18.06
N VAL B 585 11.30 -7.71 18.24
CA VAL B 585 11.03 -8.58 19.38
C VAL B 585 11.41 -7.90 20.68
N LEU B 586 12.60 -7.31 20.73
CA LEU B 586 13.08 -6.69 21.95
C LEU B 586 12.17 -5.54 22.37
N LEU B 587 11.64 -4.79 21.41
CA LEU B 587 10.80 -3.66 21.76
C LEU B 587 9.51 -4.09 22.45
N GLY B 588 9.17 -5.37 22.39
CA GLY B 588 7.98 -5.88 23.05
C GLY B 588 8.18 -6.41 24.44
N PHE B 589 9.39 -6.32 25.00
CA PHE B 589 9.69 -6.82 26.32
C PHE B 589 10.43 -5.75 27.11
N ARG B 590 10.37 -5.88 28.43
CA ARG B 590 11.13 -5.00 29.31
C ARG B 590 12.54 -5.55 29.49
N SER B 591 13.53 -4.77 29.07
CA SER B 591 14.92 -5.17 29.23
C SER B 591 15.79 -3.97 28.91
N LEU B 592 17.10 -4.12 29.13
CA LEU B 592 18.03 -3.03 28.86
C LEU B 592 17.99 -2.65 27.38
N LEU B 593 18.15 -3.62 26.51
CA LEU B 593 18.17 -3.33 25.08
C LEU B 593 16.81 -2.86 24.59
N SER B 594 15.74 -3.40 25.15
CA SER B 594 14.41 -2.92 24.79
C SER B 594 14.25 -1.45 25.16
N ASP B 595 14.73 -1.06 26.35
CA ASP B 595 14.63 0.34 26.75
C ASP B 595 15.52 1.23 25.90
N GLN B 596 16.70 0.76 25.51
CA GLN B 596 17.53 1.55 24.60
C GLN B 596 16.85 1.72 23.24
N LEU B 597 16.22 0.66 22.73
CA LEU B 597 15.45 0.78 21.50
C LEU B 597 14.28 1.74 21.66
N GLY B 598 13.66 1.75 22.84
CA GLY B 598 12.59 2.69 23.09
C GLY B 598 13.07 4.13 23.11
N CYS B 599 14.24 4.36 23.71
CA CYS B 599 14.86 5.68 23.65
C CYS B 599 15.10 6.10 22.20
N GLU B 600 15.62 5.19 21.39
CA GLU B 600 15.83 5.51 19.98
C GLU B 600 14.51 5.76 19.26
N VAL B 601 13.45 5.04 19.61
CA VAL B 601 12.15 5.29 18.98
C VAL B 601 11.64 6.67 19.36
N LEU B 602 11.82 7.06 20.61
CA LEU B 602 11.43 8.42 21.01
C LEU B 602 12.24 9.45 20.24
N ASN B 603 13.53 9.21 20.06
CA ASN B 603 14.36 10.14 19.31
C ASN B 603 13.92 10.23 17.86
N LEU B 604 13.55 9.09 17.26
CA LEU B 604 13.07 9.09 15.88
C LEU B 604 11.75 9.82 15.75
N LEU B 605 10.84 9.63 16.70
CA LEU B 605 9.59 10.37 16.68
C LEU B 605 9.84 11.86 16.80
N THR B 606 10.74 12.25 17.69
CA THR B 606 11.10 13.66 17.82
C THR B 606 11.69 14.20 16.52
N ALA B 607 12.53 13.40 15.86
CA ALA B 607 13.12 13.83 14.59
C ALA B 607 12.07 14.01 13.52
N GLN B 608 11.07 13.13 13.46
CA GLN B 608 10.00 13.29 12.48
C GLN B 608 9.18 14.54 12.78
N GLN B 609 8.79 14.74 14.03
CA GLN B 609 8.05 15.95 14.38
C GLN B 609 8.88 17.19 14.11
N TYR B 610 10.20 17.11 14.27
CA TYR B 610 11.05 18.24 13.94
C TYR B 610 11.13 18.46 12.44
N GLU B 611 11.08 17.39 11.65
CA GLU B 611 11.05 17.58 10.20
C GLU B 611 9.79 18.31 9.79
N ILE B 612 8.67 18.01 10.44
CA ILE B 612 7.45 18.79 10.23
C ILE B 612 7.67 20.24 10.69
N PHE B 613 8.31 20.41 11.84
CA PHE B 613 8.35 21.71 12.52
C PHE B 613 9.29 22.68 11.82
N SER B 614 10.45 22.21 11.38
CA SER B 614 11.50 23.07 10.87
C SER B 614 11.10 23.80 9.60
N ARG B 615 10.03 23.37 8.93
CA ARG B 615 9.58 24.07 7.74
C ARG B 615 9.07 25.46 8.05
N SER B 616 8.85 25.77 9.33
CA SER B 616 8.45 27.11 9.74
C SER B 616 9.61 28.08 9.78
N LEU B 617 10.85 27.61 9.71
CA LEU B 617 11.99 28.52 9.75
C LEU B 617 12.03 29.40 8.51
N ARG B 618 11.75 28.83 7.35
CA ARG B 618 11.71 29.58 6.10
C ARG B 618 10.53 30.55 6.05
N LYS B 619 9.58 30.44 6.97
CA LYS B 619 8.34 31.19 6.91
C LYS B 619 8.16 32.20 8.02
N ASN B 620 8.90 32.07 9.12
CA ASN B 620 8.74 32.94 10.28
C ASN B 620 10.09 33.51 10.70
N ARG B 621 10.10 34.80 11.03
CA ARG B 621 11.26 35.41 11.68
C ARG B 621 11.01 35.43 13.18
N GLU B 622 9.92 36.07 13.60
CA GLU B 622 9.47 35.97 14.98
C GLU B 622 8.40 34.89 15.08
N LEU B 623 8.57 33.98 16.03
CA LEU B 623 7.64 32.87 16.20
C LEU B 623 7.57 32.50 17.66
N PHE B 624 6.36 32.33 18.17
CA PHE B 624 6.13 31.82 19.51
C PHE B 624 5.74 30.35 19.40
N VAL B 625 6.59 29.48 19.91
CA VAL B 625 6.36 28.04 19.85
C VAL B 625 5.72 27.63 21.17
N HIS B 626 4.50 27.13 21.10
CA HIS B 626 3.77 26.68 22.29
C HIS B 626 3.79 25.16 22.33
N GLY B 627 4.68 24.59 23.13
CA GLY B 627 4.75 23.16 23.26
C GLY B 627 3.94 22.66 24.43
N LEU B 628 3.51 21.42 24.32
CA LEU B 628 2.86 20.73 25.43
C LEU B 628 3.90 19.97 26.25
N PRO B 629 3.57 19.60 27.48
CA PRO B 629 4.51 18.81 28.29
C PRO B 629 5.00 17.58 27.56
N GLY B 630 6.31 17.48 27.38
CA GLY B 630 6.88 16.34 26.67
C GLY B 630 6.72 16.37 25.18
N SER B 631 6.45 17.53 24.59
CA SER B 631 6.27 17.64 23.15
C SER B 631 7.57 17.77 22.39
N GLY B 632 8.70 17.86 23.09
CA GLY B 632 10.00 17.97 22.45
C GLY B 632 10.54 19.37 22.36
N LYS B 633 9.90 20.35 22.98
CA LYS B 633 10.24 21.76 22.88
C LYS B 633 11.74 22.03 22.82
N THR B 634 12.49 21.56 23.81
CA THR B 634 13.92 21.89 23.87
C THR B 634 14.72 21.16 22.80
N ILE B 635 14.36 19.92 22.48
CA ILE B 635 15.03 19.23 21.38
C ILE B 635 14.78 19.96 20.07
N MET B 636 13.55 20.41 19.87
CA MET B 636 13.23 21.20 18.69
C MET B 636 14.03 22.49 18.65
N ALA B 637 14.17 23.16 19.79
CA ALA B 637 14.94 24.39 19.84
C ALA B 637 16.40 24.14 19.50
N MET B 638 16.97 23.07 20.04
CA MET B 638 18.35 22.72 19.73
C MET B 638 18.52 22.46 18.25
N LYS B 639 17.64 21.64 17.67
CA LYS B 639 17.71 21.34 16.25
C LYS B 639 17.46 22.57 15.40
N ILE B 640 16.61 23.50 15.84
CA ILE B 640 16.33 24.68 15.04
C ILE B 640 17.53 25.62 15.05
N MET B 641 18.24 25.70 16.18
CA MET B 641 19.48 26.46 16.17
C MET B 641 20.52 25.83 15.25
N GLU B 642 20.61 24.49 15.28
CA GLU B 642 21.49 23.80 14.35
C GLU B 642 21.12 24.12 12.90
N LYS B 643 19.83 24.18 12.59
CA LYS B 643 19.36 24.49 11.24
C LYS B 643 19.53 25.95 10.87
N ILE B 644 19.38 26.87 11.84
CA ILE B 644 19.64 28.27 11.58
C ILE B 644 21.08 28.45 11.17
N ARG B 645 22.00 27.79 11.88
CA ARG B 645 23.41 27.88 11.51
C ARG B 645 23.59 27.64 10.01
N ASN B 646 23.02 26.57 9.48
CA ASN B 646 23.20 26.24 8.08
C ASN B 646 22.43 27.19 7.15
N VAL B 647 21.15 27.42 7.43
CA VAL B 647 20.31 28.11 6.45
C VAL B 647 20.71 29.58 6.35
N PHE B 648 21.23 30.17 7.43
CA PHE B 648 21.68 31.55 7.37
C PHE B 648 23.21 31.66 7.30
N HIS B 649 23.92 30.53 7.34
CA HIS B 649 25.36 30.52 7.16
C HIS B 649 26.08 31.33 8.22
N CYS B 650 25.40 31.68 9.30
CA CYS B 650 26.03 32.45 10.37
C CYS B 650 26.82 31.53 11.29
N GLU B 651 27.91 32.07 11.84
CA GLU B 651 28.71 31.30 12.78
C GLU B 651 27.91 31.01 14.04
N ALA B 652 28.23 29.87 14.66
CA ALA B 652 27.44 29.40 15.80
C ALA B 652 27.32 30.46 16.89
N HIS B 653 28.41 31.19 17.16
CA HIS B 653 28.37 32.20 18.20
C HIS B 653 27.47 33.37 17.86
N ARG B 654 27.02 33.50 16.61
CA ARG B 654 26.04 34.52 16.26
C ARG B 654 24.63 34.16 16.69
N ILE B 655 24.40 32.93 17.13
CA ILE B 655 23.09 32.48 17.59
C ILE B 655 23.11 32.45 19.11
N LEU B 656 22.09 33.03 19.74
CA LEU B 656 22.00 33.09 21.18
C LEU B 656 20.85 32.24 21.68
N TYR B 657 21.07 31.58 22.80
CA TYR B 657 20.05 30.79 23.49
C TYR B 657 19.87 31.34 24.89
N VAL B 658 18.64 31.70 25.25
CA VAL B 658 18.33 32.30 26.54
C VAL B 658 17.30 31.43 27.24
N CYS B 659 17.61 31.03 28.47
CA CYS B 659 16.74 30.18 29.26
C CYS B 659 16.80 30.65 30.71
N GLU B 660 15.78 30.27 31.47
CA GLU B 660 15.70 30.69 32.87
C GLU B 660 16.65 29.91 33.76
N ASN B 661 16.84 28.62 33.49
CA ASN B 661 17.49 27.71 34.42
C ASN B 661 18.95 27.49 34.06
N GLN B 662 19.81 27.61 35.07
CA GLN B 662 21.25 27.40 34.85
C GLN B 662 21.57 25.98 34.42
N PRO B 663 20.97 24.93 34.99
CA PRO B 663 21.26 23.58 34.48
C PRO B 663 20.96 23.41 33.00
N LEU B 664 19.84 23.94 32.53
CA LEU B 664 19.52 23.89 31.11
C LEU B 664 20.51 24.71 30.29
N ARG B 665 20.87 25.89 30.79
CA ARG B 665 21.87 26.69 30.10
C ARG B 665 23.16 25.90 29.92
N ASN B 666 23.60 25.22 30.99
CA ASN B 666 24.83 24.43 30.91
C ASN B 666 24.68 23.29 29.92
N PHE B 667 23.56 22.58 29.97
CA PHE B 667 23.35 21.46 29.08
C PHE B 667 23.42 21.90 27.63
N ILE B 668 22.80 23.04 27.31
CA ILE B 668 22.84 23.54 25.94
C ILE B 668 24.24 24.02 25.58
N SER B 669 24.91 24.71 26.49
CA SER B 669 26.26 25.21 26.21
C SER B 669 27.21 24.07 25.90
N ASP B 670 26.98 22.90 26.51
CA ASP B 670 27.90 21.78 26.32
C ASP B 670 27.92 21.26 24.90
N ARG B 671 26.97 21.65 24.05
CA ARG B 671 26.92 21.17 22.67
C ARG B 671 27.55 22.12 21.68
N ASN B 672 27.77 23.37 22.05
CA ASN B 672 28.45 24.37 21.23
C ASN B 672 27.66 24.76 19.98
N ILE B 673 26.39 24.37 19.89
CA ILE B 673 25.57 24.74 18.73
C ILE B 673 25.10 26.18 18.79
N CYS B 674 25.45 26.92 19.84
CA CYS B 674 25.09 28.32 19.96
C CYS B 674 25.77 28.88 21.21
N ARG B 675 25.52 30.16 21.45
CA ARG B 675 25.83 30.73 22.75
C ARG B 675 24.59 30.69 23.64
N ALA B 676 24.73 30.15 24.85
CA ALA B 676 23.60 29.94 25.73
C ALA B 676 23.82 30.69 27.04
N GLU B 677 22.93 31.64 27.33
CA GLU B 677 22.99 32.42 28.55
C GLU B 677 21.67 32.30 29.30
N THR B 678 21.66 32.82 30.52
CA THR B 678 20.47 32.85 31.35
C THR B 678 19.81 34.22 31.22
N ARG B 679 18.53 34.29 31.58
CA ARG B 679 17.79 35.54 31.46
C ARG B 679 18.53 36.67 32.15
N LYS B 680 19.01 36.45 33.38
CA LYS B 680 19.72 37.49 34.11
C LYS B 680 20.99 37.89 33.37
N THR B 681 21.77 36.90 32.90
CA THR B 681 22.96 37.21 32.13
C THR B 681 22.62 37.94 30.84
N PHE B 682 21.54 37.49 30.17
CA PHE B 682 21.13 38.14 28.93
C PHE B 682 20.82 39.62 29.16
N LEU B 683 20.08 39.92 30.22
CA LEU B 683 19.72 41.30 30.50
C LEU B 683 20.93 42.11 30.94
N ARG B 684 21.82 41.52 31.75
CA ARG B 684 22.94 42.29 32.28
C ARG B 684 23.97 42.61 31.20
N GLU B 685 24.38 41.61 30.43
CA GLU B 685 25.41 41.81 29.42
C GLU B 685 24.82 42.40 28.14
N ASN B 686 25.72 42.74 27.22
CA ASN B 686 25.37 43.31 25.92
C ASN B 686 25.48 42.25 24.85
N PHE B 687 24.54 42.24 23.90
CA PHE B 687 24.49 41.21 22.87
C PHE B 687 24.18 41.79 21.49
N GLU B 688 24.63 43.00 21.20
CA GLU B 688 24.48 43.55 19.86
C GLU B 688 25.17 42.69 18.82
N HIS B 689 26.17 41.90 19.23
CA HIS B 689 26.88 41.02 18.32
C HIS B 689 25.98 39.90 17.79
N ILE B 690 24.90 39.60 18.52
CA ILE B 690 24.05 38.47 18.17
C ILE B 690 23.13 38.84 17.02
N GLN B 691 22.89 37.87 16.14
CA GLN B 691 21.95 38.03 15.03
C GLN B 691 20.62 37.35 15.32
N HIS B 692 20.65 36.07 15.71
CA HIS B 692 19.46 35.28 15.95
C HIS B 692 19.38 34.95 17.43
N ILE B 693 18.16 34.94 17.97
CA ILE B 693 17.92 34.64 19.37
C ILE B 693 16.83 33.58 19.45
N VAL B 694 17.12 32.51 20.19
CA VAL B 694 16.12 31.50 20.54
C VAL B 694 15.98 31.50 22.04
N ILE B 695 14.74 31.61 22.52
CA ILE B 695 14.44 31.68 23.95
C ILE B 695 13.60 30.47 24.31
N ASP B 696 13.99 29.81 25.40
CA ASP B 696 13.33 28.58 25.83
C ASP B 696 12.85 28.75 27.26
N GLU B 697 11.79 28.02 27.60
CA GLU B 697 11.15 28.15 28.91
C GLU B 697 10.81 29.61 29.19
N ALA B 698 10.31 30.30 28.17
CA ALA B 698 10.01 31.72 28.30
C ALA B 698 8.93 31.99 29.33
N GLN B 699 8.06 31.02 29.60
CA GLN B 699 7.00 31.23 30.57
C GLN B 699 7.53 31.33 31.99
N ASN B 700 8.74 30.83 32.25
CA ASN B 700 9.36 30.93 33.57
C ASN B 700 10.13 32.21 33.77
N PHE B 701 10.33 33.01 32.72
CA PHE B 701 11.11 34.23 32.85
C PHE B 701 10.44 35.19 33.82
N ARG B 702 11.16 36.25 34.17
CA ARG B 702 10.65 37.26 35.10
C ARG B 702 11.06 38.64 34.61
N THR B 703 10.33 39.65 35.07
CA THR B 703 10.51 41.01 34.59
C THR B 703 11.37 41.87 35.51
N GLU B 704 11.56 41.46 36.77
CA GLU B 704 12.20 42.35 37.73
C GLU B 704 13.61 42.75 37.31
N ASP B 705 14.25 41.95 36.46
CA ASP B 705 15.61 42.25 36.03
C ASP B 705 15.67 43.07 34.75
N GLY B 706 14.54 43.30 34.09
CA GLY B 706 14.54 44.08 32.87
C GLY B 706 13.52 43.62 31.86
N ASP B 707 13.55 44.20 30.66
CA ASP B 707 12.62 43.83 29.58
C ASP B 707 13.36 42.94 28.60
N TRP B 708 13.43 41.64 28.91
CA TRP B 708 14.13 40.70 28.05
C TRP B 708 13.49 40.60 26.68
N TYR B 709 12.15 40.63 26.62
CA TYR B 709 11.48 40.52 25.33
C TYR B 709 11.82 41.69 24.43
N GLY B 710 11.75 42.91 24.96
CA GLY B 710 12.12 44.08 24.18
C GLY B 710 13.57 44.05 23.76
N LYS B 711 14.45 43.64 24.67
CA LYS B 711 15.86 43.56 24.33
C LYS B 711 16.11 42.56 23.20
N ALA B 712 15.45 41.41 23.24
CA ALA B 712 15.59 40.41 22.20
C ALA B 712 15.04 40.91 20.87
N LYS B 713 13.87 41.57 20.90
CA LYS B 713 13.32 42.16 19.69
C LYS B 713 14.33 43.12 19.06
N SER B 714 14.88 44.02 19.87
CA SER B 714 15.83 45.00 19.35
C SER B 714 17.04 44.30 18.75
N ILE B 715 17.61 43.34 19.48
CA ILE B 715 18.83 42.69 19.02
C ILE B 715 18.59 41.98 17.70
N THR B 716 17.46 41.28 17.59
CA THR B 716 17.20 40.49 16.38
C THR B 716 16.85 41.38 15.20
N ARG B 717 16.07 42.44 15.43
CA ARG B 717 15.66 43.29 14.32
C ARG B 717 16.76 44.18 13.77
N ARG B 718 17.76 44.52 14.53
CA ARG B 718 18.81 45.33 14.05
C ARG B 718 20.00 44.46 13.67
N ALA B 719 19.73 43.22 13.31
CA ALA B 719 20.77 42.34 12.77
C ALA B 719 21.16 42.91 11.41
N LYS B 720 22.47 42.94 11.15
CA LYS B 720 22.98 43.58 9.95
C LYS B 720 22.60 42.85 8.68
N GLY B 721 22.49 41.52 8.71
CA GLY B 721 22.07 40.77 7.55
C GLY B 721 20.56 40.71 7.43
N GLY B 722 19.90 41.83 7.71
CA GLY B 722 18.46 41.89 7.76
C GLY B 722 17.97 41.40 9.12
N PRO B 723 16.69 41.58 9.40
CA PRO B 723 16.15 41.11 10.68
C PRO B 723 16.38 39.62 10.85
N GLY B 724 16.71 39.22 12.08
CA GLY B 724 17.05 37.85 12.38
C GLY B 724 15.90 37.06 12.97
N ILE B 725 16.21 35.82 13.33
CA ILE B 725 15.23 34.93 13.93
C ILE B 725 15.06 35.30 15.41
N LEU B 726 13.81 35.36 15.86
CA LEU B 726 13.48 35.52 17.27
C LEU B 726 12.40 34.50 17.58
N TRP B 727 12.80 33.28 17.93
CA TRP B 727 11.87 32.21 18.26
C TRP B 727 11.83 32.05 19.77
N ILE B 728 10.64 32.12 20.34
CA ILE B 728 10.43 32.05 21.78
C ILE B 728 9.69 30.75 22.05
N PHE B 729 10.37 29.81 22.69
CA PHE B 729 9.76 28.55 23.08
C PHE B 729 9.21 28.68 24.50
N LEU B 730 7.99 28.20 24.70
CA LEU B 730 7.37 28.30 26.01
C LEU B 730 6.33 27.20 26.17
N ASP B 731 6.06 26.85 27.42
CA ASP B 731 5.03 25.86 27.74
C ASP B 731 4.33 26.33 29.01
N TYR B 732 3.08 26.77 28.87
CA TYR B 732 2.36 27.31 30.02
C TYR B 732 2.00 26.24 31.04
N PHE B 733 2.00 24.96 30.64
CA PHE B 733 1.81 23.90 31.62
C PHE B 733 3.00 23.75 32.54
N GLN B 734 4.09 24.36 32.21
CA GLN B 734 5.21 24.19 33.02
C GLN B 734 5.56 25.50 33.57
N THR B 735 4.57 26.30 33.88
CA THR B 735 4.72 27.58 34.56
C THR B 735 5.23 27.33 35.97
N SER B 736 6.43 27.83 36.27
CA SER B 736 7.07 27.56 37.55
C SER B 736 6.79 28.63 38.59
N HIS B 737 6.13 29.73 38.23
CA HIS B 737 5.80 30.78 39.17
C HIS B 737 4.52 31.48 38.75
N LEU B 738 3.91 32.18 39.69
CA LEU B 738 2.65 32.88 39.48
C LEU B 738 2.86 34.35 39.11
N ASP B 739 4.10 34.79 38.93
CA ASP B 739 4.40 36.17 38.65
C ASP B 739 4.23 36.49 37.16
N CYS B 740 4.55 37.72 36.79
CA CYS B 740 4.54 38.11 35.39
C CYS B 740 5.86 37.73 34.72
N SER B 741 5.77 37.09 33.56
CA SER B 741 6.95 36.59 32.87
C SER B 741 7.52 37.59 31.86
N GLY B 742 6.82 38.68 31.58
CA GLY B 742 7.27 39.63 30.59
C GLY B 742 6.93 39.27 29.16
N LEU B 743 6.30 38.12 28.93
CA LEU B 743 5.91 37.75 27.58
C LEU B 743 4.81 38.69 27.09
N PRO B 744 4.71 38.89 25.78
CA PRO B 744 3.62 39.72 25.26
C PRO B 744 2.29 39.03 25.47
N PRO B 745 1.20 39.79 25.53
CA PRO B 745 -0.12 39.16 25.73
C PRO B 745 -0.34 38.02 24.76
N LEU B 746 -1.23 37.10 25.14
CA LEU B 746 -1.52 35.95 24.30
C LEU B 746 -2.09 36.39 22.95
N SER B 747 -2.82 37.50 22.92
CA SER B 747 -3.31 38.03 21.64
C SER B 747 -2.17 38.48 20.75
N ASP B 748 -1.07 38.94 21.35
CA ASP B 748 0.07 39.46 20.63
C ASP B 748 1.07 38.37 20.26
N GLN B 749 1.05 37.23 20.98
CA GLN B 749 1.97 36.15 20.74
C GLN B 749 1.72 35.47 19.39
N TYR B 750 2.02 36.16 18.30
CA TYR B 750 1.88 35.62 16.95
C TYR B 750 3.06 36.04 16.11
N PRO B 751 3.41 35.26 15.07
CA PRO B 751 2.80 34.00 14.64
C PRO B 751 3.06 32.89 15.64
N ARG B 752 2.31 31.79 15.58
CA ARG B 752 2.34 30.78 16.62
C ARG B 752 2.47 29.39 16.02
N GLU B 753 3.32 28.58 16.62
CA GLU B 753 3.44 27.17 16.29
C GLU B 753 3.18 26.35 17.54
N GLU B 754 2.43 25.26 17.39
CA GLU B 754 2.04 24.41 18.51
C GLU B 754 2.64 23.03 18.33
N LEU B 755 3.39 22.58 19.35
CA LEU B 755 3.91 21.22 19.39
C LEU B 755 3.01 20.43 20.34
N THR B 756 2.00 19.78 19.77
CA THR B 756 1.00 19.09 20.58
C THR B 756 1.29 17.62 20.78
N ARG B 757 2.07 17.00 19.88
CA ARG B 757 2.27 15.56 19.92
C ARG B 757 3.41 15.24 20.87
N ILE B 758 3.10 14.53 21.95
CA ILE B 758 4.11 14.15 22.95
C ILE B 758 4.99 13.06 22.36
N VAL B 759 6.30 13.32 22.29
CA VAL B 759 7.21 12.42 21.61
C VAL B 759 8.45 12.15 22.47
N ARG B 760 8.48 12.69 23.68
CA ARG B 760 9.67 12.59 24.52
C ARG B 760 9.53 11.59 25.65
N ASN B 761 8.33 11.11 25.95
CA ASN B 761 8.12 10.19 27.07
C ASN B 761 7.42 8.94 26.58
N ALA B 762 7.64 7.84 27.30
CA ALA B 762 6.98 6.58 26.99
C ALA B 762 5.47 6.72 27.15
N ASP B 763 4.75 5.68 26.76
CA ASP B 763 3.29 5.72 26.75
C ASP B 763 2.68 5.95 28.13
N PRO B 764 3.06 5.23 29.19
CA PRO B 764 2.47 5.51 30.50
C PRO B 764 2.74 6.94 30.97
N ILE B 765 3.96 7.42 30.79
CA ILE B 765 4.29 8.78 31.18
C ILE B 765 3.46 9.77 30.39
N ALA B 766 3.27 9.51 29.10
CA ALA B 766 2.51 10.41 28.24
C ALA B 766 1.05 10.48 28.68
N LYS B 767 0.46 9.33 28.98
CA LYS B 767 -0.94 9.32 29.42
C LYS B 767 -1.10 10.01 30.77
N TYR B 768 -0.16 9.77 31.69
CA TYR B 768 -0.19 10.48 32.96
C TYR B 768 -0.06 11.98 32.75
N LEU B 769 0.81 12.39 31.83
CA LEU B 769 0.95 13.80 31.51
C LEU B 769 -0.35 14.37 30.98
N GLN B 770 -1.04 13.63 30.11
CA GLN B 770 -2.31 14.13 29.59
C GLN B 770 -3.35 14.29 30.69
N LYS B 771 -3.45 13.33 31.60
CA LYS B 771 -4.41 13.46 32.69
C LYS B 771 -4.06 14.65 33.58
N GLU B 772 -2.78 14.82 33.91
CA GLU B 772 -2.39 15.98 34.70
C GLU B 772 -2.65 17.28 33.95
N MET B 773 -2.52 17.26 32.62
CA MET B 773 -2.81 18.44 31.82
C MET B 773 -4.28 18.79 31.92
N GLN B 774 -5.16 17.79 31.87
CA GLN B 774 -6.58 18.04 32.04
C GLN B 774 -6.89 18.61 33.41
N VAL B 775 -6.24 18.08 34.46
CA VAL B 775 -6.45 18.64 35.80
C VAL B 775 -5.98 20.09 35.84
N ILE B 776 -4.81 20.36 35.25
CA ILE B 776 -4.30 21.73 35.17
C ILE B 776 -5.32 22.63 34.49
N ARG B 777 -5.89 22.18 33.37
CA ARG B 777 -6.90 22.99 32.69
C ARG B 777 -8.10 23.24 33.59
N SER B 778 -8.53 22.23 34.34
CA SER B 778 -9.63 22.40 35.29
C SER B 778 -9.29 23.40 36.39
N ASN B 779 -8.01 23.58 36.73
CA ASN B 779 -7.60 24.56 37.74
C ASN B 779 -6.50 25.43 37.17
N PRO B 780 -6.84 26.35 36.27
CA PRO B 780 -5.81 27.22 35.67
C PRO B 780 -5.34 28.28 36.65
N SER B 781 -4.12 28.75 36.42
CA SER B 781 -3.54 29.78 37.28
C SER B 781 -4.09 31.16 36.91
N PHE B 782 -3.91 32.11 37.83
CA PHE B 782 -4.42 33.46 37.60
C PHE B 782 -3.47 34.32 36.78
N ASN B 783 -2.20 33.93 36.67
CA ASN B 783 -1.22 34.68 35.89
C ASN B 783 -1.10 34.18 34.46
N ILE B 784 -1.89 33.20 34.07
CA ILE B 784 -1.87 32.64 32.72
C ILE B 784 -3.12 33.14 31.99
N PRO B 785 -2.98 33.87 30.88
CA PRO B 785 -4.18 34.36 30.17
C PRO B 785 -5.12 33.22 29.82
N THR B 786 -6.34 33.59 29.41
CA THR B 786 -7.42 32.62 29.30
C THR B 786 -7.11 31.52 28.30
N GLY B 787 -6.67 31.88 27.09
CA GLY B 787 -6.54 30.92 26.02
C GLY B 787 -5.23 30.18 25.94
N CYS B 788 -4.32 30.40 26.90
CA CYS B 788 -3.01 29.77 26.83
C CYS B 788 -3.11 28.25 26.85
N LEU B 789 -3.94 27.71 27.74
CA LEU B 789 -3.94 26.29 28.03
C LEU B 789 -4.94 25.51 27.20
N GLU B 790 -5.65 26.16 26.29
CA GLU B 790 -6.60 25.48 25.42
C GLU B 790 -5.91 24.70 24.31
N VAL B 791 -4.59 24.57 24.37
CA VAL B 791 -3.85 23.70 23.45
C VAL B 791 -4.03 22.26 23.91
N PHE B 792 -4.47 21.40 23.00
CA PHE B 792 -4.75 20.01 23.33
C PHE B 792 -3.81 19.10 22.55
N PRO B 793 -3.38 17.99 23.14
CA PRO B 793 -2.57 17.03 22.39
C PRO B 793 -3.39 16.33 21.32
N GLU B 794 -2.69 15.83 20.30
CA GLU B 794 -3.34 15.07 19.26
C GLU B 794 -4.13 13.92 19.89
N ALA B 795 -5.42 13.82 19.53
CA ALA B 795 -6.32 12.94 20.27
C ALA B 795 -5.86 11.49 20.24
N GLU B 796 -5.58 10.95 19.04
CA GLU B 796 -5.23 9.55 18.89
C GLU B 796 -3.74 9.36 18.63
N TRP B 797 -2.91 10.27 19.13
CA TRP B 797 -1.46 10.12 19.00
C TRP B 797 -0.92 9.21 20.10
N SER B 798 -0.04 8.29 19.72
CA SER B 798 0.60 7.39 20.66
C SER B 798 2.07 7.31 20.33
N GLN B 799 2.88 7.02 21.36
CA GLN B 799 4.32 6.93 21.18
C GLN B 799 4.77 5.52 20.84
N GLY B 800 3.99 4.51 21.21
CA GLY B 800 4.34 3.13 20.90
C GLY B 800 5.58 2.66 21.63
N VAL B 801 5.98 3.40 22.66
CA VAL B 801 7.12 3.06 23.49
C VAL B 801 6.73 2.68 24.91
N GLN B 802 7.15 1.49 25.33
CA GLN B 802 6.82 1.07 26.70
C GLN B 802 7.58 1.69 27.84
N GLY B 803 6.88 2.01 28.93
CA GLY B 803 7.48 2.67 30.06
C GLY B 803 7.01 2.13 31.38
N THR B 804 7.24 2.88 32.45
CA THR B 804 6.85 2.45 33.79
C THR B 804 6.44 3.67 34.60
N LEU B 805 5.42 3.50 35.43
CA LEU B 805 4.91 4.57 36.28
C LEU B 805 4.36 3.97 37.56
N ARG B 806 5.08 4.15 38.66
CA ARG B 806 4.66 3.66 39.96
C ARG B 806 4.51 4.84 40.91
N ILE B 807 3.29 5.07 41.39
CA ILE B 807 3.03 6.09 42.40
C ILE B 807 3.05 5.37 43.75
N LYS B 808 4.25 5.29 44.33
CA LYS B 808 4.43 4.61 45.62
C LYS B 808 4.19 5.59 46.76
N LYS B 809 2.92 5.75 47.10
CA LYS B 809 2.50 6.72 48.11
C LYS B 809 2.46 6.09 49.49
N TYR B 810 2.27 6.94 50.50
CA TYR B 810 2.15 6.55 51.90
C TYR B 810 3.46 6.02 52.48
N LEU B 811 4.57 6.20 51.77
CA LEU B 811 5.87 5.75 52.26
C LEU B 811 6.52 6.85 53.10
N THR B 812 7.33 6.44 54.07
CA THR B 812 8.10 7.38 54.86
C THR B 812 9.34 7.82 54.07
N VAL B 813 10.07 8.79 54.62
CA VAL B 813 11.26 9.29 53.93
C VAL B 813 12.30 8.18 53.77
N GLU B 814 12.54 7.43 54.86
CA GLU B 814 13.57 6.39 54.82
C GLU B 814 13.15 5.27 53.88
N GLN B 815 11.87 4.88 53.92
CA GLN B 815 11.40 3.85 53.00
C GLN B 815 11.49 4.33 51.56
N ILE B 816 11.18 5.60 51.30
CA ILE B 816 11.30 6.15 49.95
C ILE B 816 12.74 6.04 49.47
N MET B 817 13.69 6.48 50.29
CA MET B 817 15.08 6.44 49.87
C MET B 817 15.56 5.01 49.66
N THR B 818 15.15 4.08 50.53
CA THR B 818 15.55 2.68 50.35
C THR B 818 14.96 2.10 49.07
N CYS B 819 13.70 2.42 48.77
CA CYS B 819 13.10 1.95 47.53
C CYS B 819 13.82 2.52 46.33
N VAL B 820 14.18 3.80 46.37
CA VAL B 820 14.93 4.41 45.28
C VAL B 820 16.26 3.71 45.09
N ALA B 821 16.97 3.47 46.19
CA ALA B 821 18.26 2.80 46.11
C ALA B 821 18.12 1.39 45.53
N ASP B 822 17.10 0.66 45.97
CA ASP B 822 16.89 -0.69 45.46
C ASP B 822 16.59 -0.67 43.97
N THR B 823 15.74 0.24 43.53
CA THR B 823 15.41 0.34 42.12
C THR B 823 16.64 0.69 41.30
N CYS B 824 17.44 1.65 41.78
CA CYS B 824 18.66 2.02 41.06
C CYS B 824 19.62 0.85 40.98
N ARG B 825 19.77 0.11 42.09
CA ARG B 825 20.67 -1.05 42.07
C ARG B 825 20.19 -2.10 41.10
N ARG B 826 18.88 -2.34 41.06
CA ARG B 826 18.34 -3.31 40.12
C ARG B 826 18.59 -2.88 38.68
N PHE B 827 18.36 -1.61 38.37
CA PHE B 827 18.63 -1.12 37.02
C PHE B 827 20.10 -1.27 36.66
N PHE B 828 20.99 -0.90 37.59
CA PHE B 828 22.41 -0.95 37.28
C PHE B 828 22.88 -2.39 37.10
N ASP B 829 22.35 -3.32 37.92
CA ASP B 829 22.65 -4.73 37.72
C ASP B 829 22.18 -5.20 36.35
N ARG B 830 20.96 -4.81 35.96
CA ARG B 830 20.46 -5.18 34.65
C ARG B 830 21.28 -4.55 33.53
N GLY B 831 21.99 -3.46 33.79
CA GLY B 831 22.92 -2.89 32.83
C GLY B 831 22.74 -1.42 32.55
N TYR B 832 21.76 -0.76 33.17
CA TYR B 832 21.53 0.65 32.92
C TYR B 832 22.63 1.48 33.57
N SER B 833 23.05 2.50 32.87
CA SER B 833 24.10 3.34 33.43
C SER B 833 23.53 4.30 34.46
N PRO B 834 24.31 4.72 35.46
CA PRO B 834 23.78 5.69 36.43
C PRO B 834 23.34 6.99 35.80
N LYS B 835 23.98 7.41 34.71
CA LYS B 835 23.60 8.63 34.03
C LYS B 835 22.23 8.56 33.37
N ASP B 836 21.53 7.44 33.51
CA ASP B 836 20.15 7.33 33.07
C ASP B 836 19.15 7.65 34.17
N VAL B 837 19.62 7.98 35.36
CA VAL B 837 18.78 8.10 36.55
C VAL B 837 18.90 9.52 37.10
N ALA B 838 17.75 10.10 37.45
CA ALA B 838 17.69 11.38 38.13
C ALA B 838 16.68 11.28 39.28
N VAL B 839 17.02 11.88 40.40
CA VAL B 839 16.15 11.94 41.57
C VAL B 839 15.74 13.38 41.75
N LEU B 840 14.44 13.65 41.64
CA LEU B 840 13.92 15.01 41.64
C LEU B 840 13.07 15.21 42.89
N VAL B 841 13.34 16.30 43.62
CA VAL B 841 12.64 16.61 44.83
C VAL B 841 11.78 17.85 44.62
N SER B 842 11.00 18.22 45.63
CA SER B 842 10.05 19.31 45.47
C SER B 842 10.76 20.65 45.29
N THR B 843 11.77 20.93 46.12
CA THR B 843 12.39 22.25 46.13
C THR B 843 13.89 22.09 46.30
N ALA B 844 14.62 23.15 45.91
CA ALA B 844 16.08 23.12 45.99
C ALA B 844 16.58 23.13 47.43
N LYS B 845 15.81 23.67 48.37
CA LYS B 845 16.27 23.73 49.75
C LYS B 845 16.39 22.33 50.37
N GLU B 846 15.51 21.41 49.99
CA GLU B 846 15.55 20.06 50.51
C GLU B 846 16.52 19.16 49.75
N VAL B 847 17.22 19.70 48.75
CA VAL B 847 18.12 18.89 47.95
C VAL B 847 19.23 18.32 48.81
N GLU B 848 19.79 19.13 49.71
CA GLU B 848 20.88 18.63 50.56
C GLU B 848 20.40 17.58 51.55
N HIS B 849 19.25 17.81 52.18
CA HIS B 849 18.71 16.81 53.09
C HIS B 849 18.46 15.49 52.36
N TYR B 850 17.85 15.56 51.18
CA TYR B 850 17.57 14.35 50.43
C TYR B 850 18.84 13.73 49.88
N LYS B 851 19.87 14.53 49.61
CA LYS B 851 21.15 13.98 49.21
C LYS B 851 21.77 13.15 50.33
N TYR B 852 21.75 13.69 51.54
CA TYR B 852 22.26 12.93 52.68
C TYR B 852 21.45 11.65 52.87
N GLU B 853 20.13 11.76 52.82
CA GLU B 853 19.30 10.58 53.06
C GLU B 853 19.46 9.55 51.96
N LEU B 854 19.64 9.98 50.71
CA LEU B 854 19.80 9.03 49.62
C LEU B 854 21.18 8.39 49.65
N LEU B 855 22.21 9.15 50.01
CA LEU B 855 23.53 8.56 50.16
C LEU B 855 23.53 7.53 51.28
N LYS B 856 22.77 7.79 52.34
CA LYS B 856 22.69 6.85 53.46
C LYS B 856 22.28 5.46 52.99
N ALA B 857 21.50 5.37 51.92
CA ALA B 857 21.08 4.09 51.37
C ALA B 857 21.92 3.66 50.18
N MET B 858 22.50 4.62 49.46
CA MET B 858 23.23 4.30 48.24
C MET B 858 24.63 3.78 48.56
N ARG B 859 25.18 4.16 49.70
CA ARG B 859 26.49 3.64 50.09
C ARG B 859 26.44 2.13 50.32
N LYS B 860 25.25 1.60 50.58
CA LYS B 860 25.06 0.16 50.71
C LYS B 860 24.85 -0.53 49.37
N LYS B 861 24.80 0.23 48.27
CA LYS B 861 24.61 -0.30 46.94
C LYS B 861 25.84 -0.13 46.06
N ARG B 862 26.99 0.17 46.66
CA ARG B 862 28.29 0.15 45.99
C ARG B 862 28.49 1.34 45.05
N VAL B 863 27.73 2.42 45.22
CA VAL B 863 27.95 3.66 44.47
C VAL B 863 27.57 4.83 45.37
N VAL B 864 28.38 5.89 45.30
CA VAL B 864 28.23 7.03 46.20
C VAL B 864 28.20 8.32 45.42
N GLN B 865 28.61 8.29 44.15
CA GLN B 865 28.78 9.50 43.35
C GLN B 865 27.42 9.97 42.84
N LEU B 866 26.83 10.91 43.58
CA LEU B 866 25.70 11.68 43.08
C LEU B 866 26.21 12.89 42.32
N SER B 867 25.28 13.67 41.76
CA SER B 867 25.65 14.84 40.98
C SER B 867 24.57 15.90 41.09
N ASP B 868 24.97 17.13 40.80
CA ASP B 868 24.04 18.24 40.68
C ASP B 868 23.52 18.32 39.25
N ALA B 869 22.36 18.96 39.08
CA ALA B 869 21.77 19.06 37.75
C ALA B 869 22.67 19.81 36.78
N CYS B 870 23.65 20.56 37.27
CA CYS B 870 24.57 21.30 36.41
C CYS B 870 25.67 20.42 35.83
N ASP B 871 25.69 19.14 36.17
CA ASP B 871 26.71 18.19 35.70
C ASP B 871 26.05 17.00 35.02
N MET B 872 25.18 17.27 34.03
CA MET B 872 24.41 16.21 33.40
C MET B 872 25.31 15.17 32.73
N LEU B 873 26.40 15.61 32.11
CA LEU B 873 27.23 14.70 31.33
C LEU B 873 28.00 13.69 32.17
N GLY B 874 28.14 13.93 33.48
CA GLY B 874 28.86 12.98 34.31
C GLY B 874 28.09 11.69 34.45
N ASP B 875 28.84 10.60 34.70
CA ASP B 875 28.24 9.28 34.91
C ASP B 875 27.75 9.09 36.33
N HIS B 876 26.91 10.00 36.82
CA HIS B 876 26.42 9.98 38.18
C HIS B 876 24.91 10.16 38.19
N ILE B 877 24.27 9.73 39.28
CA ILE B 877 22.86 10.03 39.46
C ILE B 877 22.70 11.49 39.79
N VAL B 878 21.73 12.13 39.14
CA VAL B 878 21.48 13.55 39.33
C VAL B 878 20.36 13.73 40.35
N LEU B 879 20.68 14.35 41.48
CA LEU B 879 19.69 14.71 42.48
C LEU B 879 19.59 16.23 42.55
N ASP B 880 18.38 16.75 42.27
CA ASP B 880 18.11 18.18 42.25
C ASP B 880 16.63 18.40 42.34
N SER B 881 16.16 19.64 42.47
CA SER B 881 14.74 19.96 42.44
C SER B 881 14.07 19.86 41.08
N VAL B 882 12.74 19.77 41.12
CA VAL B 882 11.97 19.69 39.88
C VAL B 882 12.15 20.95 39.05
N ARG B 883 12.11 22.11 39.71
CA ARG B 883 12.20 23.38 38.99
C ARG B 883 13.55 23.52 38.30
N ARG B 884 14.63 23.14 38.97
CA ARG B 884 15.95 23.30 38.38
C ARG B 884 16.21 22.29 37.26
N PHE B 885 15.42 21.22 37.20
CA PHE B 885 15.59 20.23 36.15
C PHE B 885 14.72 20.52 34.93
N SER B 886 14.05 21.65 34.88
CA SER B 886 13.23 21.99 33.72
C SER B 886 14.10 22.06 32.46
N GLY B 887 13.61 21.44 31.40
CA GLY B 887 14.33 21.38 30.14
C GLY B 887 15.24 20.19 29.99
N LEU B 888 15.45 19.41 31.05
CA LEU B 888 16.34 18.26 31.01
C LEU B 888 15.52 16.96 31.05
N GLU B 889 16.18 15.87 30.66
CA GLU B 889 15.50 14.59 30.54
C GLU B 889 16.53 13.53 30.91
N ARG B 890 16.03 12.40 31.50
CA ARG B 890 16.84 11.23 31.89
C ARG B 890 15.92 10.08 31.79
N SER B 891 16.37 8.87 31.41
CA SER B 891 15.51 7.71 31.26
C SER B 891 14.68 7.28 32.47
N ILE B 892 15.27 7.36 33.65
CA ILE B 892 14.63 6.97 34.90
C ILE B 892 14.61 8.18 35.82
N VAL B 893 13.44 8.49 36.37
CA VAL B 893 13.25 9.63 37.26
C VAL B 893 12.54 9.16 38.51
N PHE B 894 13.00 9.63 39.67
CA PHE B 894 12.39 9.34 40.96
C PHE B 894 11.89 10.66 41.54
N GLY B 895 10.58 10.89 41.46
CA GLY B 895 10.00 12.08 42.02
C GLY B 895 9.61 11.88 43.47
N ILE B 896 10.17 12.68 44.37
CA ILE B 896 10.01 12.50 45.81
C ILE B 896 9.23 13.66 46.38
N HIS B 897 8.10 13.36 47.03
CA HIS B 897 7.33 14.31 47.81
C HIS B 897 7.11 15.61 47.05
N PRO B 898 6.49 15.58 45.86
CA PRO B 898 6.20 16.84 45.16
C PRO B 898 5.41 17.80 46.04
N ARG B 899 5.85 19.05 46.07
CA ARG B 899 5.28 20.04 46.99
C ARG B 899 5.70 21.42 46.53
N THR B 900 4.99 22.43 47.05
CA THR B 900 5.28 23.82 46.71
C THR B 900 4.87 24.71 47.88
N ALA B 901 5.44 25.91 47.91
CA ALA B 901 5.09 26.86 48.96
C ALA B 901 3.62 27.23 48.92
N ASP B 902 3.08 27.44 47.72
CA ASP B 902 1.66 27.73 47.53
C ASP B 902 1.02 26.55 46.82
N PRO B 903 0.14 25.79 47.49
CA PRO B 903 -0.40 24.56 46.87
C PRO B 903 -0.99 24.75 45.48
N ALA B 904 -1.25 26.00 45.09
CA ALA B 904 -1.80 26.26 43.76
C ALA B 904 -0.89 25.72 42.66
N ILE B 905 0.42 25.65 42.90
CA ILE B 905 1.36 25.23 41.87
C ILE B 905 1.66 23.74 41.92
N LEU B 906 1.09 23.00 42.87
CA LEU B 906 1.34 21.57 42.94
C LEU B 906 0.92 20.84 41.67
N PRO B 907 -0.25 21.10 41.08
CA PRO B 907 -0.56 20.43 39.81
C PRO B 907 0.44 20.75 38.71
N ASN B 908 1.05 21.93 38.74
CA ASN B 908 2.08 22.25 37.76
C ASN B 908 3.38 21.52 38.06
N VAL B 909 3.77 21.42 39.32
CA VAL B 909 5.03 20.75 39.66
C VAL B 909 4.92 19.26 39.30
N LEU B 910 3.73 18.69 39.46
CA LEU B 910 3.57 17.29 39.07
C LEU B 910 3.85 17.08 37.59
N ILE B 911 3.33 17.96 36.72
CA ILE B 911 3.62 17.85 35.29
C ILE B 911 5.10 18.11 35.02
N CYS B 912 5.65 19.15 35.64
CA CYS B 912 7.06 19.47 35.44
C CYS B 912 7.94 18.30 35.83
N LEU B 913 7.48 17.47 36.76
CA LEU B 913 8.23 16.26 37.12
C LEU B 913 8.01 15.16 36.10
N ALA B 914 6.75 14.85 35.80
CA ALA B 914 6.46 13.71 34.95
C ALA B 914 7.01 13.88 33.55
N SER B 915 7.22 15.12 33.11
CA SER B 915 7.73 15.35 31.76
C SER B 915 9.24 15.20 31.67
N ARG B 916 9.93 14.99 32.79
CA ARG B 916 11.38 14.81 32.76
C ARG B 916 11.79 13.35 32.59
N ALA B 917 10.85 12.42 32.77
CA ALA B 917 11.14 10.99 32.71
C ALA B 917 10.83 10.49 31.31
N LYS B 918 11.84 9.94 30.63
CA LYS B 918 11.62 9.43 29.28
C LYS B 918 10.89 8.09 29.31
N GLN B 919 11.30 7.18 30.18
CA GLN B 919 10.71 5.85 30.17
C GLN B 919 10.18 5.40 31.53
N HIS B 920 10.92 5.67 32.60
CA HIS B 920 10.59 5.15 33.92
C HIS B 920 10.42 6.32 34.88
N LEU B 921 9.31 6.34 35.60
CA LEU B 921 8.98 7.41 36.53
C LEU B 921 8.43 6.82 37.81
N TYR B 922 8.99 7.24 38.93
CA TYR B 922 8.55 6.81 40.25
C TYR B 922 8.23 8.05 41.08
N ILE B 923 7.00 8.14 41.55
CA ILE B 923 6.51 9.29 42.30
C ILE B 923 6.19 8.86 43.72
N PHE B 924 6.62 9.66 44.70
CA PHE B 924 6.43 9.37 46.11
C PHE B 924 5.74 10.57 46.77
N PRO B 925 4.43 10.73 46.56
CA PRO B 925 3.74 11.89 47.08
C PRO B 925 3.53 11.81 48.59
N TRP B 926 2.96 12.88 49.13
CA TRP B 926 2.65 12.94 50.56
C TRP B 926 1.40 12.12 50.87
N GLY B 927 1.34 11.63 52.10
CA GLY B 927 0.20 10.85 52.56
C GLY B 927 -0.78 11.68 53.38
N PRO C 35 -6.87 -20.38 -38.67
CA PRO C 35 -6.49 -19.47 -37.58
C PRO C 35 -7.67 -18.98 -36.78
N LEU C 36 -7.41 -18.18 -35.75
CA LEU C 36 -8.46 -17.54 -34.96
C LEU C 36 -8.46 -16.05 -35.27
N VAL C 37 -9.63 -15.53 -35.63
CA VAL C 37 -9.77 -14.13 -36.03
C VAL C 37 -11.01 -13.58 -35.34
N VAL C 38 -10.91 -12.33 -34.89
CA VAL C 38 -12.03 -11.66 -34.23
C VAL C 38 -13.05 -11.25 -35.29
N GLU C 39 -14.33 -11.45 -34.99
CA GLU C 39 -15.37 -11.02 -35.90
C GLU C 39 -15.54 -9.51 -35.83
N PRO C 40 -15.74 -8.82 -36.95
CA PRO C 40 -15.75 -7.35 -36.92
C PRO C 40 -17.09 -6.71 -36.66
N SER C 41 -18.20 -7.43 -36.83
CA SER C 41 -19.53 -6.84 -36.81
C SER C 41 -20.08 -6.67 -35.40
N TYR C 42 -19.23 -6.67 -34.38
CA TYR C 42 -19.71 -6.68 -33.01
C TYR C 42 -19.10 -5.54 -32.20
N PRO C 43 -19.82 -5.01 -31.21
CA PRO C 43 -19.22 -4.00 -30.34
C PRO C 43 -18.41 -4.63 -29.22
N ASP C 44 -17.59 -5.61 -29.57
CA ASP C 44 -16.83 -6.39 -28.59
C ASP C 44 -15.86 -7.28 -29.35
N LEU C 45 -14.93 -7.87 -28.62
CA LEU C 45 -14.06 -8.89 -29.18
C LEU C 45 -14.81 -10.20 -29.25
N VAL C 46 -15.15 -10.64 -30.45
CA VAL C 46 -15.84 -11.91 -30.67
C VAL C 46 -14.93 -12.78 -31.51
N ILE C 47 -14.44 -13.86 -30.91
CA ILE C 47 -13.59 -14.83 -31.60
C ILE C 47 -14.44 -16.02 -31.95
N ASN C 48 -14.45 -16.39 -33.22
CA ASN C 48 -15.17 -17.56 -33.70
C ASN C 48 -14.20 -18.72 -33.79
N VAL C 49 -14.34 -19.70 -32.89
CA VAL C 49 -13.47 -20.86 -32.89
C VAL C 49 -14.01 -22.00 -33.74
N GLY C 50 -15.14 -21.80 -34.42
CA GLY C 50 -15.66 -22.81 -35.32
C GLY C 50 -16.38 -23.91 -34.58
N GLU C 51 -16.48 -25.07 -35.24
CA GLU C 51 -17.17 -26.22 -34.67
C GLU C 51 -16.40 -26.74 -33.46
N VAL C 52 -17.12 -27.03 -32.38
CA VAL C 52 -16.56 -27.62 -31.18
C VAL C 52 -17.55 -28.65 -30.66
N THR C 53 -17.06 -29.81 -30.25
CA THR C 53 -17.91 -30.83 -29.65
C THR C 53 -18.11 -30.51 -28.18
N LEU C 54 -19.37 -30.39 -27.77
CA LEU C 54 -19.70 -29.97 -26.41
C LEU C 54 -20.49 -31.07 -25.72
N GLY C 55 -20.32 -31.16 -24.41
CA GLY C 55 -20.91 -32.21 -23.63
C GLY C 55 -19.86 -33.23 -23.24
N GLU C 56 -19.90 -33.68 -21.99
CA GLU C 56 -18.90 -34.65 -21.55
C GLU C 56 -19.03 -35.96 -22.30
N GLU C 57 -20.23 -36.41 -22.51
CA GLU C 57 -20.40 -37.65 -23.18
C GLU C 57 -20.04 -37.57 -24.60
N ASN C 58 -20.35 -36.48 -25.22
CA ASN C 58 -19.99 -36.28 -26.63
C ASN C 58 -18.49 -36.16 -26.80
N ARG C 59 -17.80 -35.52 -25.86
CA ARG C 59 -16.36 -35.34 -25.99
C ARG C 59 -15.59 -36.59 -25.60
N LYS C 60 -16.17 -37.48 -24.79
CA LYS C 60 -15.51 -38.74 -24.50
C LYS C 60 -15.45 -39.63 -25.74
N LYS C 61 -16.42 -39.49 -26.64
CA LYS C 61 -16.45 -40.29 -27.86
C LYS C 61 -15.47 -39.81 -28.92
N LEU C 62 -14.80 -38.67 -28.69
CA LEU C 62 -13.84 -38.17 -29.65
C LEU C 62 -12.51 -38.88 -29.50
N GLN C 63 -11.72 -38.85 -30.58
CA GLN C 63 -10.33 -39.26 -30.48
C GLN C 63 -9.56 -38.20 -29.71
N LYS C 64 -8.50 -38.62 -29.01
CA LYS C 64 -7.78 -37.69 -28.15
C LYS C 64 -7.19 -36.54 -28.97
N ILE C 65 -6.77 -36.81 -30.21
CA ILE C 65 -6.16 -35.76 -31.01
C ILE C 65 -7.16 -34.66 -31.31
N GLN C 66 -8.36 -35.03 -31.77
CA GLN C 66 -9.39 -34.05 -32.05
C GLN C 66 -9.85 -33.35 -30.77
N ARG C 67 -10.00 -34.10 -29.69
CA ARG C 67 -10.40 -33.50 -28.42
C ARG C 67 -9.41 -32.43 -28.00
N ASP C 68 -8.11 -32.74 -28.05
CA ASP C 68 -7.09 -31.79 -27.65
C ASP C 68 -7.03 -30.61 -28.61
N GLN C 69 -7.24 -30.83 -29.90
CA GLN C 69 -7.22 -29.71 -30.85
C GLN C 69 -8.37 -28.75 -30.58
N GLU C 70 -9.57 -29.27 -30.37
CA GLU C 70 -10.70 -28.40 -30.06
C GLU C 70 -10.48 -27.67 -28.75
N LYS C 71 -9.97 -28.37 -27.73
CA LYS C 71 -9.68 -27.73 -26.47
C LYS C 71 -8.65 -26.62 -26.63
N GLU C 72 -7.60 -26.87 -27.41
CA GLU C 72 -6.56 -25.86 -27.59
C GLU C 72 -7.09 -24.64 -28.34
N ARG C 73 -7.98 -24.86 -29.31
CA ARG C 73 -8.60 -23.72 -29.98
C ARG C 73 -9.41 -22.87 -29.00
N VAL C 74 -10.30 -23.53 -28.24
CA VAL C 74 -11.13 -22.78 -27.30
C VAL C 74 -10.27 -22.09 -26.25
N MET C 75 -9.17 -22.71 -25.84
CA MET C 75 -8.33 -22.09 -24.81
C MET C 75 -7.49 -20.96 -25.38
N ARG C 76 -7.08 -21.05 -26.65
CA ARG C 76 -6.46 -19.90 -27.28
C ARG C 76 -7.42 -18.72 -27.32
N ALA C 77 -8.67 -18.98 -27.68
CA ALA C 77 -9.66 -17.90 -27.70
C ALA C 77 -9.85 -17.32 -26.30
N ALA C 78 -9.98 -18.19 -25.29
CA ALA C 78 -10.21 -17.71 -23.93
C ALA C 78 -9.02 -16.91 -23.42
N CYS C 79 -7.80 -17.39 -23.68
CA CYS C 79 -6.60 -16.67 -23.24
C CYS C 79 -6.51 -15.32 -23.93
N ALA C 80 -6.79 -15.28 -25.23
CA ALA C 80 -6.74 -14.02 -25.96
C ALA C 80 -7.74 -13.03 -25.40
N LEU C 81 -8.97 -13.49 -25.14
CA LEU C 81 -9.99 -12.59 -24.64
C LEU C 81 -9.70 -12.15 -23.21
N LEU C 82 -9.12 -13.03 -22.40
CA LEU C 82 -8.72 -12.64 -21.05
C LEU C 82 -7.64 -11.58 -21.09
N ASN C 83 -6.68 -11.71 -22.00
CA ASN C 83 -5.57 -10.77 -22.08
C ASN C 83 -5.90 -9.52 -22.88
N SER C 84 -7.02 -9.49 -23.58
CA SER C 84 -7.35 -8.39 -24.49
C SER C 84 -8.61 -7.63 -24.06
N GLY C 85 -8.97 -7.65 -22.79
CA GLY C 85 -10.10 -6.88 -22.31
C GLY C 85 -11.40 -7.62 -22.26
N GLY C 86 -11.40 -8.93 -22.49
CA GLY C 86 -12.63 -9.70 -22.48
C GLY C 86 -13.31 -9.67 -23.83
N GLY C 87 -14.30 -10.55 -23.96
CA GLY C 87 -15.01 -10.68 -25.22
C GLY C 87 -15.98 -11.83 -25.19
N VAL C 88 -16.23 -12.43 -26.35
CA VAL C 88 -17.11 -13.58 -26.48
C VAL C 88 -16.44 -14.61 -27.36
N ILE C 89 -16.38 -15.86 -26.90
CA ILE C 89 -15.95 -16.98 -27.73
C ILE C 89 -17.21 -17.60 -28.33
N ARG C 90 -17.28 -17.61 -29.64
CA ARG C 90 -18.41 -18.21 -30.35
C ARG C 90 -17.97 -19.53 -30.94
N MET C 91 -18.67 -20.59 -30.59
CA MET C 91 -18.45 -21.91 -31.18
C MET C 91 -19.79 -22.49 -31.60
N ALA C 92 -19.84 -22.99 -32.83
CA ALA C 92 -21.01 -23.69 -33.31
C ALA C 92 -21.00 -25.11 -32.76
N LYS C 93 -22.05 -25.48 -32.06
CA LYS C 93 -22.13 -26.80 -31.44
C LYS C 93 -22.91 -27.74 -32.33
N LYS C 94 -22.48 -29.00 -32.36
CA LYS C 94 -22.97 -29.98 -33.31
C LYS C 94 -24.31 -30.59 -32.90
N VAL C 95 -25.02 -29.99 -31.96
CA VAL C 95 -26.30 -30.51 -31.49
C VAL C 95 -27.24 -29.34 -31.26
N GLU C 96 -28.55 -29.62 -31.37
CA GLU C 96 -29.54 -28.56 -31.22
C GLU C 96 -29.82 -28.23 -29.76
N HIS C 97 -29.79 -29.23 -28.89
CA HIS C 97 -30.28 -29.09 -27.53
C HIS C 97 -29.21 -28.58 -26.60
N PRO C 98 -29.60 -27.98 -25.46
CA PRO C 98 -28.62 -27.47 -24.51
C PRO C 98 -27.69 -28.57 -24.03
N VAL C 99 -26.41 -28.23 -23.86
CA VAL C 99 -25.40 -29.17 -23.42
C VAL C 99 -24.47 -28.49 -22.43
N GLU C 100 -23.83 -29.31 -21.60
CA GLU C 100 -22.76 -28.81 -20.75
C GLU C 100 -21.48 -28.65 -21.57
N MET C 101 -20.55 -27.85 -21.05
CA MET C 101 -19.34 -27.54 -21.79
C MET C 101 -18.43 -28.74 -21.93
N GLY C 102 -18.28 -29.52 -20.87
CA GLY C 102 -17.36 -30.65 -20.86
C GLY C 102 -16.34 -30.47 -19.76
N LEU C 103 -16.02 -31.57 -19.07
CA LEU C 103 -15.12 -31.49 -17.93
C LEU C 103 -13.73 -31.03 -18.33
N ASP C 104 -13.20 -31.51 -19.45
CA ASP C 104 -11.86 -31.11 -19.87
C ASP C 104 -11.80 -29.63 -20.20
N LEU C 105 -12.82 -29.09 -20.88
CA LEU C 105 -12.86 -27.66 -21.16
C LEU C 105 -12.99 -26.85 -19.87
N GLU C 106 -13.85 -27.31 -18.95
CA GLU C 106 -13.98 -26.63 -17.66
C GLU C 106 -12.65 -26.59 -16.94
N GLN C 107 -11.94 -27.70 -16.91
CA GLN C 107 -10.67 -27.75 -16.19
C GLN C 107 -9.60 -26.93 -16.88
N SER C 108 -9.63 -26.86 -18.21
CA SER C 108 -8.70 -25.98 -18.90
C SER C 108 -8.96 -24.52 -18.58
N LEU C 109 -10.23 -24.11 -18.50
CA LEU C 109 -10.55 -22.75 -18.08
C LEU C 109 -10.10 -22.51 -16.63
N ARG C 110 -10.29 -23.50 -15.76
CA ARG C 110 -9.85 -23.37 -14.38
C ARG C 110 -8.34 -23.21 -14.30
N GLU C 111 -7.60 -23.99 -15.08
CA GLU C 111 -6.14 -23.84 -15.10
C GLU C 111 -5.75 -22.50 -15.69
N LEU C 112 -6.55 -21.99 -16.62
CA LEU C 112 -6.27 -20.70 -17.24
C LEU C 112 -6.39 -19.57 -16.23
N ILE C 113 -7.47 -19.55 -15.45
CA ILE C 113 -7.67 -18.47 -14.47
C ILE C 113 -7.11 -18.81 -13.10
N GLN C 114 -6.49 -19.98 -12.93
CA GLN C 114 -5.91 -20.41 -11.66
C GLN C 114 -6.93 -20.31 -10.53
N SER C 115 -8.14 -20.81 -10.77
CA SER C 115 -9.20 -20.71 -9.78
C SER C 115 -10.37 -21.55 -10.22
N SER C 116 -11.06 -22.14 -9.24
CA SER C 116 -12.27 -22.88 -9.52
C SER C 116 -13.49 -21.96 -9.70
N ASP C 117 -13.32 -20.66 -9.47
CA ASP C 117 -14.38 -19.67 -9.67
C ASP C 117 -14.52 -19.32 -11.15
N LEU C 118 -15.09 -20.27 -11.90
CA LEU C 118 -15.26 -20.06 -13.33
C LEU C 118 -16.23 -18.92 -13.61
N GLN C 119 -17.32 -18.84 -12.84
CA GLN C 119 -18.36 -17.85 -13.10
C GLN C 119 -17.82 -16.43 -13.04
N ALA C 120 -16.71 -16.21 -12.36
CA ALA C 120 -16.15 -14.87 -12.27
C ALA C 120 -15.70 -14.35 -13.62
N PHE C 121 -15.12 -15.21 -14.46
CA PHE C 121 -14.55 -14.80 -15.74
C PHE C 121 -15.27 -15.37 -16.95
N PHE C 122 -15.94 -16.51 -16.81
CA PHE C 122 -16.58 -17.18 -17.93
C PHE C 122 -18.06 -17.38 -17.62
N GLU C 123 -18.91 -16.97 -18.54
CA GLU C 123 -20.34 -17.25 -18.48
C GLU C 123 -20.79 -17.68 -19.86
N THR C 124 -21.54 -18.78 -19.90
CA THR C 124 -21.89 -19.42 -21.16
C THR C 124 -23.35 -19.21 -21.47
N LYS C 125 -23.65 -19.13 -22.77
CA LYS C 125 -25.00 -19.11 -23.29
C LYS C 125 -25.03 -19.91 -24.58
N GLN C 126 -26.21 -20.40 -24.94
CA GLN C 126 -26.36 -21.18 -26.14
C GLN C 126 -27.74 -20.96 -26.73
N GLN C 127 -27.79 -20.69 -28.04
CA GLN C 127 -29.04 -20.47 -28.75
C GLN C 127 -28.97 -21.31 -30.03
N GLY C 128 -29.75 -22.37 -30.08
CA GLY C 128 -29.71 -23.23 -31.26
C GLY C 128 -28.33 -23.83 -31.43
N ARG C 129 -27.77 -23.70 -32.63
CA ARG C 129 -26.48 -24.31 -32.94
C ARG C 129 -25.31 -23.54 -32.36
N CYS C 130 -25.52 -22.35 -31.83
CA CYS C 130 -24.43 -21.49 -31.39
C CYS C 130 -24.26 -21.57 -29.88
N PHE C 131 -23.01 -21.72 -29.45
CA PHE C 131 -22.64 -21.75 -28.05
C PHE C 131 -21.66 -20.63 -27.78
N TYR C 132 -21.94 -19.82 -26.77
CA TYR C 132 -21.14 -18.64 -26.46
C TYR C 132 -20.49 -18.80 -25.10
N ILE C 133 -19.22 -18.42 -25.01
CA ILE C 133 -18.55 -18.21 -23.75
C ILE C 133 -18.22 -16.72 -23.68
N PHE C 134 -18.70 -16.06 -22.63
CA PHE C 134 -18.46 -14.64 -22.43
C PHE C 134 -17.31 -14.49 -21.43
N VAL C 135 -16.20 -13.93 -21.89
CA VAL C 135 -14.96 -13.90 -21.13
C VAL C 135 -14.77 -12.49 -20.58
N LYS C 136 -14.51 -12.40 -19.29
CA LYS C 136 -14.16 -11.14 -18.67
C LYS C 136 -12.65 -10.93 -18.74
N SER C 137 -12.24 -9.66 -18.71
CA SER C 137 -10.83 -9.33 -18.74
C SER C 137 -10.13 -9.86 -17.50
N TRP C 138 -8.95 -10.44 -17.69
CA TRP C 138 -8.18 -10.91 -16.54
C TRP C 138 -7.81 -9.74 -15.63
N SER C 139 -7.19 -8.71 -16.20
CA SER C 139 -6.86 -7.50 -15.46
C SER C 139 -7.26 -6.30 -16.31
N SER C 140 -7.55 -5.19 -15.63
CA SER C 140 -8.08 -4.01 -16.28
C SER C 140 -7.24 -2.80 -15.91
N GLY C 141 -7.11 -1.87 -16.86
CA GLY C 141 -6.47 -0.62 -16.63
C GLY C 141 -4.96 -0.71 -16.77
N PRO C 142 -4.30 0.44 -16.95
CA PRO C 142 -2.84 0.43 -16.97
C PRO C 142 -2.23 0.27 -15.59
N PHE C 143 -2.97 0.62 -14.54
CA PHE C 143 -2.51 0.54 -13.16
C PHE C 143 -3.57 -0.19 -12.34
N PRO C 144 -3.66 -1.51 -12.48
CA PRO C 144 -4.64 -2.27 -11.69
C PRO C 144 -4.33 -2.15 -10.20
N GLU C 145 -5.34 -2.40 -9.37
CA GLU C 145 -5.13 -2.42 -7.93
C GLU C 145 -4.33 -3.63 -7.49
N ASP C 146 -4.07 -4.58 -8.39
CA ASP C 146 -3.34 -5.80 -8.08
C ASP C 146 -2.02 -5.91 -8.83
N ARG C 147 -1.38 -4.79 -9.14
CA ARG C 147 -0.12 -4.82 -9.89
C ARG C 147 0.90 -5.72 -9.21
N SER C 148 1.05 -5.60 -7.90
CA SER C 148 2.06 -6.33 -7.15
C SER C 148 1.59 -7.70 -6.69
N VAL C 149 0.34 -8.07 -6.97
CA VAL C 149 -0.25 -9.31 -6.47
C VAL C 149 -0.45 -10.33 -7.58
N LYS C 150 -1.28 -10.00 -8.56
CA LYS C 150 -1.64 -10.94 -9.62
C LYS C 150 -0.94 -10.55 -10.92
N PRO C 151 -0.68 -11.51 -11.80
CA PRO C 151 -0.03 -11.19 -13.07
C PRO C 151 -0.98 -10.45 -14.01
N ARG C 152 -0.38 -9.74 -14.97
CA ARG C 152 -1.17 -9.04 -15.98
C ARG C 152 -1.76 -10.00 -17.00
N LEU C 153 -1.13 -11.15 -17.22
CA LEU C 153 -1.46 -12.03 -18.32
C LEU C 153 -1.99 -13.36 -17.81
N CYS C 154 -2.90 -13.94 -18.57
CA CYS C 154 -3.20 -15.36 -18.48
C CYS C 154 -2.42 -16.09 -19.57
N SER C 155 -2.02 -17.31 -19.28
CA SER C 155 -1.25 -18.11 -20.23
C SER C 155 -1.77 -19.54 -20.22
N LEU C 156 -1.72 -20.18 -21.39
CA LEU C 156 -1.91 -21.62 -21.42
C LEU C 156 -0.73 -22.32 -20.79
N SER C 157 0.46 -21.78 -20.96
CA SER C 157 1.65 -22.25 -20.27
C SER C 157 2.68 -21.14 -20.27
N SER C 158 3.40 -21.02 -19.16
CA SER C 158 4.47 -20.03 -19.06
C SER C 158 5.78 -20.54 -19.63
N SER C 159 5.86 -21.83 -19.97
CA SER C 159 7.08 -22.46 -20.47
C SER C 159 8.26 -22.23 -19.54
N LEU C 160 7.99 -21.90 -18.27
CA LEU C 160 9.01 -21.77 -17.25
C LEU C 160 8.93 -22.99 -16.35
N TYR C 161 10.03 -23.73 -16.26
CA TYR C 161 10.12 -24.93 -15.44
C TYR C 161 11.13 -24.71 -14.33
N ARG C 162 10.80 -25.20 -13.14
CA ARG C 162 11.73 -25.20 -12.03
C ARG C 162 11.89 -26.62 -11.51
N ARG C 163 13.07 -26.90 -10.99
CA ARG C 163 13.35 -28.17 -10.34
C ARG C 163 12.72 -28.17 -8.97
N SER C 164 11.64 -28.92 -8.80
CA SER C 164 10.92 -29.00 -7.53
C SER C 164 11.27 -30.33 -6.89
N GLU C 165 12.31 -30.33 -6.06
CA GLU C 165 12.85 -31.56 -5.48
C GLU C 165 13.29 -32.49 -6.60
N THR C 166 12.80 -33.73 -6.63
CA THR C 166 13.24 -34.68 -7.64
C THR C 166 12.43 -34.60 -8.92
N SER C 167 11.59 -33.59 -9.07
CA SER C 167 10.73 -33.47 -10.24
C SER C 167 10.84 -32.06 -10.82
N VAL C 168 10.48 -31.95 -12.10
CA VAL C 168 10.45 -30.68 -12.82
C VAL C 168 8.98 -30.38 -13.04
N ARG C 169 8.55 -29.21 -12.60
CA ARG C 169 7.16 -28.78 -12.71
C ARG C 169 7.13 -27.42 -13.38
N SER C 170 6.12 -27.20 -14.20
CA SER C 170 5.93 -25.88 -14.80
C SER C 170 5.39 -24.85 -13.83
N MET C 171 5.86 -23.61 -13.96
CA MET C 171 5.34 -22.54 -13.14
C MET C 171 4.06 -21.99 -13.77
N ASP C 172 3.00 -21.90 -12.98
CA ASP C 172 1.76 -21.33 -13.50
C ASP C 172 1.91 -19.82 -13.56
N SER C 173 0.81 -19.12 -13.89
CA SER C 173 0.91 -17.68 -14.09
C SER C 173 1.40 -16.97 -12.83
N ARG C 174 0.81 -17.29 -11.67
CA ARG C 174 1.19 -16.61 -10.44
C ARG C 174 2.59 -17.01 -9.99
N GLU C 175 2.93 -18.29 -10.10
CA GLU C 175 4.27 -18.74 -9.74
C GLU C 175 5.32 -18.05 -10.59
N ALA C 176 5.08 -17.99 -11.90
CA ALA C 176 6.02 -17.34 -12.81
C ALA C 176 6.09 -15.85 -12.57
N PHE C 177 4.96 -15.25 -12.20
CA PHE C 177 4.97 -13.83 -11.84
C PHE C 177 5.89 -13.59 -10.65
N CYS C 178 5.74 -14.38 -9.60
CA CYS C 178 6.62 -14.24 -8.44
C CYS C 178 8.07 -14.54 -8.80
N PHE C 179 8.29 -15.55 -9.64
CA PHE C 179 9.65 -15.92 -10.04
C PHE C 179 10.34 -14.79 -10.78
N LEU C 180 9.64 -14.20 -11.76
CA LEU C 180 10.22 -13.09 -12.51
C LEU C 180 10.36 -11.85 -11.63
N LYS C 181 9.42 -11.64 -10.72
CA LYS C 181 9.53 -10.52 -9.80
C LYS C 181 10.74 -10.66 -8.89
N THR C 182 11.13 -11.89 -8.55
CA THR C 182 12.35 -12.11 -7.79
C THR C 182 13.58 -11.94 -8.67
N LYS C 183 13.59 -12.57 -9.84
CA LYS C 183 14.74 -12.47 -10.74
C LYS C 183 14.98 -11.05 -11.21
N ARG C 184 13.98 -10.18 -11.14
CA ARG C 184 14.09 -8.80 -11.54
C ARG C 184 14.64 -7.91 -10.44
N LYS C 185 14.89 -8.46 -9.25
CA LYS C 185 15.53 -7.69 -8.20
C LYS C 185 16.95 -7.31 -8.63
N PRO C 186 17.38 -6.07 -8.36
CA PRO C 186 18.74 -5.70 -8.76
C PRO C 186 19.82 -6.40 -7.93
N ASP C 216 28.96 -30.96 -2.89
CA ASP C 216 28.05 -32.08 -3.07
C ASP C 216 28.79 -33.33 -3.53
N PRO C 217 28.30 -34.51 -3.16
CA PRO C 217 28.85 -35.74 -3.76
C PRO C 217 28.65 -35.81 -5.26
N ALA C 218 27.60 -35.17 -5.78
CA ALA C 218 27.39 -35.14 -7.22
C ALA C 218 28.57 -34.49 -7.93
N ASP C 219 29.16 -33.46 -7.34
CA ASP C 219 30.37 -32.88 -7.91
C ASP C 219 31.54 -33.85 -7.85
N LEU C 220 31.62 -34.64 -6.78
CA LEU C 220 32.68 -35.65 -6.71
C LEU C 220 32.56 -36.66 -7.83
N ILE C 221 31.33 -37.07 -8.16
CA ILE C 221 31.15 -37.96 -9.31
C ILE C 221 31.44 -37.21 -10.61
N PHE C 222 31.04 -35.95 -10.70
CA PHE C 222 31.22 -35.18 -11.92
C PHE C 222 32.69 -35.00 -12.27
N GLN C 223 33.54 -34.78 -11.25
CA GLN C 223 34.96 -34.58 -11.51
C GLN C 223 35.63 -35.77 -12.16
N LYS C 224 35.04 -36.96 -12.05
CA LYS C 224 35.69 -38.16 -12.55
C LYS C 224 35.92 -38.10 -14.05
N ASP C 225 37.10 -38.54 -14.48
CA ASP C 225 37.42 -38.62 -15.89
C ASP C 225 36.75 -39.81 -16.58
N TYR C 226 36.34 -40.81 -15.81
CA TYR C 226 35.71 -42.00 -16.36
C TYR C 226 34.88 -42.67 -15.28
N LEU C 227 34.01 -43.57 -15.70
CA LEU C 227 33.16 -44.31 -14.77
C LEU C 227 33.27 -45.80 -15.05
N GLU C 228 33.06 -46.59 -14.01
CA GLU C 228 33.06 -48.04 -14.12
C GLU C 228 31.64 -48.55 -14.30
N TYR C 229 31.45 -49.44 -15.27
CA TYR C 229 30.12 -49.96 -15.54
C TYR C 229 29.52 -50.58 -14.29
N GLY C 230 28.25 -50.28 -14.03
CA GLY C 230 27.59 -50.78 -12.87
C GLY C 230 27.95 -50.09 -11.56
N GLU C 231 28.63 -48.96 -11.63
CA GLU C 231 28.99 -48.23 -10.42
C GLU C 231 27.73 -47.64 -9.78
N ILE C 232 27.56 -47.90 -8.48
CA ILE C 232 26.43 -47.36 -7.75
C ILE C 232 26.77 -45.95 -7.29
N LEU C 233 25.95 -44.98 -7.65
CA LEU C 233 26.19 -43.62 -7.19
C LEU C 233 25.76 -43.49 -5.73
N PRO C 234 26.50 -42.74 -4.92
CA PRO C 234 26.23 -42.72 -3.47
C PRO C 234 25.15 -41.74 -3.05
N PHE C 235 24.35 -41.23 -3.99
CA PHE C 235 23.36 -40.22 -3.67
C PHE C 235 22.11 -40.49 -4.50
N PRO C 236 20.95 -40.02 -4.06
CA PRO C 236 19.73 -40.17 -4.84
C PRO C 236 19.48 -38.96 -5.71
N GLU C 237 18.45 -39.07 -6.56
CA GLU C 237 17.94 -37.90 -7.24
C GLU C 237 17.41 -36.91 -6.21
N SER C 238 17.74 -35.65 -6.40
CA SER C 238 17.39 -34.63 -5.41
C SER C 238 17.12 -33.32 -6.14
N GLN C 239 17.08 -32.23 -5.37
CA GLN C 239 16.90 -30.91 -5.95
C GLN C 239 18.01 -30.54 -6.91
N LEU C 240 19.17 -31.18 -6.78
CA LEU C 240 20.35 -30.81 -7.55
C LEU C 240 20.84 -31.92 -8.46
N VAL C 241 20.15 -33.06 -8.52
CA VAL C 241 20.63 -34.22 -9.27
C VAL C 241 19.45 -34.83 -10.01
N GLU C 242 19.72 -35.32 -11.23
CA GLU C 242 18.76 -36.11 -11.99
C GLU C 242 19.50 -37.23 -12.71
N PHE C 243 18.92 -38.42 -12.69
CA PHE C 243 19.46 -39.58 -13.36
C PHE C 243 18.58 -39.91 -14.56
N LYS C 244 19.21 -40.21 -15.69
CA LYS C 244 18.50 -40.58 -16.90
C LYS C 244 19.21 -41.73 -17.59
N GLN C 245 18.42 -42.71 -18.04
CA GLN C 245 18.93 -43.84 -18.82
C GLN C 245 18.04 -44.01 -20.04
N PHE C 246 18.66 -44.22 -21.19
CA PHE C 246 17.95 -44.32 -22.45
C PHE C 246 18.33 -45.60 -23.17
N SER C 247 17.44 -46.04 -24.05
CA SER C 247 17.64 -47.30 -24.76
C SER C 247 18.86 -47.20 -25.67
N THR C 248 19.39 -48.38 -26.01
CA THR C 248 20.53 -48.43 -26.92
C THR C 248 20.23 -47.74 -28.23
N LYS C 249 18.97 -47.79 -28.68
CA LYS C 249 18.62 -47.24 -29.99
C LYS C 249 18.59 -45.73 -29.98
N HIS C 250 17.76 -45.14 -29.12
CA HIS C 250 17.37 -43.74 -29.24
C HIS C 250 18.19 -42.80 -28.37
N PHE C 251 19.22 -43.29 -27.68
CA PHE C 251 19.97 -42.46 -26.74
C PHE C 251 20.20 -41.04 -27.26
N GLN C 252 20.78 -40.93 -28.46
CA GLN C 252 21.16 -39.62 -28.99
C GLN C 252 19.95 -38.74 -29.29
N GLU C 253 18.77 -39.32 -29.46
CA GLU C 253 17.54 -38.57 -29.72
C GLU C 253 16.80 -38.23 -28.43
N TYR C 254 16.81 -39.16 -27.47
CA TYR C 254 16.17 -38.91 -26.18
C TYR C 254 16.92 -37.84 -25.40
N VAL C 255 18.24 -37.73 -25.58
CA VAL C 255 18.96 -36.63 -24.93
C VAL C 255 18.43 -35.29 -25.40
N LYS C 256 18.09 -35.19 -26.69
CA LYS C 256 17.60 -33.93 -27.25
C LYS C 256 16.34 -33.48 -26.53
N ARG C 257 15.37 -34.38 -26.33
CA ARG C 257 14.16 -34.00 -25.64
C ARG C 257 14.37 -33.86 -24.14
N THR C 258 15.38 -34.54 -23.59
CA THR C 258 15.70 -34.40 -22.18
C THR C 258 16.20 -33.00 -21.84
N ILE C 259 17.06 -32.43 -22.70
CA ILE C 259 17.71 -31.16 -22.36
C ILE C 259 16.70 -30.05 -22.09
N PRO C 260 15.72 -29.78 -22.97
CA PRO C 260 14.84 -28.63 -22.74
C PRO C 260 14.02 -28.71 -21.47
N GLU C 261 13.90 -29.89 -20.86
CA GLU C 261 13.06 -30.02 -19.67
C GLU C 261 13.88 -29.88 -18.39
N TYR C 262 15.09 -30.43 -18.37
CA TYR C 262 15.86 -30.45 -17.14
C TYR C 262 16.89 -29.33 -17.08
N VAL C 263 17.34 -28.80 -18.21
CA VAL C 263 18.35 -27.75 -18.16
C VAL C 263 17.68 -26.43 -17.76
N PRO C 264 16.54 -26.06 -18.34
CA PRO C 264 15.84 -24.87 -17.83
C PRO C 264 15.45 -24.98 -16.38
N ALA C 265 15.05 -26.18 -15.91
CA ALA C 265 14.66 -26.34 -14.52
C ALA C 265 15.83 -26.11 -13.59
N PHE C 266 16.96 -26.76 -13.87
CA PHE C 266 18.15 -26.56 -13.05
C PHE C 266 18.59 -25.10 -13.10
N ALA C 267 18.58 -24.50 -14.29
CA ALA C 267 19.01 -23.11 -14.41
C ALA C 267 18.12 -22.19 -13.60
N ASN C 268 16.82 -22.42 -13.61
CA ASN C 268 15.88 -21.55 -12.91
C ASN C 268 15.79 -21.84 -11.42
N THR C 269 16.30 -22.98 -10.95
CA THR C 269 16.12 -23.38 -9.55
C THR C 269 17.46 -23.75 -8.92
N GLY C 270 18.45 -22.88 -9.09
CA GLY C 270 19.71 -23.04 -8.39
C GLY C 270 20.69 -24.01 -9.02
N GLY C 271 20.47 -24.43 -10.26
CA GLY C 271 21.42 -25.30 -10.92
C GLY C 271 21.25 -26.75 -10.51
N GLY C 272 22.12 -27.59 -11.06
CA GLY C 272 22.11 -28.99 -10.73
C GLY C 272 22.91 -29.80 -11.72
N TYR C 273 22.88 -31.12 -11.50
CA TYR C 273 23.60 -32.08 -12.32
C TYR C 273 22.61 -32.98 -13.03
N LEU C 274 22.82 -33.18 -14.33
CA LEU C 274 22.04 -34.12 -15.11
C LEU C 274 22.97 -35.24 -15.57
N PHE C 275 22.77 -36.44 -15.02
CA PHE C 275 23.53 -37.61 -15.38
C PHE C 275 22.67 -38.46 -16.32
N ILE C 276 23.17 -38.68 -17.54
CA ILE C 276 22.51 -39.51 -18.51
C ILE C 276 23.35 -40.76 -18.69
N GLY C 277 22.75 -41.92 -18.46
CA GLY C 277 23.45 -43.17 -18.38
C GLY C 277 23.42 -43.82 -17.02
N VAL C 278 22.57 -43.35 -16.11
CA VAL C 278 22.48 -43.87 -14.76
C VAL C 278 21.08 -44.46 -14.58
N ASP C 279 21.02 -45.72 -14.18
CA ASP C 279 19.74 -46.35 -13.92
C ASP C 279 19.01 -45.59 -12.82
N ASP C 280 17.79 -45.15 -13.12
CA ASP C 280 17.07 -44.29 -12.18
C ASP C 280 16.72 -45.04 -10.90
N LYS C 281 16.46 -46.34 -10.98
CA LYS C 281 16.01 -47.11 -9.82
C LYS C 281 17.18 -47.64 -9.00
N SER C 282 18.14 -48.32 -9.64
CA SER C 282 19.26 -48.89 -8.92
C SER C 282 20.43 -47.93 -8.77
N ARG C 283 20.40 -46.78 -9.44
CA ARG C 283 21.47 -45.79 -9.44
C ARG C 283 22.75 -46.32 -10.06
N GLU C 284 22.68 -47.43 -10.79
CA GLU C 284 23.86 -47.98 -11.43
C GLU C 284 24.25 -47.17 -12.65
N VAL C 285 25.55 -46.96 -12.84
CA VAL C 285 26.03 -46.32 -14.05
C VAL C 285 26.02 -47.34 -15.18
N LEU C 286 25.29 -47.04 -16.24
CA LEU C 286 25.19 -47.93 -17.40
C LEU C 286 25.65 -47.29 -18.69
N GLY C 287 25.33 -46.02 -18.93
CA GLY C 287 25.75 -45.40 -20.16
C GLY C 287 25.03 -45.99 -21.36
N CYS C 288 25.61 -45.74 -22.53
CA CYS C 288 25.10 -46.30 -23.77
C CYS C 288 26.27 -46.89 -24.56
N ALA C 289 25.98 -47.97 -25.29
CA ALA C 289 27.04 -48.70 -25.96
C ALA C 289 27.81 -47.81 -26.93
N LYS C 290 29.11 -48.01 -26.99
CA LYS C 290 29.96 -47.22 -27.87
C LYS C 290 29.48 -47.24 -29.31
N GLU C 291 28.91 -48.35 -29.77
CA GLU C 291 28.49 -48.45 -31.15
C GLU C 291 27.29 -47.57 -31.47
N ASN C 292 26.58 -47.07 -30.46
CA ASN C 292 25.35 -46.31 -30.65
C ASN C 292 25.50 -44.83 -30.38
N VAL C 293 26.68 -44.37 -29.98
CA VAL C 293 26.90 -42.97 -29.64
C VAL C 293 28.25 -42.53 -30.18
N ASP C 294 28.27 -41.34 -30.80
CA ASP C 294 29.51 -40.67 -31.17
C ASP C 294 29.73 -39.52 -30.21
N PRO C 295 30.73 -39.54 -29.34
CA PRO C 295 30.82 -38.52 -28.29
C PRO C 295 30.89 -37.10 -28.84
N ASP C 296 31.63 -36.86 -29.92
CA ASP C 296 31.75 -35.51 -30.45
C ASP C 296 30.42 -35.01 -30.98
N SER C 297 29.72 -35.83 -31.77
CA SER C 297 28.43 -35.43 -32.31
C SER C 297 27.43 -35.20 -31.18
N LEU C 298 27.44 -36.08 -30.17
CA LEU C 298 26.55 -35.90 -29.03
C LEU C 298 26.83 -34.59 -28.31
N ARG C 299 28.10 -34.29 -28.09
CA ARG C 299 28.46 -33.04 -27.41
C ARG C 299 27.99 -31.84 -28.22
N ARG C 300 28.21 -31.87 -29.53
CA ARG C 300 27.78 -30.76 -30.37
C ARG C 300 26.26 -30.59 -30.30
N LYS C 301 25.54 -31.69 -30.39
CA LYS C 301 24.07 -31.63 -30.36
C LYS C 301 23.59 -31.08 -29.02
N ILE C 302 24.18 -31.53 -27.92
CA ILE C 302 23.75 -31.08 -26.60
C ILE C 302 24.06 -29.60 -26.42
N GLU C 303 25.26 -29.17 -26.84
CA GLU C 303 25.58 -27.75 -26.74
C GLU C 303 24.58 -26.91 -27.53
N GLN C 304 24.27 -27.34 -28.76
CA GLN C 304 23.32 -26.59 -29.57
C GLN C 304 21.95 -26.53 -28.90
N ALA C 305 21.49 -27.67 -28.37
CA ALA C 305 20.18 -27.69 -27.72
C ALA C 305 20.15 -26.77 -26.51
N ILE C 306 21.21 -26.79 -25.70
CA ILE C 306 21.23 -25.95 -24.51
C ILE C 306 21.24 -24.47 -24.90
N TYR C 307 22.05 -24.10 -25.89
CA TYR C 307 22.12 -22.71 -26.27
C TYR C 307 20.89 -22.25 -27.04
N LYS C 308 20.08 -23.19 -27.55
CA LYS C 308 18.83 -22.81 -28.18
C LYS C 308 17.82 -22.26 -27.18
N LEU C 309 17.94 -22.63 -25.92
CA LEU C 309 16.92 -22.31 -24.93
C LEU C 309 16.71 -20.81 -24.82
N PRO C 310 15.48 -20.30 -24.97
CA PRO C 310 15.27 -18.84 -24.89
C PRO C 310 15.42 -18.27 -23.49
N CYS C 311 16.49 -17.51 -23.27
CA CYS C 311 16.75 -16.89 -21.98
C CYS C 311 16.38 -15.41 -22.05
N VAL C 312 15.80 -14.90 -20.96
CA VAL C 312 15.42 -13.51 -20.83
C VAL C 312 16.20 -12.92 -19.66
N HIS C 313 16.82 -11.77 -19.89
CA HIS C 313 17.72 -11.17 -18.90
C HIS C 313 17.12 -9.87 -18.35
N PHE C 314 17.22 -9.72 -17.03
CA PHE C 314 16.87 -8.48 -16.35
C PHE C 314 18.09 -7.74 -15.85
N CYS C 315 19.28 -8.17 -16.22
CA CYS C 315 20.52 -7.74 -15.60
C CYS C 315 21.57 -7.41 -16.64
N GLN C 316 22.70 -6.91 -16.16
CA GLN C 316 23.93 -6.73 -16.91
C GLN C 316 25.07 -7.43 -16.18
N PRO C 317 25.91 -8.19 -16.89
CA PRO C 317 25.91 -8.48 -18.33
C PRO C 317 24.86 -9.52 -18.69
N GLN C 318 24.73 -9.85 -19.97
CA GLN C 318 23.70 -10.78 -20.41
C GLN C 318 24.35 -12.05 -20.97
N ARG C 319 25.32 -12.58 -20.23
CA ARG C 319 26.04 -13.75 -20.70
C ARG C 319 25.10 -14.93 -20.85
N PRO C 320 25.37 -15.82 -21.80
CA PRO C 320 24.43 -16.93 -22.07
C PRO C 320 24.38 -17.91 -20.92
N ILE C 321 23.58 -18.96 -21.11
CA ILE C 321 23.43 -19.99 -20.10
C ILE C 321 24.79 -20.65 -19.88
N THR C 322 25.16 -20.82 -18.62
CA THR C 322 26.46 -21.34 -18.23
C THR C 322 26.30 -22.76 -17.70
N PHE C 323 27.11 -23.68 -18.21
CA PHE C 323 26.99 -25.07 -17.84
C PHE C 323 28.28 -25.79 -18.21
N THR C 324 28.46 -26.98 -17.65
CA THR C 324 29.58 -27.84 -17.99
C THR C 324 29.04 -29.19 -18.47
N LEU C 325 29.54 -29.64 -19.61
CA LEU C 325 29.12 -30.90 -20.23
C LEU C 325 30.32 -31.82 -20.36
N LYS C 326 30.14 -33.07 -19.95
CA LYS C 326 31.20 -34.07 -20.02
C LYS C 326 30.64 -35.35 -20.60
N ILE C 327 31.29 -35.86 -21.65
CA ILE C 327 31.02 -37.20 -22.17
C ILE C 327 32.16 -38.10 -21.70
N VAL C 328 31.90 -38.88 -20.67
CA VAL C 328 32.94 -39.66 -20.00
C VAL C 328 32.76 -41.13 -20.32
N ASN C 329 33.88 -41.79 -20.58
CA ASN C 329 33.87 -43.20 -20.92
C ASN C 329 33.35 -44.03 -19.76
N VAL C 330 32.61 -45.09 -20.08
CA VAL C 330 32.21 -46.10 -19.12
C VAL C 330 33.00 -47.37 -19.44
N LEU C 331 33.77 -47.85 -18.46
CA LEU C 331 34.64 -48.99 -18.66
C LEU C 331 34.02 -50.25 -18.07
N LYS C 332 34.08 -51.33 -18.84
CA LYS C 332 33.64 -52.66 -18.39
C LYS C 332 34.86 -53.56 -18.34
N ARG C 333 35.27 -53.93 -17.13
CA ARG C 333 36.51 -54.70 -16.93
C ARG C 333 37.72 -53.94 -17.45
N GLY C 334 37.66 -52.61 -17.40
CA GLY C 334 38.71 -51.78 -17.94
C GLY C 334 38.60 -51.50 -19.42
N GLU C 335 37.74 -52.22 -20.14
CA GLU C 335 37.53 -51.98 -21.55
C GLU C 335 36.38 -51.02 -21.76
N LEU C 336 36.45 -50.25 -22.83
CA LEU C 336 35.44 -49.24 -23.12
C LEU C 336 34.13 -49.91 -23.51
N TYR C 337 33.09 -49.72 -22.69
CA TYR C 337 31.77 -50.24 -22.99
C TYR C 337 30.85 -49.20 -23.63
N GLY C 338 31.01 -47.94 -23.23
CA GLY C 338 30.11 -46.92 -23.71
C GLY C 338 30.46 -45.56 -23.13
N TYR C 339 29.59 -44.59 -23.38
CA TYR C 339 29.80 -43.22 -22.96
C TYR C 339 28.68 -42.77 -22.04
N ALA C 340 29.06 -42.07 -20.97
CA ALA C 340 28.12 -41.50 -20.02
C ALA C 340 28.15 -39.98 -20.13
N CYS C 341 26.97 -39.39 -20.28
CA CYS C 341 26.84 -37.95 -20.50
C CYS C 341 26.46 -37.28 -19.18
N MET C 342 27.24 -36.29 -18.78
CA MET C 342 27.02 -35.56 -17.54
C MET C 342 27.00 -34.06 -17.83
N ILE C 343 25.92 -33.40 -17.43
CA ILE C 343 25.76 -31.96 -17.61
C ILE C 343 25.59 -31.34 -16.23
N ARG C 344 26.43 -30.35 -15.93
CA ARG C 344 26.26 -29.52 -14.74
C ARG C 344 25.73 -28.17 -15.19
N VAL C 345 24.58 -27.78 -14.67
CA VAL C 345 23.90 -26.56 -15.06
C VAL C 345 24.07 -25.55 -13.94
N ASN C 346 25.01 -24.63 -14.09
CA ASN C 346 25.19 -23.59 -13.10
C ASN C 346 23.95 -22.70 -13.04
N PRO C 347 23.59 -22.18 -11.88
CA PRO C 347 22.37 -21.37 -11.80
C PRO C 347 22.44 -20.19 -12.74
N PHE C 348 21.30 -19.88 -13.35
CA PHE C 348 21.24 -18.80 -14.32
C PHE C 348 20.80 -17.51 -13.64
N CYS C 349 21.34 -16.38 -14.12
CA CYS C 349 21.05 -15.11 -13.49
C CYS C 349 19.58 -14.75 -13.58
N CYS C 350 18.88 -15.23 -14.60
CA CYS C 350 17.53 -14.81 -14.92
C CYS C 350 16.68 -16.00 -15.34
N ALA C 351 15.56 -15.74 -16.01
CA ALA C 351 14.62 -16.77 -16.40
C ALA C 351 15.09 -17.47 -17.67
N VAL C 352 15.09 -18.80 -17.63
CA VAL C 352 15.32 -19.63 -18.81
C VAL C 352 14.00 -20.28 -19.18
N PHE C 353 13.61 -20.16 -20.44
CA PHE C 353 12.39 -20.78 -20.93
C PHE C 353 12.75 -22.03 -21.73
N SER C 354 11.93 -23.07 -21.56
CA SER C 354 12.06 -24.23 -22.44
C SER C 354 11.63 -23.89 -23.85
N GLU C 355 10.65 -23.00 -24.00
CA GLU C 355 10.23 -22.46 -25.28
C GLU C 355 9.39 -21.21 -25.00
N ALA C 356 8.90 -20.59 -26.06
CA ALA C 356 8.16 -19.36 -25.89
C ALA C 356 6.88 -19.63 -25.09
N PRO C 357 6.48 -18.70 -24.21
CA PRO C 357 5.25 -18.91 -23.44
C PRO C 357 4.04 -19.07 -24.35
N ASN C 358 3.10 -19.89 -23.91
CA ASN C 358 1.87 -20.12 -24.67
C ASN C 358 0.77 -19.16 -24.23
N SER C 359 1.08 -17.87 -24.35
CA SER C 359 0.13 -16.81 -24.06
C SER C 359 -0.35 -16.18 -25.36
N TRP C 360 -1.60 -15.74 -25.35
CA TRP C 360 -2.25 -15.24 -26.56
C TRP C 360 -2.94 -13.93 -26.27
N ILE C 361 -3.05 -13.09 -27.29
CA ILE C 361 -3.66 -11.78 -27.17
C ILE C 361 -4.24 -11.40 -28.52
N VAL C 362 -5.23 -10.53 -28.50
CA VAL C 362 -5.81 -9.97 -29.72
C VAL C 362 -5.12 -8.65 -30.00
N GLU C 363 -4.46 -8.56 -31.15
CA GLU C 363 -3.90 -7.31 -31.63
C GLU C 363 -4.37 -7.10 -33.06
N ASP C 364 -4.77 -5.87 -33.37
CA ASP C 364 -5.50 -5.61 -34.60
C ASP C 364 -6.74 -6.49 -34.62
N LYS C 365 -6.92 -7.28 -35.68
CA LYS C 365 -8.06 -8.18 -35.78
C LYS C 365 -7.65 -9.64 -35.81
N TYR C 366 -6.45 -9.96 -35.32
CA TYR C 366 -5.96 -11.33 -35.26
C TYR C 366 -5.72 -11.72 -33.81
N VAL C 367 -5.80 -13.02 -33.55
CA VAL C 367 -5.42 -13.60 -32.26
C VAL C 367 -3.96 -14.02 -32.38
N CYS C 368 -3.07 -13.28 -31.74
CA CYS C 368 -1.63 -13.45 -31.91
C CYS C 368 -0.99 -13.99 -30.64
N SER C 369 0.00 -14.85 -30.82
CA SER C 369 0.75 -15.38 -29.69
C SER C 369 1.84 -14.40 -29.27
N LEU C 370 1.96 -14.21 -27.96
CA LEU C 370 2.96 -13.30 -27.42
C LEU C 370 4.34 -13.93 -27.50
N THR C 371 5.33 -13.14 -27.93
CA THR C 371 6.71 -13.62 -27.94
C THR C 371 7.23 -13.72 -26.52
N THR C 372 8.42 -14.31 -26.37
CA THR C 372 8.99 -14.49 -25.04
C THR C 372 9.27 -13.16 -24.36
N GLU C 373 9.94 -12.25 -25.07
CA GLU C 373 10.33 -10.98 -24.47
C GLU C 373 9.11 -10.11 -24.19
N LYS C 374 8.16 -10.09 -25.13
CA LYS C 374 6.93 -9.34 -24.94
C LYS C 374 6.12 -9.91 -23.77
N TRP C 375 6.10 -11.24 -23.63
CA TRP C 375 5.45 -11.88 -22.50
C TRP C 375 6.10 -11.48 -21.18
N VAL C 376 7.43 -11.53 -21.12
CA VAL C 376 8.13 -11.17 -19.88
C VAL C 376 7.90 -9.71 -19.55
N GLY C 377 7.88 -8.86 -20.58
CA GLY C 377 7.59 -7.45 -20.37
C GLY C 377 6.22 -7.23 -19.79
N MET C 378 5.21 -7.90 -20.35
CA MET C 378 3.86 -7.74 -19.82
C MET C 378 3.76 -8.33 -18.42
N MET C 379 4.58 -9.35 -18.11
CA MET C 379 4.47 -10.04 -16.83
C MET C 379 5.18 -9.30 -15.70
N THR C 380 6.21 -8.52 -16.02
CA THR C 380 6.95 -7.78 -15.00
C THR C 380 6.64 -6.29 -15.03
N ASP C 381 6.82 -5.64 -16.18
CA ASP C 381 6.59 -4.22 -16.30
C ASP C 381 5.11 -3.90 -16.14
N VAL C 409 -4.15 9.18 -23.50
CA VAL C 409 -3.10 9.49 -22.54
C VAL C 409 -3.62 9.26 -21.13
N TYR C 410 -3.08 8.23 -20.45
CA TYR C 410 -3.55 7.85 -19.14
C TYR C 410 -3.45 9.00 -18.15
N SER C 411 -4.50 9.22 -17.36
CA SER C 411 -4.55 10.30 -16.39
C SER C 411 -4.45 9.71 -14.98
N LYS C 412 -3.27 9.88 -14.36
CA LYS C 412 -3.09 9.43 -12.99
C LYS C 412 -3.96 10.25 -12.02
N LYS C 413 -4.07 11.56 -12.26
CA LYS C 413 -4.97 12.37 -11.44
C LYS C 413 -6.42 11.93 -11.59
N GLY C 414 -6.82 11.60 -12.82
CA GLY C 414 -8.16 11.07 -13.02
C GLY C 414 -8.38 9.77 -12.28
N LEU C 415 -7.41 8.86 -12.37
CA LEU C 415 -7.52 7.60 -11.63
C LEU C 415 -7.63 7.86 -10.13
N GLU C 416 -6.89 8.85 -9.65
CA GLU C 416 -6.90 9.16 -8.22
C GLU C 416 -8.26 9.70 -7.78
N HIS C 417 -8.80 10.66 -8.53
CA HIS C 417 -10.01 11.37 -8.12
C HIS C 417 -11.29 10.80 -8.73
N LYS C 418 -11.21 9.65 -9.39
CA LYS C 418 -12.36 9.13 -10.13
C LYS C 418 -13.65 9.19 -9.33
N LYS C 419 -13.61 8.87 -8.04
CA LYS C 419 -14.86 8.83 -7.27
C LYS C 419 -15.46 10.23 -7.13
N GLU C 420 -14.65 11.22 -6.75
CA GLU C 420 -15.14 12.58 -6.64
C GLU C 420 -15.61 13.11 -7.98
N LEU C 421 -14.82 12.85 -9.03
CA LEU C 421 -15.18 13.35 -10.36
C LEU C 421 -16.47 12.73 -10.85
N GLN C 422 -16.68 11.44 -10.57
CA GLN C 422 -17.94 10.80 -10.93
C GLN C 422 -19.10 11.39 -10.15
N GLN C 423 -18.93 11.58 -8.84
CA GLN C 423 -20.01 12.17 -8.07
C GLN C 423 -20.32 13.59 -8.54
N LEU C 424 -19.33 14.27 -9.11
CA LEU C 424 -19.54 15.64 -9.59
C LEU C 424 -20.29 15.64 -10.92
N LEU C 425 -19.72 14.99 -11.95
CA LEU C 425 -20.26 15.10 -13.30
C LEU C 425 -21.30 14.04 -13.62
N PHE C 426 -21.11 12.81 -13.17
CA PHE C 426 -21.95 11.68 -13.53
C PHE C 426 -22.61 11.09 -12.29
N SER C 427 -23.18 11.95 -11.44
CA SER C 427 -23.97 11.45 -10.33
C SER C 427 -25.20 10.73 -10.85
N VAL C 428 -25.43 9.52 -10.36
CA VAL C 428 -26.56 8.71 -10.79
C VAL C 428 -27.73 9.00 -9.86
N PRO C 429 -28.84 9.55 -10.35
CA PRO C 429 -29.88 10.03 -9.46
C PRO C 429 -30.73 8.87 -8.94
N PRO C 430 -31.45 9.07 -7.84
CA PRO C 430 -32.32 8.01 -7.33
C PRO C 430 -33.69 8.00 -7.97
N GLY C 431 -33.81 7.45 -9.18
CA GLY C 431 -35.10 7.16 -9.75
C GLY C 431 -35.53 8.01 -10.93
N TYR C 432 -34.60 8.47 -11.75
CA TYR C 432 -34.95 9.07 -13.04
C TYR C 432 -33.72 9.07 -13.93
N LEU C 433 -33.96 9.22 -15.23
CA LEU C 433 -32.88 9.15 -16.21
C LEU C 433 -32.38 10.56 -16.50
N ARG C 434 -31.10 10.79 -16.25
CA ARG C 434 -30.52 12.12 -16.39
C ARG C 434 -29.81 12.23 -17.73
N TYR C 435 -30.08 13.32 -18.45
CA TYR C 435 -29.43 13.60 -19.71
C TYR C 435 -28.34 14.64 -19.49
N THR C 436 -27.11 14.29 -19.85
CA THR C 436 -25.98 15.18 -19.69
C THR C 436 -25.12 15.14 -20.93
N PRO C 437 -24.45 16.26 -21.27
CA PRO C 437 -24.55 17.59 -20.67
C PRO C 437 -25.90 18.24 -20.98
N GLU C 438 -26.49 18.96 -20.03
CA GLU C 438 -27.81 19.53 -20.25
C GLU C 438 -27.79 20.63 -21.30
N SER C 439 -26.73 21.44 -21.32
CA SER C 439 -26.64 22.49 -22.33
C SER C 439 -26.56 21.88 -23.73
N LEU C 440 -25.73 20.85 -23.90
CA LEU C 440 -25.62 20.20 -25.20
C LEU C 440 -26.92 19.52 -25.59
N TRP C 441 -27.61 18.91 -24.63
CA TRP C 441 -28.89 18.29 -24.92
C TRP C 441 -29.91 19.32 -25.39
N ARG C 442 -29.95 20.48 -24.72
CA ARG C 442 -30.84 21.55 -25.15
C ARG C 442 -30.48 22.03 -26.55
N ASP C 443 -29.19 22.20 -26.83
CA ASP C 443 -28.78 22.61 -28.17
C ASP C 443 -29.22 21.61 -29.22
N LEU C 444 -29.05 20.32 -28.93
CA LEU C 444 -29.41 19.28 -29.87
C LEU C 444 -30.91 19.30 -30.15
N ILE C 445 -31.72 19.27 -29.08
CA ILE C 445 -33.17 19.26 -29.29
C ILE C 445 -33.66 20.54 -29.95
N SER C 446 -32.99 21.67 -29.72
CA SER C 446 -33.39 22.88 -30.42
C SER C 446 -33.06 22.80 -31.91
N GLU C 447 -31.85 22.35 -32.24
CA GLU C 447 -31.45 22.28 -33.64
C GLU C 447 -32.30 21.28 -34.42
N HIS C 448 -32.57 20.12 -33.83
CA HIS C 448 -33.12 18.98 -34.55
C HIS C 448 -34.56 18.76 -34.11
N ARG C 449 -35.50 18.86 -35.05
CA ARG C 449 -36.90 18.64 -34.76
C ARG C 449 -37.17 17.15 -34.60
N GLY C 450 -37.86 16.79 -33.52
CA GLY C 450 -38.20 15.41 -33.26
C GLY C 450 -37.15 14.62 -32.50
N LEU C 451 -35.96 15.19 -32.29
CA LEU C 451 -34.93 14.48 -31.55
C LEU C 451 -35.34 14.27 -30.10
N GLU C 452 -35.97 15.27 -29.49
CA GLU C 452 -36.45 15.12 -28.12
C GLU C 452 -37.46 14.00 -28.02
N GLU C 453 -38.46 13.99 -28.90
CA GLU C 453 -39.48 12.95 -28.86
C GLU C 453 -38.85 11.58 -29.11
N LEU C 454 -37.94 11.49 -30.07
CA LEU C 454 -37.26 10.23 -30.33
C LEU C 454 -36.56 9.72 -29.08
N ILE C 455 -35.74 10.56 -28.45
CA ILE C 455 -34.95 10.11 -27.31
C ILE C 455 -35.86 9.73 -26.15
N ASN C 456 -36.85 10.58 -25.83
CA ASN C 456 -37.72 10.27 -24.71
C ASN C 456 -38.56 9.02 -24.94
N LYS C 457 -39.04 8.78 -26.17
CA LYS C 457 -39.73 7.53 -26.43
C LYS C 457 -38.79 6.34 -26.36
N GLN C 458 -37.50 6.56 -26.66
CA GLN C 458 -36.56 5.45 -26.67
C GLN C 458 -36.10 5.08 -25.27
N MET C 459 -35.96 6.04 -24.37
CA MET C 459 -35.56 5.78 -23.00
C MET C 459 -36.76 5.50 -22.09
N GLN C 460 -37.89 5.07 -22.63
CA GLN C 460 -39.00 4.65 -21.79
C GLN C 460 -38.63 3.49 -20.87
N PRO C 461 -37.97 2.42 -21.33
CA PRO C 461 -37.74 1.27 -20.46
C PRO C 461 -36.89 1.57 -19.24
N PHE C 462 -36.11 2.65 -19.25
CA PHE C 462 -35.11 2.92 -18.23
C PHE C 462 -35.67 3.93 -17.24
N PHE C 463 -35.67 3.56 -15.96
CA PHE C 463 -36.19 4.43 -14.91
C PHE C 463 -35.09 5.13 -14.13
N ARG C 464 -33.88 4.58 -14.12
CA ARG C 464 -32.76 5.19 -13.41
C ARG C 464 -31.51 5.05 -14.24
N GLY C 465 -30.73 6.12 -14.31
CA GLY C 465 -29.48 6.10 -15.04
C GLY C 465 -29.12 7.48 -15.53
N ILE C 466 -28.10 7.51 -16.39
CA ILE C 466 -27.59 8.73 -16.98
C ILE C 466 -27.37 8.50 -18.47
N LEU C 467 -27.77 9.47 -19.29
CA LEU C 467 -27.64 9.40 -20.74
C LEU C 467 -26.65 10.49 -21.15
N ILE C 468 -25.41 10.09 -21.43
CA ILE C 468 -24.31 11.02 -21.65
C ILE C 468 -24.27 11.33 -23.13
N PHE C 469 -24.71 12.53 -23.51
CA PHE C 469 -24.76 12.92 -24.91
C PHE C 469 -23.40 13.44 -25.39
N SER C 470 -23.30 13.62 -26.70
CA SER C 470 -22.10 14.13 -27.32
C SER C 470 -22.39 14.36 -28.79
N ARG C 471 -21.68 15.33 -29.37
CA ARG C 471 -21.80 15.55 -30.81
C ARG C 471 -21.37 14.31 -31.57
N SER C 472 -20.27 13.69 -31.16
CA SER C 472 -19.87 12.40 -31.71
C SER C 472 -18.90 11.75 -30.74
N TRP C 473 -19.34 10.68 -30.10
CA TRP C 473 -18.46 9.89 -29.26
C TRP C 473 -17.30 9.33 -30.06
N ALA C 474 -17.48 9.19 -31.37
CA ALA C 474 -16.37 8.74 -32.22
C ALA C 474 -15.21 9.71 -32.15
N VAL C 475 -15.47 11.00 -32.36
CA VAL C 475 -14.39 11.98 -32.27
C VAL C 475 -13.94 12.14 -30.82
N ASP C 476 -14.88 12.02 -29.87
CA ASP C 476 -14.47 12.05 -28.47
C ASP C 476 -13.43 10.99 -28.16
N LEU C 477 -13.51 9.83 -28.82
CA LEU C 477 -12.58 8.73 -28.58
C LEU C 477 -11.49 8.64 -29.64
N ASN C 478 -11.20 9.74 -30.34
CA ASN C 478 -10.17 9.81 -31.37
C ASN C 478 -10.53 8.98 -32.60
N LEU C 479 -11.81 8.73 -32.84
CA LEU C 479 -12.23 8.08 -34.07
C LEU C 479 -12.60 9.13 -35.11
N GLN C 480 -12.93 8.67 -36.31
CA GLN C 480 -13.22 9.59 -37.41
C GLN C 480 -14.65 10.10 -37.32
N GLU C 481 -14.82 11.38 -37.61
CA GLU C 481 -16.14 11.97 -37.65
C GLU C 481 -16.95 11.41 -38.81
N LYS C 482 -18.21 11.12 -38.56
CA LYS C 482 -19.13 10.67 -39.60
C LYS C 482 -20.16 11.75 -39.86
N PRO C 483 -20.24 12.26 -41.10
CA PRO C 483 -21.32 13.21 -41.36
C PRO C 483 -22.67 12.51 -41.26
N GLY C 484 -23.71 13.24 -40.93
CA GLY C 484 -25.03 12.68 -40.80
C GLY C 484 -25.35 12.15 -39.43
N VAL C 485 -24.36 12.11 -38.53
CA VAL C 485 -24.58 11.68 -37.16
C VAL C 485 -24.98 12.91 -36.34
N ILE C 486 -26.24 12.95 -35.91
CA ILE C 486 -26.71 14.09 -35.12
C ILE C 486 -26.03 14.12 -33.77
N CYS C 487 -26.01 13.00 -33.06
CA CYS C 487 -25.39 12.93 -31.75
C CYS C 487 -25.19 11.48 -31.36
N ASP C 488 -24.28 11.26 -30.43
CA ASP C 488 -24.09 9.97 -29.79
C ASP C 488 -24.42 10.10 -28.31
N ALA C 489 -25.20 9.16 -27.79
CA ALA C 489 -25.59 9.15 -26.38
C ALA C 489 -25.21 7.82 -25.78
N LEU C 490 -24.46 7.85 -24.69
CA LEU C 490 -24.07 6.64 -23.97
C LEU C 490 -25.01 6.46 -22.79
N LEU C 491 -25.92 5.49 -22.90
CA LEU C 491 -26.83 5.19 -21.80
C LEU C 491 -26.14 4.29 -20.79
N ILE C 492 -26.17 4.70 -19.53
CA ILE C 492 -25.71 3.88 -18.41
C ILE C 492 -26.86 3.86 -17.42
N ALA C 493 -27.75 2.87 -17.56
CA ALA C 493 -28.97 2.80 -16.80
C ALA C 493 -29.01 1.52 -15.99
N GLN C 494 -29.91 1.47 -15.01
CA GLN C 494 -30.06 0.30 -14.17
C GLN C 494 -30.78 -0.80 -14.92
N ASN C 495 -30.46 -2.05 -14.55
CA ASN C 495 -31.08 -3.23 -15.14
C ASN C 495 -30.89 -3.29 -16.64
N SER C 496 -29.85 -2.63 -17.15
CA SER C 496 -29.55 -2.64 -18.57
C SER C 496 -28.05 -2.60 -18.75
N THR C 497 -27.58 -3.12 -19.88
CA THR C 497 -26.20 -2.96 -20.24
C THR C 497 -25.96 -1.56 -20.78
N PRO C 498 -24.72 -1.08 -20.73
CA PRO C 498 -24.42 0.19 -21.41
C PRO C 498 -24.79 0.10 -22.88
N ILE C 499 -25.41 1.16 -23.38
CA ILE C 499 -25.81 1.24 -24.78
C ILE C 499 -25.28 2.54 -25.35
N LEU C 500 -24.57 2.45 -26.47
CA LEU C 500 -24.12 3.63 -27.19
C LEU C 500 -25.11 3.90 -28.32
N TYR C 501 -25.90 4.94 -28.15
CA TYR C 501 -26.85 5.34 -29.18
C TYR C 501 -26.17 6.26 -30.19
N THR C 502 -26.48 6.06 -31.46
CA THR C 502 -26.06 6.95 -32.53
C THR C 502 -27.30 7.40 -33.27
N ILE C 503 -27.54 8.70 -33.30
CA ILE C 503 -28.71 9.28 -33.94
C ILE C 503 -28.29 9.79 -35.31
N LEU C 504 -28.93 9.28 -36.35
CA LEU C 504 -28.67 9.67 -37.72
C LEU C 504 -29.83 10.50 -38.25
N ARG C 505 -29.51 11.60 -38.92
CA ARG C 505 -30.57 12.39 -39.55
C ARG C 505 -31.24 11.60 -40.68
N GLU C 506 -30.46 10.84 -41.43
CA GLU C 506 -30.98 9.93 -42.44
C GLU C 506 -30.36 8.55 -42.28
N GLN C 507 -31.15 7.52 -42.58
CA GLN C 507 -30.65 6.16 -42.47
C GLN C 507 -29.46 5.96 -43.38
N ASP C 508 -28.40 5.36 -42.85
CA ASP C 508 -27.16 5.14 -43.59
C ASP C 508 -26.74 3.69 -43.44
N ALA C 509 -26.15 3.16 -44.51
CA ALA C 509 -25.62 1.79 -44.46
C ALA C 509 -24.47 1.70 -43.46
N GLU C 510 -23.59 2.70 -43.47
CA GLU C 510 -22.43 2.70 -42.59
C GLU C 510 -22.77 3.20 -41.18
N GLY C 511 -24.03 3.54 -40.91
CA GLY C 511 -24.38 4.02 -39.59
C GLY C 511 -24.18 2.96 -38.52
N GLN C 512 -24.64 1.74 -38.77
CA GLN C 512 -24.46 0.68 -37.79
C GLN C 512 -22.99 0.32 -37.63
N ASP C 513 -22.22 0.33 -38.72
CA ASP C 513 -20.79 0.07 -38.61
C ASP C 513 -20.11 1.14 -37.76
N TYR C 514 -20.47 2.41 -37.97
CA TYR C 514 -19.89 3.49 -37.18
C TYR C 514 -20.24 3.35 -35.70
N CYS C 515 -21.51 3.05 -35.41
CA CYS C 515 -21.94 2.88 -34.03
C CYS C 515 -21.26 1.69 -33.38
N THR C 516 -21.11 0.58 -34.11
CA THR C 516 -20.43 -0.59 -33.57
C THR C 516 -18.97 -0.29 -33.29
N ARG C 517 -18.31 0.41 -34.21
CA ARG C 517 -16.92 0.79 -33.98
C ARG C 517 -16.78 1.65 -32.74
N THR C 518 -17.68 2.62 -32.58
CA THR C 518 -17.63 3.50 -31.42
C THR C 518 -17.89 2.73 -30.13
N ALA C 519 -18.88 1.84 -30.13
CA ALA C 519 -19.19 1.06 -28.93
C ALA C 519 -18.04 0.13 -28.57
N PHE C 520 -17.44 -0.52 -29.57
CA PHE C 520 -16.29 -1.39 -29.31
C PHE C 520 -15.12 -0.60 -28.74
N THR C 521 -14.83 0.56 -29.32
CA THR C 521 -13.76 1.40 -28.81
C THR C 521 -14.06 1.83 -27.37
N LEU C 522 -15.30 2.22 -27.11
CA LEU C 522 -15.67 2.67 -25.77
C LEU C 522 -15.52 1.55 -24.76
N LYS C 523 -15.98 0.33 -25.09
CA LYS C 523 -15.85 -0.78 -24.15
C LYS C 523 -14.40 -1.15 -23.93
N GLN C 524 -13.61 -1.21 -25.00
CA GLN C 524 -12.21 -1.56 -24.86
C GLN C 524 -11.47 -0.51 -24.04
N LYS C 525 -11.84 0.76 -24.18
CA LYS C 525 -11.23 1.79 -23.35
C LYS C 525 -11.70 1.69 -21.90
N LEU C 526 -12.98 1.42 -21.69
CA LEU C 526 -13.48 1.30 -20.32
C LEU C 526 -12.74 0.20 -19.57
N VAL C 527 -12.31 -0.83 -20.29
CA VAL C 527 -11.54 -1.89 -19.63
C VAL C 527 -10.06 -1.53 -19.55
N ASN C 528 -9.43 -1.33 -20.71
CA ASN C 528 -7.97 -1.22 -20.78
C ASN C 528 -7.43 0.09 -20.24
N MET C 529 -8.18 1.18 -20.36
CA MET C 529 -7.74 2.49 -19.87
C MET C 529 -8.54 2.95 -18.66
N GLY C 530 -9.86 2.77 -18.69
CA GLY C 530 -10.67 3.11 -17.54
C GLY C 530 -10.52 2.16 -16.38
N GLY C 531 -9.94 0.98 -16.61
CA GLY C 531 -9.70 0.03 -15.55
C GLY C 531 -10.94 -0.54 -14.93
N TYR C 532 -11.95 -0.87 -15.73
CA TYR C 532 -13.15 -1.50 -15.21
C TYR C 532 -12.90 -3.00 -15.04
N THR C 533 -13.00 -3.48 -13.81
CA THR C 533 -12.73 -4.87 -13.48
C THR C 533 -13.99 -5.72 -13.46
N GLY C 534 -15.16 -5.13 -13.73
CA GLY C 534 -16.38 -5.89 -13.82
C GLY C 534 -16.65 -6.34 -15.24
N LYS C 535 -17.78 -7.03 -15.40
CA LYS C 535 -18.21 -7.50 -16.70
C LYS C 535 -18.93 -6.37 -17.43
N VAL C 536 -18.38 -5.97 -18.58
CA VAL C 536 -18.87 -4.80 -19.31
C VAL C 536 -19.14 -5.20 -20.75
N CYS C 537 -20.23 -4.65 -21.29
CA CYS C 537 -20.51 -4.70 -22.72
C CYS C 537 -21.26 -3.44 -23.09
N VAL C 538 -20.76 -2.73 -24.09
CA VAL C 538 -21.43 -1.54 -24.61
C VAL C 538 -22.16 -1.93 -25.88
N ARG C 539 -23.48 -1.81 -25.85
CA ARG C 539 -24.30 -2.15 -27.01
C ARG C 539 -24.34 -0.98 -27.98
N ALA C 540 -24.09 -1.27 -29.25
CA ALA C 540 -24.21 -0.29 -30.32
C ALA C 540 -25.63 -0.33 -30.85
N LYS C 541 -26.28 0.82 -30.91
CA LYS C 541 -27.68 0.89 -31.35
C LYS C 541 -27.88 2.19 -32.14
N VAL C 542 -28.16 2.05 -33.42
CA VAL C 542 -28.33 3.21 -34.29
C VAL C 542 -29.79 3.64 -34.29
N LEU C 543 -30.02 4.95 -34.19
CA LEU C 543 -31.34 5.53 -34.32
C LEU C 543 -31.35 6.46 -35.53
N CYS C 544 -32.47 6.49 -36.22
CA CYS C 544 -32.64 7.35 -37.38
C CYS C 544 -33.76 8.34 -37.11
N LEU C 545 -33.47 9.63 -37.24
CA LEU C 545 -34.48 10.65 -37.00
C LEU C 545 -35.54 10.66 -38.10
N SER C 546 -35.12 10.52 -39.35
CA SER C 546 -36.08 10.42 -40.43
C SER C 546 -36.77 9.05 -40.37
N PRO C 547 -38.09 8.98 -40.63
CA PRO C 547 -38.77 7.69 -40.57
C PRO C 547 -38.48 6.79 -41.77
N VAL C 558 -27.02 -8.41 -38.97
CA VAL C 558 -26.61 -9.23 -37.84
C VAL C 558 -27.37 -8.81 -36.59
N SER C 559 -28.00 -9.78 -35.94
CA SER C 559 -28.76 -9.49 -34.73
C SER C 559 -27.81 -9.17 -33.57
N PRO C 560 -28.27 -8.38 -32.60
CA PRO C 560 -27.43 -8.09 -31.44
C PRO C 560 -27.23 -9.35 -30.59
N MET C 561 -26.07 -9.41 -29.95
CA MET C 561 -25.75 -10.56 -29.10
C MET C 561 -26.43 -10.42 -27.75
N ASP C 562 -27.02 -11.50 -27.26
CA ASP C 562 -27.66 -11.50 -25.94
C ASP C 562 -26.62 -11.84 -24.89
N TYR C 563 -26.31 -10.88 -24.04
CA TYR C 563 -25.32 -11.09 -22.99
C TYR C 563 -25.98 -11.69 -21.75
N PRO C 564 -25.20 -12.29 -20.87
CA PRO C 564 -25.75 -12.77 -19.60
C PRO C 564 -26.37 -11.63 -18.81
N ALA C 565 -27.12 -12.00 -17.77
CA ALA C 565 -27.72 -11.01 -16.89
C ALA C 565 -26.68 -10.37 -15.97
N SER C 566 -25.49 -10.95 -15.86
CA SER C 566 -24.44 -10.35 -15.05
C SER C 566 -23.76 -9.19 -15.74
N TYR C 567 -24.05 -8.96 -17.02
CA TYR C 567 -23.54 -7.81 -17.74
C TYR C 567 -24.46 -6.60 -17.63
N SER C 568 -25.65 -6.76 -17.05
CA SER C 568 -26.54 -5.64 -16.79
C SER C 568 -26.09 -4.92 -15.53
N LEU C 569 -26.24 -3.60 -15.53
CA LEU C 569 -25.85 -2.79 -14.38
C LEU C 569 -26.89 -2.96 -13.30
N ALA C 570 -26.56 -3.76 -12.28
CA ALA C 570 -27.55 -4.13 -11.28
C ALA C 570 -28.06 -2.94 -10.49
N GLY C 571 -27.18 -2.02 -10.11
CA GLY C 571 -27.60 -0.91 -9.29
C GLY C 571 -26.49 0.12 -9.13
N THR C 572 -26.53 0.79 -7.98
CA THR C 572 -25.68 1.94 -7.75
C THR C 572 -24.20 1.58 -7.83
N GLN C 573 -23.83 0.46 -7.21
CA GLN C 573 -22.41 0.10 -7.18
C GLN C 573 -21.86 -0.09 -8.58
N HIS C 574 -22.55 -0.88 -9.41
CA HIS C 574 -22.08 -1.14 -10.76
C HIS C 574 -22.12 0.11 -11.62
N MET C 575 -23.21 0.89 -11.53
CA MET C 575 -23.31 2.09 -12.33
C MET C 575 -22.20 3.09 -11.97
N GLU C 576 -21.94 3.24 -10.67
CA GLU C 576 -20.92 4.19 -10.23
C GLU C 576 -19.52 3.70 -10.60
N ALA C 577 -19.26 2.41 -10.48
CA ALA C 577 -17.95 1.90 -10.88
C ALA C 577 -17.73 2.08 -12.38
N LEU C 578 -18.74 1.78 -13.20
CA LEU C 578 -18.62 1.99 -14.63
C LEU C 578 -18.44 3.46 -14.96
N LEU C 579 -19.15 4.34 -14.25
CA LEU C 579 -19.03 5.76 -14.53
C LEU C 579 -17.68 6.31 -14.08
N GLN C 580 -17.09 5.76 -13.03
CA GLN C 580 -15.75 6.18 -12.63
C GLN C 580 -14.70 5.72 -13.64
N SER C 581 -14.86 4.51 -14.17
CA SER C 581 -14.01 4.10 -15.29
C SER C 581 -14.22 5.00 -16.49
N LEU C 582 -15.46 5.41 -16.76
CA LEU C 582 -15.71 6.34 -17.86
C LEU C 582 -15.05 7.69 -17.60
N VAL C 583 -15.03 8.15 -16.36
CA VAL C 583 -14.33 9.37 -16.01
C VAL C 583 -12.86 9.23 -16.36
N ILE C 584 -12.25 8.12 -15.96
CA ILE C 584 -10.84 7.92 -16.24
C ILE C 584 -10.59 7.85 -17.74
N VAL C 585 -11.52 7.25 -18.49
CA VAL C 585 -11.35 7.15 -19.94
C VAL C 585 -11.47 8.52 -20.58
N LEU C 586 -12.47 9.30 -20.17
CA LEU C 586 -12.70 10.61 -20.76
C LEU C 586 -11.52 11.53 -20.48
N LEU C 587 -10.92 11.43 -19.30
CA LEU C 587 -9.81 12.30 -18.96
C LEU C 587 -8.57 11.99 -19.81
N GLY C 588 -8.66 10.97 -20.66
CA GLY C 588 -7.59 10.64 -21.58
C GLY C 588 -7.77 11.19 -22.98
N PHE C 589 -8.81 11.99 -23.22
CA PHE C 589 -9.14 12.47 -24.55
C PHE C 589 -9.51 13.95 -24.49
N ARG C 590 -9.59 14.57 -25.66
CA ARG C 590 -10.00 15.96 -25.80
C ARG C 590 -11.47 15.98 -26.20
N SER C 591 -12.33 16.37 -25.27
CA SER C 591 -13.76 16.45 -25.53
C SER C 591 -14.36 17.38 -24.49
N LEU C 592 -15.65 17.69 -24.67
CA LEU C 592 -16.34 18.57 -23.74
C LEU C 592 -16.33 18.00 -22.33
N LEU C 593 -16.72 16.72 -22.19
CA LEU C 593 -16.76 16.11 -20.88
C LEU C 593 -15.37 15.92 -20.31
N SER C 594 -14.39 15.64 -21.16
CA SER C 594 -13.01 15.54 -20.70
C SER C 594 -12.54 16.88 -20.13
N ASP C 595 -12.88 17.98 -20.79
CA ASP C 595 -12.49 19.29 -20.31
C ASP C 595 -13.24 19.66 -19.02
N GLN C 596 -14.51 19.29 -18.91
CA GLN C 596 -15.22 19.52 -17.65
C GLN C 596 -14.58 18.73 -16.51
N LEU C 597 -14.22 17.48 -16.78
CA LEU C 597 -13.54 16.67 -15.77
C LEU C 597 -12.18 17.28 -15.42
N GLY C 598 -11.49 17.85 -16.40
CA GLY C 598 -10.23 18.50 -16.12
C GLY C 598 -10.38 19.75 -15.27
N CYS C 599 -11.44 20.52 -15.53
CA CYS C 599 -11.73 21.67 -14.66
C CYS C 599 -11.97 21.21 -13.24
N GLU C 600 -12.76 20.14 -13.07
CA GLU C 600 -13.00 19.64 -11.72
C GLU C 600 -11.73 19.08 -11.09
N VAL C 601 -10.84 18.49 -11.89
CA VAL C 601 -9.56 18.02 -11.36
C VAL C 601 -8.75 19.20 -10.85
N LEU C 602 -8.73 20.29 -11.61
CA LEU C 602 -8.02 21.48 -11.15
C LEU C 602 -8.64 22.02 -9.87
N ASN C 603 -9.98 22.01 -9.79
CA ASN C 603 -10.63 22.45 -8.56
C ASN C 603 -10.27 21.55 -7.39
N LEU C 604 -10.16 20.25 -7.62
CA LEU C 604 -9.78 19.33 -6.54
C LEU C 604 -8.34 19.54 -6.10
N LEU C 605 -7.43 19.78 -7.06
CA LEU C 605 -6.06 20.11 -6.69
C LEU C 605 -6.00 21.40 -5.88
N THR C 606 -6.78 22.40 -6.29
CA THR C 606 -6.82 23.65 -5.54
C THR C 606 -7.37 23.42 -4.14
N ALA C 607 -8.38 22.56 -4.01
CA ALA C 607 -8.92 22.25 -2.69
C ALA C 607 -7.90 21.55 -1.81
N GLN C 608 -7.10 20.64 -2.39
CA GLN C 608 -6.06 19.98 -1.62
C GLN C 608 -5.02 20.99 -1.14
N GLN C 609 -4.54 21.84 -2.04
CA GLN C 609 -3.57 22.85 -1.64
C GLN C 609 -4.16 23.81 -0.63
N TYR C 610 -5.45 24.13 -0.73
CA TYR C 610 -6.07 24.99 0.25
C TYR C 610 -6.18 24.29 1.60
N GLU C 611 -6.41 22.98 1.61
CA GLU C 611 -6.43 22.28 2.87
C GLU C 611 -5.07 22.33 3.55
N ILE C 612 -4.00 22.19 2.76
CA ILE C 612 -2.66 22.35 3.33
C ILE C 612 -2.42 23.79 3.77
N PHE C 613 -3.02 24.75 3.07
CA PHE C 613 -2.69 26.16 3.28
C PHE C 613 -3.49 26.78 4.43
N SER C 614 -4.73 26.35 4.63
CA SER C 614 -5.63 26.95 5.59
C SER C 614 -5.25 26.64 7.03
N ARG C 615 -4.30 25.72 7.25
CA ARG C 615 -3.84 25.45 8.60
C ARG C 615 -3.02 26.61 9.15
N SER C 616 -2.69 27.60 8.32
CA SER C 616 -1.96 28.77 8.78
C SER C 616 -2.86 29.80 9.45
N LEU C 617 -4.18 29.67 9.32
CA LEU C 617 -5.08 30.66 9.90
C LEU C 617 -4.97 30.69 11.42
N ARG C 618 -4.90 29.50 12.04
CA ARG C 618 -4.72 29.45 13.48
C ARG C 618 -3.35 29.94 13.91
N LYS C 619 -2.38 29.93 13.01
CA LYS C 619 -0.99 30.19 13.36
C LYS C 619 -0.57 31.64 13.10
N ASN C 620 -1.32 32.38 12.29
CA ASN C 620 -0.91 33.72 11.87
C ASN C 620 -2.07 34.68 12.01
N ARG C 621 -1.74 35.94 12.26
CA ARG C 621 -2.67 37.05 12.12
C ARG C 621 -2.24 37.92 10.95
N GLU C 622 -1.01 38.42 10.94
CA GLU C 622 -0.41 38.92 9.72
C GLU C 622 0.23 37.77 8.97
N LEU C 623 0.03 37.75 7.65
CA LEU C 623 0.62 36.72 6.81
C LEU C 623 0.70 37.26 5.39
N PHE C 624 1.90 37.30 4.84
CA PHE C 624 2.12 37.69 3.45
C PHE C 624 2.21 36.42 2.61
N VAL C 625 1.22 36.20 1.76
CA VAL C 625 1.14 35.00 0.93
C VAL C 625 1.80 35.33 -0.40
N HIS C 626 2.90 34.64 -0.72
CA HIS C 626 3.61 34.83 -1.97
C HIS C 626 3.28 33.68 -2.89
N GLY C 627 2.25 33.86 -3.72
CA GLY C 627 1.82 32.83 -4.64
C GLY C 627 2.44 33.02 -6.02
N LEU C 628 2.79 31.90 -6.65
CA LEU C 628 3.29 31.90 -8.02
C LEU C 628 2.12 32.01 -8.98
N PRO C 629 2.39 32.31 -10.26
CA PRO C 629 1.31 32.31 -11.25
C PRO C 629 0.61 30.96 -11.31
N GLY C 630 -0.70 30.99 -11.45
CA GLY C 630 -1.48 29.77 -11.49
C GLY C 630 -1.44 28.94 -10.22
N SER C 631 -1.08 29.55 -9.09
CA SER C 631 -0.96 28.81 -7.84
C SER C 631 -2.25 28.76 -7.03
N GLY C 632 -3.30 29.45 -7.48
CA GLY C 632 -4.57 29.45 -6.79
C GLY C 632 -4.78 30.61 -5.84
N LYS C 633 -3.87 31.58 -5.81
CA LYS C 633 -3.88 32.69 -4.87
C LYS C 633 -5.28 33.24 -4.58
N THR C 634 -6.04 33.60 -5.62
CA THR C 634 -7.36 34.18 -5.38
C THR C 634 -8.37 33.17 -4.86
N ILE C 635 -8.28 31.92 -5.31
CA ILE C 635 -9.17 30.88 -4.78
C ILE C 635 -8.86 30.67 -3.30
N MET C 636 -7.58 30.67 -2.93
CA MET C 636 -7.20 30.58 -1.53
C MET C 636 -7.74 31.76 -0.75
N ALA C 637 -7.67 32.95 -1.33
CA ALA C 637 -8.20 34.13 -0.64
C ALA C 637 -9.69 33.96 -0.36
N MET C 638 -10.45 33.52 -1.35
CA MET C 638 -11.88 33.32 -1.15
C MET C 638 -12.16 32.28 -0.08
N LYS C 639 -11.48 31.13 -0.18
CA LYS C 639 -11.71 30.06 0.79
C LYS C 639 -11.29 30.47 2.19
N ILE C 640 -10.23 31.28 2.30
CA ILE C 640 -9.80 31.77 3.61
C ILE C 640 -10.81 32.76 4.16
N MET C 641 -11.41 33.57 3.30
CA MET C 641 -12.45 34.47 3.79
C MET C 641 -13.67 33.69 4.27
N GLU C 642 -13.94 32.53 3.67
CA GLU C 642 -14.98 31.67 4.20
C GLU C 642 -14.57 31.06 5.54
N LYS C 643 -13.33 30.58 5.64
CA LYS C 643 -12.91 29.93 6.87
C LYS C 643 -12.76 30.92 8.01
N ILE C 644 -12.47 32.19 7.71
CA ILE C 644 -12.37 33.20 8.76
C ILE C 644 -13.70 33.35 9.47
N ARG C 645 -14.79 33.46 8.71
CA ARG C 645 -16.10 33.46 9.35
C ARG C 645 -16.39 32.13 10.03
N ASN C 646 -16.07 31.00 9.38
CA ASN C 646 -16.36 29.71 10.00
C ASN C 646 -15.67 29.57 11.36
N VAL C 647 -14.51 30.18 11.53
CA VAL C 647 -13.73 30.01 12.76
C VAL C 647 -14.04 31.09 13.77
N PHE C 648 -13.92 32.36 13.39
CA PHE C 648 -14.11 33.47 14.31
C PHE C 648 -15.58 33.77 14.57
N HIS C 649 -16.50 33.10 13.87
CA HIS C 649 -17.92 33.25 14.12
C HIS C 649 -18.38 34.68 13.85
N CYS C 650 -17.60 35.43 13.08
CA CYS C 650 -17.98 36.80 12.73
C CYS C 650 -18.81 36.78 11.45
N GLU C 651 -19.76 37.71 11.36
CA GLU C 651 -20.63 37.79 10.20
C GLU C 651 -19.86 38.31 9.00
N ALA C 652 -20.36 37.97 7.80
CA ALA C 652 -19.58 38.17 6.59
C ALA C 652 -19.19 39.63 6.38
N HIS C 653 -20.05 40.56 6.79
CA HIS C 653 -19.75 41.97 6.61
C HIS C 653 -18.55 42.43 7.43
N ARG C 654 -18.11 41.61 8.39
CA ARG C 654 -16.95 41.96 9.21
C ARG C 654 -15.63 41.66 8.52
N ILE C 655 -15.63 40.90 7.43
CA ILE C 655 -14.42 40.55 6.68
C ILE C 655 -14.36 41.43 5.45
N LEU C 656 -13.20 42.02 5.18
CA LEU C 656 -13.01 42.93 4.07
C LEU C 656 -12.01 42.35 3.07
N TYR C 657 -12.31 42.55 1.79
CA TYR C 657 -11.43 42.15 0.71
C TYR C 657 -11.05 43.38 -0.11
N VAL C 658 -9.76 43.59 -0.29
CA VAL C 658 -9.24 44.74 -1.02
C VAL C 658 -8.42 44.24 -2.19
N CYS C 659 -8.73 44.74 -3.38
CA CYS C 659 -7.99 44.38 -4.59
C CYS C 659 -7.83 45.63 -5.44
N GLU C 660 -6.83 45.59 -6.33
CA GLU C 660 -6.53 46.75 -7.15
C GLU C 660 -7.53 46.91 -8.29
N ASN C 661 -8.02 45.81 -8.85
CA ASN C 661 -8.78 45.82 -10.10
C ASN C 661 -10.28 45.71 -9.83
N GLN C 662 -11.04 46.58 -10.49
CA GLN C 662 -12.49 46.55 -10.34
C GLN C 662 -13.13 45.26 -10.80
N PRO C 663 -12.74 44.65 -11.92
CA PRO C 663 -13.34 43.36 -12.28
C PRO C 663 -13.18 42.30 -11.21
N LEU C 664 -11.99 42.23 -10.59
CA LEU C 664 -11.79 41.27 -9.50
C LEU C 664 -12.59 41.40 -8.21
N ARG C 665 -12.88 42.63 -7.83
CA ARG C 665 -13.66 42.98 -6.65
C ARG C 665 -15.09 42.84 -6.89
N ASN C 666 -15.46 42.84 -8.17
CA ASN C 666 -16.84 42.61 -8.53
C ASN C 666 -17.03 41.13 -8.51
N PHE C 667 -16.04 40.41 -9.04
CA PHE C 667 -16.12 38.95 -9.00
C PHE C 667 -16.17 38.45 -7.57
N ILE C 668 -15.33 39.01 -6.70
CA ILE C 668 -15.32 38.60 -5.30
C ILE C 668 -16.56 39.10 -4.58
N SER C 669 -17.05 40.28 -4.94
CA SER C 669 -18.23 40.83 -4.28
C SER C 669 -19.45 39.97 -4.51
N ASP C 670 -19.59 39.43 -5.73
CA ASP C 670 -20.72 38.56 -6.04
C ASP C 670 -20.66 37.20 -5.35
N ARG C 671 -19.61 36.92 -4.56
CA ARG C 671 -19.55 35.68 -3.81
C ARG C 671 -20.24 35.76 -2.46
N ASN C 672 -20.56 36.96 -1.98
CA ASN C 672 -21.24 37.19 -0.71
C ASN C 672 -20.47 36.65 0.48
N ILE C 673 -19.16 36.36 0.32
CA ILE C 673 -18.36 35.86 1.42
C ILE C 673 -17.76 36.97 2.26
N CYS C 674 -17.88 38.22 1.84
CA CYS C 674 -17.24 39.32 2.53
C CYS C 674 -17.70 40.62 1.89
N ARG C 675 -17.16 41.72 2.40
CA ARG C 675 -17.23 42.98 1.67
C ARG C 675 -15.97 43.16 0.84
N ALA C 676 -16.14 43.45 -0.44
CA ALA C 676 -15.03 43.59 -1.37
C ALA C 676 -15.00 45.02 -1.90
N GLU C 677 -13.83 45.66 -1.82
CA GLU C 677 -13.68 47.03 -2.27
C GLU C 677 -12.34 47.18 -2.96
N THR C 678 -12.23 48.23 -3.77
CA THR C 678 -10.98 48.53 -4.46
C THR C 678 -10.06 49.31 -3.53
N ARG C 679 -8.78 49.39 -3.91
CA ARG C 679 -7.81 50.11 -3.10
C ARG C 679 -8.28 51.53 -2.82
N LYS C 680 -8.74 52.23 -3.86
CA LYS C 680 -9.15 53.62 -3.70
C LYS C 680 -10.37 53.73 -2.79
N THR C 681 -11.36 52.85 -2.98
CA THR C 681 -12.50 52.86 -2.09
C THR C 681 -12.08 52.55 -0.66
N PHE C 682 -11.14 51.61 -0.50
CA PHE C 682 -10.64 51.27 0.83
C PHE C 682 -10.05 52.46 1.56
N LEU C 683 -9.21 53.25 0.87
CA LEU C 683 -8.63 54.42 1.49
C LEU C 683 -9.66 55.52 1.75
N ARG C 684 -10.59 55.71 0.82
CA ARG C 684 -11.52 56.83 0.92
C ARG C 684 -12.50 56.58 2.07
N GLU C 685 -13.10 55.40 2.10
CA GLU C 685 -14.24 55.17 2.99
C GLU C 685 -13.77 54.73 4.38
N ASN C 686 -14.73 54.62 5.28
CA ASN C 686 -14.47 54.23 6.67
C ASN C 686 -14.81 52.76 6.85
N PHE C 687 -13.92 52.03 7.52
CA PHE C 687 -14.10 50.60 7.75
C PHE C 687 -13.80 50.23 9.20
N GLU C 688 -14.09 51.13 10.14
CA GLU C 688 -13.80 50.89 11.54
C GLU C 688 -14.53 49.68 12.09
N HIS C 689 -15.63 49.26 11.46
CA HIS C 689 -16.34 48.06 11.89
C HIS C 689 -15.73 46.79 11.33
N ILE C 690 -14.68 46.89 10.51
CA ILE C 690 -14.06 45.71 9.93
C ILE C 690 -13.03 45.15 10.89
N GLN C 691 -13.09 43.83 11.11
CA GLN C 691 -12.12 43.15 11.95
C GLN C 691 -11.00 42.51 11.12
N HIS C 692 -11.34 41.83 10.03
CA HIS C 692 -10.40 41.08 9.23
C HIS C 692 -10.27 41.71 7.85
N ILE C 693 -9.06 41.72 7.31
CA ILE C 693 -8.80 42.26 5.98
C ILE C 693 -7.97 41.24 5.20
N VAL C 694 -8.44 40.89 4.01
CA VAL C 694 -7.67 40.12 3.05
C VAL C 694 -7.37 41.02 1.86
N ILE C 695 -6.10 41.17 1.54
CA ILE C 695 -5.66 42.01 0.44
C ILE C 695 -5.04 41.12 -0.63
N ASP C 696 -5.56 41.21 -1.85
CA ASP C 696 -5.13 40.36 -2.94
C ASP C 696 -4.51 41.21 -4.03
N GLU C 697 -3.63 40.58 -4.81
CA GLU C 697 -2.81 41.28 -5.80
C GLU C 697 -2.28 42.59 -5.20
N ALA C 698 -1.63 42.48 -4.05
CA ALA C 698 -1.05 43.64 -3.39
C ALA C 698 0.13 44.23 -4.14
N GLN C 699 0.78 43.44 -5.00
CA GLN C 699 1.87 43.99 -5.80
C GLN C 699 1.37 44.96 -6.86
N ASN C 700 0.07 44.95 -7.14
CA ASN C 700 -0.52 45.87 -8.10
C ASN C 700 -1.03 47.16 -7.45
N PHE C 701 -0.94 47.27 -6.13
CA PHE C 701 -1.40 48.47 -5.45
C PHE C 701 -0.46 49.63 -5.73
N ARG C 702 -0.88 50.83 -5.31
CA ARG C 702 -0.09 52.03 -5.54
C ARG C 702 -0.13 52.91 -4.29
N THR C 703 0.93 53.71 -4.12
CA THR C 703 1.04 54.60 -2.98
C THR C 703 0.48 56.00 -3.26
N GLU C 704 0.02 56.25 -4.48
CA GLU C 704 -0.33 57.61 -4.87
C GLU C 704 -1.53 58.14 -4.10
N ASP C 705 -2.39 57.26 -3.59
CA ASP C 705 -3.59 57.67 -2.88
C ASP C 705 -3.37 57.76 -1.38
N GLY C 706 -2.55 56.90 -0.80
CA GLY C 706 -2.30 56.87 0.62
C GLY C 706 -1.60 55.60 1.05
N ASP C 707 -1.47 55.45 2.37
CA ASP C 707 -0.81 54.29 2.96
C ASP C 707 -1.86 53.21 3.22
N TRP C 708 -2.14 52.42 2.18
CA TRP C 708 -3.11 51.35 2.31
C TRP C 708 -2.65 50.33 3.33
N TYR C 709 -1.36 50.01 3.34
CA TYR C 709 -0.86 49.05 4.32
C TYR C 709 -1.06 49.57 5.74
N GLY C 710 -0.70 50.83 5.98
CA GLY C 710 -0.88 51.39 7.31
C GLY C 710 -2.33 51.40 7.73
N LYS C 711 -3.22 51.75 6.81
CA LYS C 711 -4.66 51.72 7.12
C LYS C 711 -5.10 50.31 7.50
N ALA C 712 -4.67 49.31 6.73
CA ALA C 712 -5.07 47.94 7.04
C ALA C 712 -4.52 47.50 8.39
N LYS C 713 -3.27 47.85 8.67
CA LYS C 713 -2.68 47.55 9.98
C LYS C 713 -3.51 48.17 11.09
N SER C 714 -3.80 49.46 10.98
CA SER C 714 -4.58 50.13 12.01
C SER C 714 -5.92 49.43 12.22
N ILE C 715 -6.64 49.19 11.13
CA ILE C 715 -7.99 48.62 11.24
C ILE C 715 -7.93 47.24 11.89
N THR C 716 -6.97 46.41 11.46
CA THR C 716 -6.93 45.04 11.96
C THR C 716 -6.45 44.97 13.40
N ARG C 717 -5.38 45.69 13.74
CA ARG C 717 -4.86 45.65 15.10
C ARG C 717 -5.81 46.30 16.09
N ARG C 718 -6.52 47.35 15.71
CA ARG C 718 -7.46 47.99 16.61
C ARG C 718 -8.76 47.22 16.77
N ALA C 719 -8.83 45.99 16.26
CA ALA C 719 -10.05 45.20 16.37
C ALA C 719 -10.26 44.76 17.82
N LYS C 720 -11.54 44.57 18.18
CA LYS C 720 -11.89 44.20 19.55
C LYS C 720 -11.50 42.77 19.90
N GLY C 721 -11.59 41.84 18.95
CA GLY C 721 -11.25 40.46 19.24
C GLY C 721 -9.79 40.15 18.97
N GLY C 722 -8.89 40.81 19.70
CA GLY C 722 -7.48 40.65 19.49
C GLY C 722 -7.04 41.35 18.21
N PRO C 723 -5.87 40.99 17.69
CA PRO C 723 -5.45 41.54 16.41
C PRO C 723 -6.07 40.76 15.26
N GLY C 724 -6.92 41.44 14.48
CA GLY C 724 -7.63 40.79 13.41
C GLY C 724 -6.72 40.23 12.35
N ILE C 725 -7.30 39.36 11.52
CA ILE C 725 -6.56 38.77 10.42
C ILE C 725 -6.20 39.84 9.41
N LEU C 726 -4.92 39.89 9.02
CA LEU C 726 -4.43 40.76 7.95
C LEU C 726 -3.60 39.91 7.01
N TRP C 727 -4.24 39.29 6.03
CA TRP C 727 -3.56 38.45 5.05
C TRP C 727 -3.44 39.23 3.74
N ILE C 728 -2.23 39.32 3.23
CA ILE C 728 -1.93 40.10 2.03
C ILE C 728 -1.40 39.12 0.99
N PHE C 729 -2.24 38.80 0.01
CA PHE C 729 -1.84 37.95 -1.10
C PHE C 729 -1.18 38.79 -2.18
N LEU C 730 -0.08 38.28 -2.74
CA LEU C 730 0.62 39.02 -3.77
C LEU C 730 1.45 38.05 -4.62
N ASP C 731 1.68 38.46 -5.86
CA ASP C 731 2.50 37.69 -6.79
C ASP C 731 3.42 38.66 -7.52
N TYR C 732 4.72 38.59 -7.25
CA TYR C 732 5.64 39.50 -7.87
C TYR C 732 5.91 39.17 -9.33
N PHE C 733 5.63 37.93 -9.75
CA PHE C 733 5.71 37.60 -11.16
C PHE C 733 4.64 38.31 -11.97
N GLN C 734 3.56 38.76 -11.33
CA GLN C 734 2.43 39.37 -12.01
C GLN C 734 2.29 40.85 -11.67
N THR C 735 3.42 41.54 -11.53
CA THR C 735 3.39 42.98 -11.30
C THR C 735 2.87 43.70 -12.54
N SER C 736 2.12 44.78 -12.32
CA SER C 736 1.47 45.50 -13.40
C SER C 736 1.91 46.95 -13.53
N HIS C 737 2.94 47.38 -12.80
CA HIS C 737 3.44 48.73 -12.92
C HIS C 737 4.83 48.80 -12.31
N LEU C 738 5.54 49.90 -12.62
CA LEU C 738 6.92 50.08 -12.19
C LEU C 738 7.06 50.83 -10.87
N ASP C 739 5.97 51.37 -10.33
CA ASP C 739 6.04 52.14 -9.10
C ASP C 739 5.98 51.23 -7.88
N CYS C 740 6.40 51.77 -6.75
CA CYS C 740 6.30 51.04 -5.49
C CYS C 740 4.84 50.85 -5.11
N SER C 741 4.52 49.66 -4.61
CA SER C 741 3.14 49.31 -4.31
C SER C 741 2.73 49.66 -2.88
N GLY C 742 3.61 50.23 -2.08
CA GLY C 742 3.32 50.49 -0.69
C GLY C 742 3.47 49.31 0.22
N LEU C 743 3.87 48.16 -0.32
CA LEU C 743 4.10 46.99 0.52
C LEU C 743 5.34 47.21 1.39
N PRO C 744 5.43 46.54 2.53
CA PRO C 744 6.61 46.65 3.37
C PRO C 744 7.81 46.02 2.68
N PRO C 745 9.03 46.39 3.05
CA PRO C 745 10.20 45.74 2.45
C PRO C 745 10.08 44.23 2.51
N LEU C 746 10.84 43.56 1.63
CA LEU C 746 10.76 42.11 1.59
C LEU C 746 11.19 41.48 2.91
N SER C 747 12.23 42.01 3.53
CA SER C 747 12.63 41.53 4.86
C SER C 747 11.52 41.70 5.89
N ASP C 748 10.70 42.74 5.73
CA ASP C 748 9.59 43.01 6.63
C ASP C 748 8.39 42.13 6.34
N GLN C 749 8.24 41.64 5.11
CA GLN C 749 7.10 40.82 4.72
C GLN C 749 7.20 39.44 5.38
N TYR C 750 6.87 39.39 6.67
CA TYR C 750 6.81 38.15 7.42
C TYR C 750 5.66 38.21 8.41
N PRO C 751 5.08 37.06 8.79
CA PRO C 751 5.40 35.70 8.33
C PRO C 751 4.92 35.46 6.90
N ARG C 752 5.51 34.51 6.19
CA ARG C 752 5.21 34.26 4.79
C ARG C 752 4.64 32.86 4.61
N GLU C 753 3.75 32.75 3.63
CA GLU C 753 3.34 31.46 3.10
C GLU C 753 3.48 31.54 1.59
N GLU C 754 3.85 30.41 0.99
CA GLU C 754 4.18 30.36 -0.43
C GLU C 754 3.32 29.32 -1.10
N LEU C 755 2.61 29.73 -2.14
CA LEU C 755 1.81 28.83 -2.98
C LEU C 755 2.61 28.57 -4.25
N THR C 756 3.45 27.54 -4.21
CA THR C 756 4.30 27.19 -5.35
C THR C 756 3.83 26.09 -6.28
N ARG C 757 2.73 25.45 -6.01
CA ARG C 757 2.25 24.42 -6.83
C ARG C 757 1.33 25.11 -7.67
N ILE C 758 1.38 24.90 -8.96
CA ILE C 758 0.39 25.49 -9.87
C ILE C 758 -0.76 24.52 -10.02
N VAL C 759 -1.98 24.98 -9.73
CA VAL C 759 -3.14 24.12 -9.63
C VAL C 759 -4.31 24.67 -10.42
N ARG C 760 -4.14 25.83 -11.05
CA ARG C 760 -5.24 26.49 -11.74
C ARG C 760 -5.17 26.37 -13.25
N ASN C 761 -4.08 25.84 -13.81
CA ASN C 761 -3.91 25.75 -15.25
C ASN C 761 -3.53 24.33 -15.64
N ALA C 762 -3.98 23.92 -16.83
CA ALA C 762 -3.65 22.59 -17.34
C ALA C 762 -2.17 22.50 -17.66
N ASP C 763 -1.68 21.27 -17.85
CA ASP C 763 -0.25 21.03 -17.99
C ASP C 763 0.41 21.86 -19.09
N PRO C 764 -0.13 21.94 -20.30
CA PRO C 764 0.52 22.80 -21.31
C PRO C 764 0.62 24.25 -20.89
N ILE C 765 -0.38 24.78 -20.19
CA ILE C 765 -0.31 26.16 -19.71
C ILE C 765 0.71 26.27 -18.58
N ALA C 766 0.75 25.29 -17.69
CA ALA C 766 1.64 25.36 -16.54
C ALA C 766 3.09 25.30 -16.95
N LYS C 767 3.42 24.44 -17.93
CA LYS C 767 4.79 24.38 -18.43
C LYS C 767 5.20 25.70 -19.06
N TYR C 768 4.29 26.33 -19.81
CA TYR C 768 4.56 27.63 -20.39
C TYR C 768 4.77 28.68 -19.31
N LEU C 769 3.97 28.66 -18.25
CA LEU C 769 4.16 29.59 -17.15
C LEU C 769 5.52 29.39 -16.48
N GLN C 770 5.90 28.13 -16.26
CA GLN C 770 7.20 27.85 -15.67
C GLN C 770 8.32 28.36 -16.56
N LYS C 771 8.20 28.16 -17.88
CA LYS C 771 9.22 28.64 -18.80
C LYS C 771 9.34 30.16 -18.75
N GLU C 772 8.20 30.86 -18.75
CA GLU C 772 8.24 32.32 -18.79
C GLU C 772 8.66 32.92 -17.44
N MET C 773 8.47 32.19 -16.35
CA MET C 773 8.95 32.70 -15.07
C MET C 773 10.47 32.78 -15.04
N GLN C 774 11.15 31.90 -15.79
CA GLN C 774 12.59 32.03 -15.93
C GLN C 774 12.97 33.32 -16.65
N VAL C 775 12.24 33.67 -17.70
CA VAL C 775 12.50 34.92 -18.40
C VAL C 775 12.26 36.10 -17.47
N ILE C 776 11.23 36.04 -16.64
CA ILE C 776 10.99 37.11 -15.67
C ILE C 776 12.14 37.21 -14.70
N ARG C 777 12.61 36.07 -14.19
CA ARG C 777 13.74 36.07 -13.27
C ARG C 777 14.99 36.68 -13.92
N SER C 778 15.18 36.44 -15.21
CA SER C 778 16.39 36.92 -15.88
C SER C 778 16.53 38.44 -15.82
N ASN C 779 15.45 39.18 -15.64
CA ASN C 779 15.54 40.63 -15.60
C ASN C 779 14.36 41.24 -14.85
N PRO C 780 14.37 41.19 -13.53
CA PRO C 780 13.25 41.76 -12.76
C PRO C 780 13.22 43.28 -12.86
N SER C 781 12.02 43.84 -12.67
CA SER C 781 11.87 45.29 -12.65
C SER C 781 12.50 45.87 -11.40
N PHE C 782 12.78 47.19 -11.45
CA PHE C 782 13.48 47.82 -10.34
C PHE C 782 12.62 47.96 -9.10
N ASN C 783 11.29 47.98 -9.25
CA ASN C 783 10.40 48.02 -8.09
C ASN C 783 10.20 46.64 -7.46
N ILE C 784 10.70 45.59 -8.10
CA ILE C 784 10.57 44.23 -7.58
C ILE C 784 11.84 43.92 -6.79
N PRO C 785 11.74 43.74 -5.47
CA PRO C 785 12.94 43.34 -4.72
C PRO C 785 13.50 42.04 -5.28
N THR C 786 14.82 42.04 -5.54
CA THR C 786 15.41 40.97 -6.34
C THR C 786 15.18 39.60 -5.71
N GLY C 787 15.16 39.53 -4.38
CA GLY C 787 15.08 38.23 -3.72
C GLY C 787 13.69 37.61 -3.72
N CYS C 788 12.68 38.33 -4.20
CA CYS C 788 11.32 37.81 -4.16
C CYS C 788 11.08 36.73 -5.21
N LEU C 789 11.64 36.89 -6.41
CA LEU C 789 11.41 35.95 -7.50
C LEU C 789 12.17 34.65 -7.34
N GLU C 790 12.99 34.52 -6.29
CA GLU C 790 13.70 33.27 -6.03
C GLU C 790 12.78 32.14 -5.60
N VAL C 791 11.47 32.37 -5.58
CA VAL C 791 10.52 31.29 -5.33
C VAL C 791 10.42 30.43 -6.57
N PHE C 792 10.54 29.11 -6.38
CA PHE C 792 10.51 28.17 -7.48
C PHE C 792 9.31 27.24 -7.37
N PRO C 793 8.71 26.83 -8.49
CA PRO C 793 7.63 25.84 -8.41
C PRO C 793 8.12 24.51 -7.85
N GLU C 794 7.18 23.74 -7.31
CA GLU C 794 7.51 22.39 -6.87
C GLU C 794 8.11 21.60 -8.03
N ALA C 795 9.29 21.03 -7.80
CA ALA C 795 10.08 20.49 -8.91
C ALA C 795 9.35 19.37 -9.62
N GLU C 796 8.75 18.44 -8.87
CA GLU C 796 8.13 17.25 -9.44
C GLU C 796 6.62 17.37 -9.55
N TRP C 797 6.06 18.57 -9.38
CA TRP C 797 4.62 18.75 -9.43
C TRP C 797 4.13 18.83 -10.87
N SER C 798 2.99 18.18 -11.12
CA SER C 798 2.31 18.28 -12.40
C SER C 798 0.81 18.18 -12.14
N GLN C 799 0.03 18.79 -13.01
CA GLN C 799 -1.42 18.77 -12.85
C GLN C 799 -2.05 17.50 -13.38
N GLY C 800 -1.45 16.88 -14.39
CA GLY C 800 -2.06 15.72 -15.00
C GLY C 800 -3.35 16.02 -15.72
N VAL C 801 -3.52 17.26 -16.16
CA VAL C 801 -4.73 17.71 -16.85
C VAL C 801 -4.31 18.23 -18.22
N GLN C 802 -4.96 17.71 -19.26
CA GLN C 802 -4.61 18.13 -20.61
C GLN C 802 -5.10 19.55 -20.88
N GLY C 803 -4.31 20.28 -21.64
CA GLY C 803 -4.67 21.62 -22.04
C GLY C 803 -4.36 21.86 -23.49
N THR C 804 -4.36 23.13 -23.90
CA THR C 804 -4.01 23.51 -25.27
C THR C 804 -3.23 24.81 -25.21
N LEU C 805 -2.17 24.89 -26.00
CA LEU C 805 -1.38 26.11 -26.14
C LEU C 805 -0.94 26.25 -27.59
N ARG C 806 -1.59 27.15 -28.30
CA ARG C 806 -1.27 27.43 -29.70
C ARG C 806 -0.81 28.87 -29.82
N ILE C 807 0.41 29.06 -30.30
CA ILE C 807 0.98 30.38 -30.53
C ILE C 807 1.04 30.59 -32.03
N LYS C 808 0.24 31.54 -32.53
CA LYS C 808 0.18 31.84 -33.95
C LYS C 808 0.70 33.25 -34.15
N LYS C 809 1.69 33.41 -35.04
CA LYS C 809 2.38 34.66 -35.20
C LYS C 809 2.47 35.03 -36.67
N TYR C 810 2.80 36.29 -36.93
CA TYR C 810 2.86 36.88 -38.26
C TYR C 810 1.49 37.03 -38.90
N LEU C 811 0.42 36.91 -38.11
CA LEU C 811 -0.92 37.07 -38.63
C LEU C 811 -1.41 38.50 -38.43
N THR C 812 -2.31 38.93 -39.31
CA THR C 812 -2.88 40.26 -39.23
C THR C 812 -4.05 40.29 -38.25
N VAL C 813 -4.55 41.50 -37.99
CA VAL C 813 -5.62 41.67 -37.03
C VAL C 813 -6.88 40.93 -37.49
N GLU C 814 -7.22 41.09 -38.77
CA GLU C 814 -8.40 40.39 -39.30
C GLU C 814 -8.23 38.89 -39.23
N GLN C 815 -7.03 38.38 -39.53
CA GLN C 815 -6.79 36.95 -39.41
C GLN C 815 -6.94 36.49 -37.97
N ILE C 816 -6.47 37.28 -37.01
CA ILE C 816 -6.64 36.94 -35.60
C ILE C 816 -8.12 36.85 -35.27
N MET C 817 -8.90 37.85 -35.72
CA MET C 817 -10.33 37.84 -35.45
C MET C 817 -10.99 36.59 -36.00
N THR C 818 -10.70 36.27 -37.27
CA THR C 818 -11.35 35.11 -37.89
C THR C 818 -10.93 33.81 -37.22
N CYS C 819 -9.65 33.69 -36.84
CA CYS C 819 -9.21 32.48 -36.15
C CYS C 819 -9.91 32.34 -34.81
N VAL C 820 -10.02 33.45 -34.06
CA VAL C 820 -10.69 33.39 -32.77
C VAL C 820 -12.15 33.00 -32.95
N ALA C 821 -12.82 33.59 -33.94
CA ALA C 821 -14.22 33.27 -34.18
C ALA C 821 -14.40 31.81 -34.58
N ASP C 822 -13.52 31.30 -35.44
CA ASP C 822 -13.60 29.91 -35.85
C ASP C 822 -13.42 28.98 -34.66
N THR C 823 -12.42 29.26 -33.82
CA THR C 823 -12.21 28.42 -32.64
C THR C 823 -13.40 28.48 -31.69
N CYS C 824 -13.96 29.67 -31.50
CA CYS C 824 -15.12 29.81 -30.63
C CYS C 824 -16.30 29.00 -31.17
N ARG C 825 -16.53 29.07 -32.47
CA ARG C 825 -17.64 28.31 -33.05
C ARG C 825 -17.40 26.81 -32.91
N ARG C 826 -16.15 26.36 -33.11
CA ARG C 826 -15.85 24.95 -32.96
C ARG C 826 -16.09 24.49 -31.53
N PHE C 827 -15.70 25.30 -30.54
CA PHE C 827 -15.98 24.96 -29.15
C PHE C 827 -17.47 24.91 -28.89
N PHE C 828 -18.20 25.92 -29.35
CA PHE C 828 -19.62 25.99 -29.05
C PHE C 828 -20.39 24.85 -29.70
N ASP C 829 -19.94 24.40 -30.87
CA ASP C 829 -20.55 23.22 -31.48
C ASP C 829 -20.39 22.00 -30.59
N ARG C 830 -19.18 21.80 -30.05
CA ARG C 830 -18.96 20.69 -29.12
C ARG C 830 -19.74 20.87 -27.83
N GLY C 831 -20.12 22.09 -27.48
CA GLY C 831 -20.97 22.32 -26.33
C GLY C 831 -20.38 23.22 -25.26
N TYR C 832 -19.21 23.81 -25.49
CA TYR C 832 -18.65 24.73 -24.52
C TYR C 832 -19.51 25.99 -24.44
N SER C 833 -19.73 26.46 -23.24
CA SER C 833 -20.55 27.65 -23.11
C SER C 833 -19.75 28.90 -23.46
N PRO C 834 -20.42 29.98 -23.89
CA PRO C 834 -19.69 31.23 -24.14
C PRO C 834 -18.97 31.75 -22.90
N LYS C 835 -19.48 31.47 -21.71
CA LYS C 835 -18.84 31.90 -20.47
C LYS C 835 -17.61 31.10 -20.14
N ASP C 836 -17.13 30.26 -21.05
CA ASP C 836 -15.84 29.62 -20.91
C ASP C 836 -14.74 30.35 -21.65
N VAL C 837 -15.08 31.35 -22.46
CA VAL C 837 -14.16 31.99 -23.40
C VAL C 837 -13.90 33.40 -22.93
N ALA C 838 -12.63 33.81 -23.01
CA ALA C 838 -12.22 35.19 -22.78
C ALA C 838 -11.20 35.59 -23.83
N VAL C 839 -11.32 36.81 -24.32
CA VAL C 839 -10.37 37.39 -25.25
C VAL C 839 -9.66 38.51 -24.52
N LEU C 840 -8.36 38.38 -24.32
CA LEU C 840 -7.58 39.33 -23.54
C LEU C 840 -6.62 40.06 -24.47
N VAL C 841 -6.68 41.38 -24.48
CA VAL C 841 -5.84 42.20 -25.34
C VAL C 841 -4.79 42.89 -24.47
N SER C 842 -3.84 43.57 -25.11
CA SER C 842 -2.72 44.16 -24.38
C SER C 842 -3.20 45.22 -23.40
N THR C 843 -3.99 46.18 -23.87
CA THR C 843 -4.36 47.33 -23.05
C THR C 843 -5.81 47.70 -23.29
N ALA C 844 -6.36 48.50 -22.36
CA ALA C 844 -7.75 48.90 -22.45
C ALA C 844 -8.04 49.77 -23.68
N LYS C 845 -7.14 50.68 -24.04
CA LYS C 845 -7.41 51.56 -25.17
C LYS C 845 -7.62 50.76 -26.45
N GLU C 846 -7.09 49.54 -26.52
CA GLU C 846 -7.31 48.68 -27.67
C GLU C 846 -8.55 47.81 -27.53
N VAL C 847 -9.20 47.83 -26.36
CA VAL C 847 -10.30 46.93 -26.10
C VAL C 847 -11.48 47.23 -27.02
N GLU C 848 -11.81 48.51 -27.18
CA GLU C 848 -12.95 48.85 -28.04
C GLU C 848 -12.68 48.50 -29.50
N HIS C 849 -11.48 48.83 -30.00
CA HIS C 849 -11.12 48.48 -31.37
C HIS C 849 -11.24 46.97 -31.58
N TYR C 850 -10.63 46.19 -30.70
CA TYR C 850 -10.67 44.74 -30.87
C TYR C 850 -12.08 44.20 -30.68
N LYS C 851 -12.89 44.84 -29.83
CA LYS C 851 -14.27 44.41 -29.66
C LYS C 851 -15.04 44.57 -30.95
N TYR C 852 -14.92 45.74 -31.58
CA TYR C 852 -15.60 45.96 -32.85
C TYR C 852 -15.11 44.98 -33.91
N GLU C 853 -13.78 44.81 -34.00
CA GLU C 853 -13.23 43.94 -35.03
C GLU C 853 -13.63 42.48 -34.80
N LEU C 854 -13.76 42.06 -33.54
CA LEU C 854 -14.12 40.68 -33.25
C LEU C 854 -15.62 40.46 -33.46
N LEU C 855 -16.45 41.45 -33.17
CA LEU C 855 -17.87 41.35 -33.50
C LEU C 855 -18.06 41.25 -35.00
N LYS C 856 -17.26 42.00 -35.76
CA LYS C 856 -17.35 41.95 -37.22
C LYS C 856 -17.20 40.52 -37.72
N ALA C 857 -16.37 39.71 -37.05
CA ALA C 857 -16.16 38.33 -37.48
C ALA C 857 -17.13 37.37 -36.82
N MET C 858 -17.57 37.68 -35.59
CA MET C 858 -18.44 36.77 -34.87
C MET C 858 -19.88 36.86 -35.34
N ARG C 859 -20.23 37.94 -36.04
CA ARG C 859 -21.55 38.00 -36.67
C ARG C 859 -21.72 36.90 -37.70
N LYS C 860 -20.61 36.36 -38.21
CA LYS C 860 -20.66 35.17 -39.06
C LYS C 860 -20.82 33.89 -38.27
N LYS C 861 -20.59 33.94 -36.94
CA LYS C 861 -20.65 32.75 -36.09
C LYS C 861 -21.82 32.81 -35.11
N ARG C 862 -22.68 33.82 -35.25
CA ARG C 862 -24.02 33.83 -34.65
C ARG C 862 -24.03 34.19 -33.17
N VAL C 863 -22.96 34.77 -32.65
CA VAL C 863 -22.98 35.37 -31.32
C VAL C 863 -22.40 36.77 -31.42
N VAL C 864 -23.18 37.76 -30.99
CA VAL C 864 -22.85 39.16 -31.19
C VAL C 864 -22.79 39.87 -29.86
N GLN C 865 -22.45 39.12 -28.80
CA GLN C 865 -22.45 39.65 -27.45
C GLN C 865 -21.06 39.48 -26.87
N LEU C 866 -20.42 40.61 -26.55
CA LEU C 866 -19.14 40.65 -25.84
C LEU C 866 -19.28 41.61 -24.68
N SER C 867 -18.47 41.40 -23.65
CA SER C 867 -18.56 42.19 -22.43
C SER C 867 -17.18 42.41 -21.82
N ASP C 868 -17.06 43.51 -21.07
CA ASP C 868 -15.87 43.75 -20.28
C ASP C 868 -15.86 42.83 -19.05
N ALA C 869 -14.71 42.77 -18.38
CA ALA C 869 -14.53 41.86 -17.27
C ALA C 869 -15.47 42.17 -16.10
N CYS C 870 -16.06 43.36 -16.05
CA CYS C 870 -16.91 43.72 -14.92
C CYS C 870 -18.15 42.85 -14.82
N ASP C 871 -18.53 42.14 -15.88
CA ASP C 871 -19.64 41.18 -15.84
C ASP C 871 -19.09 39.80 -16.17
N MET C 872 -19.04 38.94 -15.15
CA MET C 872 -18.51 37.59 -15.29
C MET C 872 -19.57 36.52 -15.13
N LEU C 873 -20.78 36.86 -14.67
CA LEU C 873 -21.84 35.90 -14.47
C LEU C 873 -22.64 35.62 -15.72
N GLY C 874 -22.79 36.60 -16.61
CA GLY C 874 -23.55 36.37 -17.82
C GLY C 874 -22.89 35.34 -18.72
N ASP C 875 -23.72 34.66 -19.51
CA ASP C 875 -23.25 33.61 -20.41
C ASP C 875 -22.80 34.25 -21.72
N HIS C 876 -21.65 34.93 -21.64
CA HIS C 876 -21.14 35.72 -22.75
C HIS C 876 -19.63 35.72 -22.74
N ILE C 877 -19.06 35.93 -23.93
CA ILE C 877 -17.61 36.03 -24.05
C ILE C 877 -17.14 37.32 -23.41
N VAL C 878 -15.97 37.28 -22.80
CA VAL C 878 -15.40 38.43 -22.12
C VAL C 878 -14.21 38.93 -22.91
N LEU C 879 -14.29 40.17 -23.39
CA LEU C 879 -13.16 40.84 -24.03
C LEU C 879 -12.72 41.98 -23.13
N ASP C 880 -11.43 42.02 -22.82
CA ASP C 880 -10.90 43.05 -21.95
C ASP C 880 -9.38 43.02 -22.04
N SER C 881 -8.75 43.86 -21.24
CA SER C 881 -7.29 43.89 -21.18
C SER C 881 -6.77 42.77 -20.29
N VAL C 882 -5.50 42.42 -20.49
CA VAL C 882 -4.88 41.43 -19.63
C VAL C 882 -4.85 41.92 -18.19
N ARG C 883 -4.47 43.19 -17.98
CA ARG C 883 -4.34 43.72 -16.64
C ARG C 883 -5.70 43.77 -15.94
N ARG C 884 -6.75 44.19 -16.64
CA ARG C 884 -8.05 44.30 -16.00
C ARG C 884 -8.63 42.94 -15.67
N PHE C 885 -8.16 41.89 -16.33
CA PHE C 885 -8.62 40.53 -16.06
C PHE C 885 -7.80 39.85 -14.97
N SER C 886 -6.88 40.57 -14.32
CA SER C 886 -6.08 39.99 -13.26
C SER C 886 -6.98 39.48 -12.14
N GLY C 887 -6.65 38.28 -11.63
CA GLY C 887 -7.45 37.63 -10.62
C GLY C 887 -8.53 36.72 -11.15
N LEU C 888 -9.07 37.00 -12.32
CA LEU C 888 -10.11 36.18 -12.92
C LEU C 888 -9.47 35.12 -13.81
N GLU C 889 -10.25 34.09 -14.13
CA GLU C 889 -9.75 33.02 -14.98
C GLU C 889 -10.90 32.46 -15.79
N ARG C 890 -10.57 31.95 -16.98
CA ARG C 890 -11.55 31.34 -17.88
C ARG C 890 -10.94 30.11 -18.50
N SER C 891 -11.79 29.18 -18.92
CA SER C 891 -11.29 27.92 -19.47
C SER C 891 -10.55 28.13 -20.78
N ILE C 892 -11.09 28.97 -21.65
CA ILE C 892 -10.50 29.25 -22.96
C ILE C 892 -10.15 30.72 -23.02
N VAL C 893 -8.90 31.03 -23.33
CA VAL C 893 -8.42 32.40 -23.38
C VAL C 893 -7.72 32.63 -24.72
N PHE C 894 -8.04 33.74 -25.36
CA PHE C 894 -7.37 34.18 -26.58
C PHE C 894 -6.56 35.42 -26.24
N GLY C 895 -5.24 35.27 -26.22
CA GLY C 895 -4.36 36.39 -25.93
C GLY C 895 -3.90 37.08 -27.19
N ILE C 896 -4.30 38.34 -27.38
CA ILE C 896 -4.15 39.04 -28.65
C ILE C 896 -3.09 40.12 -28.50
N HIS C 897 -2.03 40.00 -29.29
CA HIS C 897 -0.96 40.99 -29.41
C HIS C 897 -0.57 41.57 -28.05
N PRO C 898 0.01 40.77 -27.16
CA PRO C 898 0.53 41.33 -25.91
C PRO C 898 1.49 42.46 -26.18
N ARG C 899 1.39 43.56 -25.42
CA ARG C 899 2.12 44.77 -25.76
C ARG C 899 2.09 45.73 -24.58
N THR C 900 3.16 46.51 -24.45
CA THR C 900 3.21 47.63 -23.53
C THR C 900 4.26 48.60 -24.02
N ALA C 901 4.18 49.84 -23.55
CA ALA C 901 5.03 50.90 -24.07
C ALA C 901 6.46 50.83 -23.54
N ASP C 902 6.69 50.15 -22.43
CA ASP C 902 8.00 50.11 -21.79
C ASP C 902 8.49 48.67 -21.69
N PRO C 903 9.70 48.35 -22.18
CA PRO C 903 10.20 46.98 -21.98
C PRO C 903 10.36 46.58 -20.52
N ALA C 904 10.44 47.55 -19.61
CA ALA C 904 10.56 47.23 -18.19
C ALA C 904 9.28 46.59 -17.64
N ILE C 905 8.15 46.77 -18.32
CA ILE C 905 6.88 46.21 -17.89
C ILE C 905 6.46 45.03 -18.75
N LEU C 906 6.98 44.97 -19.98
CA LEU C 906 6.54 43.99 -20.95
C LEU C 906 6.63 42.55 -20.47
N PRO C 907 7.71 42.10 -19.83
CA PRO C 907 7.86 40.66 -19.55
C PRO C 907 6.70 40.06 -18.78
N ASN C 908 6.14 40.78 -17.81
CA ASN C 908 5.11 40.21 -16.95
C ASN C 908 3.79 40.00 -17.67
N VAL C 909 3.61 40.60 -18.85
CA VAL C 909 2.32 40.53 -19.52
C VAL C 909 2.02 39.11 -19.99
N LEU C 910 3.02 38.38 -20.48
CA LEU C 910 2.76 37.04 -20.99
C LEU C 910 2.39 36.10 -19.86
N ILE C 911 3.03 36.24 -18.69
CA ILE C 911 2.62 35.47 -17.53
C ILE C 911 1.21 35.86 -17.09
N CYS C 912 0.95 37.17 -16.99
CA CYS C 912 -0.36 37.63 -16.55
C CYS C 912 -1.45 37.22 -17.51
N LEU C 913 -1.09 36.86 -18.74
CA LEU C 913 -2.07 36.37 -19.72
C LEU C 913 -2.24 34.86 -19.60
N ALA C 914 -1.12 34.12 -19.61
CA ALA C 914 -1.20 32.66 -19.58
C ALA C 914 -1.86 32.18 -18.30
N SER C 915 -1.61 32.86 -17.17
CA SER C 915 -2.18 32.44 -15.91
C SER C 915 -3.69 32.60 -15.84
N ARG C 916 -4.29 33.31 -16.81
CA ARG C 916 -5.74 33.46 -16.83
C ARG C 916 -6.46 32.29 -17.48
N ALA C 917 -5.75 31.45 -18.22
CA ALA C 917 -6.37 30.38 -18.99
C ALA C 917 -6.26 29.07 -18.21
N LYS C 918 -7.40 28.42 -17.98
CA LYS C 918 -7.38 27.18 -17.21
C LYS C 918 -6.94 26.00 -18.07
N GLN C 919 -7.52 25.85 -19.26
CA GLN C 919 -7.22 24.70 -20.09
C GLN C 919 -6.67 25.07 -21.46
N HIS C 920 -7.35 25.99 -22.16
CA HIS C 920 -7.02 26.30 -23.55
C HIS C 920 -6.52 27.73 -23.63
N LEU C 921 -5.34 27.91 -24.22
CA LEU C 921 -4.74 29.23 -24.38
C LEU C 921 -4.30 29.39 -25.82
N TYR C 922 -4.71 30.49 -26.43
CA TYR C 922 -4.29 30.86 -27.79
C TYR C 922 -3.64 32.24 -27.72
N ILE C 923 -2.37 32.30 -28.09
CA ILE C 923 -1.58 33.52 -28.02
C ILE C 923 -1.31 33.99 -29.44
N PHE C 924 -1.49 35.29 -29.69
CA PHE C 924 -1.28 35.89 -31.01
C PHE C 924 -0.33 37.07 -30.86
N PRO C 925 0.97 36.79 -30.73
CA PRO C 925 1.95 37.87 -30.54
C PRO C 925 2.24 38.61 -31.83
N TRP C 926 3.08 39.64 -31.71
CA TRP C 926 3.47 40.42 -32.88
C TRP C 926 4.45 39.63 -33.74
N GLY C 927 4.47 39.98 -35.02
CA GLY C 927 5.35 39.32 -35.97
C GLY C 927 5.28 39.93 -37.35
ZN ZN E . -24.17 -15.19 7.45
MN MN F . -23.79 -35.58 -11.59
ZN ZN G . 20.68 -12.14 -16.54
MN MN H . 15.37 -39.66 -13.39
MN MN I . 13.53 -37.53 -11.66
MG MG J . -3.58 -47.31 -9.59
MG MG K . -5.04 -57.12 -20.00
MG MG L . 1.75 -60.45 -15.66
MG MG M . -11.13 -49.97 -6.55
#